data_3EJK
# 
_entry.id   3EJK 
# 
_audit_conform.dict_name       mmcif_pdbx.dic 
_audit_conform.dict_version    5.398 
_audit_conform.dict_location   http://mmcif.pdb.org/dictionaries/ascii/mmcif_pdbx.dic 
# 
loop_
_database_2.database_id 
_database_2.database_code 
_database_2.pdbx_database_accession 
_database_2.pdbx_DOI 
PDB   3EJK         pdb_00003ejk 10.2210/pdb3ejk/pdb 
RCSB  RCSB049402   ?            ?                   
WWPDB D_1000049402 ?            ?                   
# 
loop_
_pdbx_audit_revision_history.ordinal 
_pdbx_audit_revision_history.data_content_type 
_pdbx_audit_revision_history.major_revision 
_pdbx_audit_revision_history.minor_revision 
_pdbx_audit_revision_history.revision_date 
1 'Structure model' 1 0 2008-09-30 
2 'Structure model' 1 1 2011-07-13 
3 'Structure model' 1 2 2017-10-25 
4 'Structure model' 1 3 2019-07-24 
5 'Structure model' 1 4 2023-02-01 
6 'Structure model' 1 5 2024-10-30 
# 
_pdbx_audit_revision_details.ordinal             1 
_pdbx_audit_revision_details.revision_ordinal    1 
_pdbx_audit_revision_details.data_content_type   'Structure model' 
_pdbx_audit_revision_details.provider            repository 
_pdbx_audit_revision_details.type                'Initial release' 
_pdbx_audit_revision_details.description         ? 
_pdbx_audit_revision_details.details             ? 
# 
loop_
_pdbx_audit_revision_group.ordinal 
_pdbx_audit_revision_group.revision_ordinal 
_pdbx_audit_revision_group.data_content_type 
_pdbx_audit_revision_group.group 
1  2 'Structure model' Advisory                    
2  2 'Structure model' 'Version format compliance' 
3  3 'Structure model' 'Refinement description'    
4  4 'Structure model' 'Data collection'           
5  4 'Structure model' 'Derived calculations'      
6  4 'Structure model' 'Refinement description'    
7  5 'Structure model' 'Database references'       
8  5 'Structure model' 'Derived calculations'      
9  6 'Structure model' 'Data collection'           
10 6 'Structure model' 'Structure summary'         
# 
loop_
_pdbx_audit_revision_category.ordinal 
_pdbx_audit_revision_category.revision_ordinal 
_pdbx_audit_revision_category.data_content_type 
_pdbx_audit_revision_category.category 
1  3 'Structure model' software                  
2  4 'Structure model' software                  
3  4 'Structure model' struct_conn               
4  5 'Structure model' database_2                
5  5 'Structure model' struct_ref_seq_dif        
6  5 'Structure model' struct_site               
7  6 'Structure model' chem_comp_atom            
8  6 'Structure model' chem_comp_bond            
9  6 'Structure model' pdbx_entry_details        
10 6 'Structure model' pdbx_modification_feature 
# 
loop_
_pdbx_audit_revision_item.ordinal 
_pdbx_audit_revision_item.revision_ordinal 
_pdbx_audit_revision_item.data_content_type 
_pdbx_audit_revision_item.item 
1  3 'Structure model' '_software.classification'                     
2  3 'Structure model' '_software.name'                               
3  4 'Structure model' '_software.classification'                     
4  4 'Structure model' '_software.contact_author'                     
5  4 'Structure model' '_software.contact_author_email'               
6  4 'Structure model' '_software.language'                           
7  4 'Structure model' '_software.location'                           
8  4 'Structure model' '_software.name'                               
9  4 'Structure model' '_software.type'                               
10 4 'Structure model' '_software.version'                            
11 4 'Structure model' '_struct_conn.pdbx_leaving_atom_flag'          
12 5 'Structure model' '_database_2.pdbx_DOI'                         
13 5 'Structure model' '_database_2.pdbx_database_accession'          
14 5 'Structure model' '_struct_ref_seq_dif.details'                  
15 5 'Structure model' '_struct_site.pdbx_auth_asym_id'               
16 5 'Structure model' '_struct_site.pdbx_auth_comp_id'               
17 5 'Structure model' '_struct_site.pdbx_auth_seq_id'                
18 6 'Structure model' '_pdbx_entry_details.has_protein_modification' 
# 
_pdbx_database_status.SG_entry                        Y 
_pdbx_database_status.entry_id                        3EJK 
_pdbx_database_status.deposit_site                    RCSB 
_pdbx_database_status.process_site                    RCSB 
_pdbx_database_status.recvd_initial_deposition_date   2008-09-18 
_pdbx_database_status.status_code                     REL 
_pdbx_database_status.status_code_sf                  REL 
_pdbx_database_status.status_code_mr                  ? 
_pdbx_database_status.pdb_format_compatible           Y 
_pdbx_database_status.status_code_cs                  ? 
_pdbx_database_status.methods_development_category    ? 
_pdbx_database_status.status_code_nmr_data            ? 
# 
_pdbx_database_related.db_name        TargetDB 
_pdbx_database_related.db_id          390748 
_pdbx_database_related.details        . 
_pdbx_database_related.content_type   unspecified 
# 
_audit_author.name           'Joint Center for Structural Genomics (JCSG)' 
_audit_author.pdbx_ordinal   1 
# 
_citation.id                        primary 
_citation.title                     
'Crystal structure of dTDP Sugar Isomerase (YP_390184.1) from DESULFOVIBRIO DESULFURICANS G20 at 1.95 A resolution' 
_citation.journal_abbrev            'To be published' 
_citation.journal_volume            ? 
_citation.page_first                ? 
_citation.page_last                 ? 
_citation.year                      ? 
_citation.journal_id_ASTM           ? 
_citation.country                   ? 
_citation.journal_id_ISSN           ? 
_citation.journal_id_CSD            0353 
_citation.book_publisher            ? 
_citation.pdbx_database_id_PubMed   ? 
_citation.pdbx_database_id_DOI      ? 
# 
_citation_author.citation_id        primary 
_citation_author.name               'Joint Center for Structural Genomics (JCSG)' 
_citation_author.ordinal            1 
_citation_author.identifier_ORCID   ? 
# 
loop_
_entity.id 
_entity.type 
_entity.src_method 
_entity.pdbx_description 
_entity.formula_weight 
_entity.pdbx_number_of_molecules 
_entity.pdbx_ec 
_entity.pdbx_mutation 
_entity.pdbx_fragment 
_entity.details 
1 polymer     man 'dTDP Sugar Isomerase' 19319.338 1   ? ? ? ? 
2 non-polymer syn 'UNKNOWN LIGAND'       ?         1   ? ? ? ? 
3 non-polymer syn 'CITRIC ACID'          192.124   2   ? ? ? ? 
4 non-polymer syn 'TETRAETHYLENE GLYCOL' 194.226   1   ? ? ? ? 
5 non-polymer syn GLYCEROL               92.094    2   ? ? ? ? 
6 water       nat water                  18.015    128 ? ? ? ? 
# 
_entity_name_com.entity_id   1 
_entity_name_com.name        'Polysaccharide biosynthesis domain protein' 
# 
_entity_poly.entity_id                      1 
_entity_poly.type                           'polypeptide(L)' 
_entity_poly.nstd_linkage                   no 
_entity_poly.nstd_monomer                   yes 
_entity_poly.pdbx_seq_one_letter_code       
;G(MSE)DI(MSE)LNTADISAAAILLPVEGAQLSELRQIPAEGGPVLH(MSE)LRLDSPQFSQFGEIYFSEVLPRRVKAW
KRHSL(MSE)TQLFAVPVGCIHVVLYDGREKSPTSGRLAQVTLGRPDNYRLLRIPPQVWYGFAATGDTPALVANCTDIPH
RQGESERAPQDAPFIPFSWAGADLSGTPV(MSE)
;
_entity_poly.pdbx_seq_one_letter_code_can   
;GMDIMLNTADISAAAILLPVEGAQLSELRQIPAEGGPVLHMLRLDSPQFSQFGEIYFSEVLPRRVKAWKRHSLMTQLFAV
PVGCIHVVLYDGREKSPTSGRLAQVTLGRPDNYRLLRIPPQVWYGFAATGDTPALVANCTDIPHRQGESERAPQDAPFIP
FSWAGADLSGTPVM
;
_entity_poly.pdbx_strand_id                 A 
_entity_poly.pdbx_target_identifier         390748 
# 
loop_
_pdbx_entity_nonpoly.entity_id 
_pdbx_entity_nonpoly.name 
_pdbx_entity_nonpoly.comp_id 
2 'UNKNOWN LIGAND'       UNL 
3 'CITRIC ACID'          CIT 
4 'TETRAETHYLENE GLYCOL' PG4 
5 GLYCEROL               GOL 
6 water                  HOH 
# 
loop_
_entity_poly_seq.entity_id 
_entity_poly_seq.num 
_entity_poly_seq.mon_id 
_entity_poly_seq.hetero 
1 1   GLY n 
1 2   MSE n 
1 3   ASP n 
1 4   ILE n 
1 5   MSE n 
1 6   LEU n 
1 7   ASN n 
1 8   THR n 
1 9   ALA n 
1 10  ASP n 
1 11  ILE n 
1 12  SER n 
1 13  ALA n 
1 14  ALA n 
1 15  ALA n 
1 16  ILE n 
1 17  LEU n 
1 18  LEU n 
1 19  PRO n 
1 20  VAL n 
1 21  GLU n 
1 22  GLY n 
1 23  ALA n 
1 24  GLN n 
1 25  LEU n 
1 26  SER n 
1 27  GLU n 
1 28  LEU n 
1 29  ARG n 
1 30  GLN n 
1 31  ILE n 
1 32  PRO n 
1 33  ALA n 
1 34  GLU n 
1 35  GLY n 
1 36  GLY n 
1 37  PRO n 
1 38  VAL n 
1 39  LEU n 
1 40  HIS n 
1 41  MSE n 
1 42  LEU n 
1 43  ARG n 
1 44  LEU n 
1 45  ASP n 
1 46  SER n 
1 47  PRO n 
1 48  GLN n 
1 49  PHE n 
1 50  SER n 
1 51  GLN n 
1 52  PHE n 
1 53  GLY n 
1 54  GLU n 
1 55  ILE n 
1 56  TYR n 
1 57  PHE n 
1 58  SER n 
1 59  GLU n 
1 60  VAL n 
1 61  LEU n 
1 62  PRO n 
1 63  ARG n 
1 64  ARG n 
1 65  VAL n 
1 66  LYS n 
1 67  ALA n 
1 68  TRP n 
1 69  LYS n 
1 70  ARG n 
1 71  HIS n 
1 72  SER n 
1 73  LEU n 
1 74  MSE n 
1 75  THR n 
1 76  GLN n 
1 77  LEU n 
1 78  PHE n 
1 79  ALA n 
1 80  VAL n 
1 81  PRO n 
1 82  VAL n 
1 83  GLY n 
1 84  CYS n 
1 85  ILE n 
1 86  HIS n 
1 87  VAL n 
1 88  VAL n 
1 89  LEU n 
1 90  TYR n 
1 91  ASP n 
1 92  GLY n 
1 93  ARG n 
1 94  GLU n 
1 95  LYS n 
1 96  SER n 
1 97  PRO n 
1 98  THR n 
1 99  SER n 
1 100 GLY n 
1 101 ARG n 
1 102 LEU n 
1 103 ALA n 
1 104 GLN n 
1 105 VAL n 
1 106 THR n 
1 107 LEU n 
1 108 GLY n 
1 109 ARG n 
1 110 PRO n 
1 111 ASP n 
1 112 ASN n 
1 113 TYR n 
1 114 ARG n 
1 115 LEU n 
1 116 LEU n 
1 117 ARG n 
1 118 ILE n 
1 119 PRO n 
1 120 PRO n 
1 121 GLN n 
1 122 VAL n 
1 123 TRP n 
1 124 TYR n 
1 125 GLY n 
1 126 PHE n 
1 127 ALA n 
1 128 ALA n 
1 129 THR n 
1 130 GLY n 
1 131 ASP n 
1 132 THR n 
1 133 PRO n 
1 134 ALA n 
1 135 LEU n 
1 136 VAL n 
1 137 ALA n 
1 138 ASN n 
1 139 CYS n 
1 140 THR n 
1 141 ASP n 
1 142 ILE n 
1 143 PRO n 
1 144 HIS n 
1 145 ARG n 
1 146 GLN n 
1 147 GLY n 
1 148 GLU n 
1 149 SER n 
1 150 GLU n 
1 151 ARG n 
1 152 ALA n 
1 153 PRO n 
1 154 GLN n 
1 155 ASP n 
1 156 ALA n 
1 157 PRO n 
1 158 PHE n 
1 159 ILE n 
1 160 PRO n 
1 161 PHE n 
1 162 SER n 
1 163 TRP n 
1 164 ALA n 
1 165 GLY n 
1 166 ALA n 
1 167 ASP n 
1 168 LEU n 
1 169 SER n 
1 170 GLY n 
1 171 THR n 
1 172 PRO n 
1 173 VAL n 
1 174 MSE n 
# 
_entity_src_gen.entity_id                          1 
_entity_src_gen.pdbx_src_id                        1 
_entity_src_gen.pdbx_alt_source_flag               sample 
_entity_src_gen.pdbx_seq_type                      ? 
_entity_src_gen.pdbx_beg_seq_num                   ? 
_entity_src_gen.pdbx_end_seq_num                   ? 
_entity_src_gen.gene_src_common_name               ? 
_entity_src_gen.gene_src_genus                     ? 
_entity_src_gen.pdbx_gene_src_gene                 'YP_390184.1, Dde_3696' 
_entity_src_gen.gene_src_species                   ? 
_entity_src_gen.gene_src_strain                    ? 
_entity_src_gen.gene_src_tissue                    ? 
_entity_src_gen.gene_src_tissue_fraction           ? 
_entity_src_gen.gene_src_details                   ? 
_entity_src_gen.pdbx_gene_src_fragment             ? 
_entity_src_gen.pdbx_gene_src_scientific_name      'Desulfovibrio desulfuricans subsp. desulfuricans str. G20' 
_entity_src_gen.pdbx_gene_src_ncbi_taxonomy_id     207559 
_entity_src_gen.pdbx_gene_src_variant              ? 
_entity_src_gen.pdbx_gene_src_cell_line            ? 
_entity_src_gen.pdbx_gene_src_atcc                 ? 
_entity_src_gen.pdbx_gene_src_organ                ? 
_entity_src_gen.pdbx_gene_src_organelle            ? 
_entity_src_gen.pdbx_gene_src_cell                 ? 
_entity_src_gen.pdbx_gene_src_cellular_location    ? 
_entity_src_gen.host_org_common_name               ? 
_entity_src_gen.pdbx_host_org_scientific_name      'Escherichia Coli' 
_entity_src_gen.pdbx_host_org_ncbi_taxonomy_id     562 
_entity_src_gen.host_org_genus                     ? 
_entity_src_gen.pdbx_host_org_gene                 ? 
_entity_src_gen.pdbx_host_org_organ                ? 
_entity_src_gen.host_org_species                   ? 
_entity_src_gen.pdbx_host_org_tissue               ? 
_entity_src_gen.pdbx_host_org_tissue_fraction      ? 
_entity_src_gen.pdbx_host_org_strain               HK100 
_entity_src_gen.pdbx_host_org_variant              ? 
_entity_src_gen.pdbx_host_org_cell_line            ? 
_entity_src_gen.pdbx_host_org_atcc                 ? 
_entity_src_gen.pdbx_host_org_culture_collection   ? 
_entity_src_gen.pdbx_host_org_cell                 ? 
_entity_src_gen.pdbx_host_org_organelle            ? 
_entity_src_gen.pdbx_host_org_cellular_location    ? 
_entity_src_gen.pdbx_host_org_vector_type          Plasmid 
_entity_src_gen.pdbx_host_org_vector               ? 
_entity_src_gen.host_org_details                   ? 
_entity_src_gen.expression_system_id               ? 
_entity_src_gen.plasmid_name                       SpeedET 
_entity_src_gen.plasmid_details                    ? 
_entity_src_gen.pdbx_description                   ? 
# 
loop_
_chem_comp.id 
_chem_comp.type 
_chem_comp.mon_nstd_flag 
_chem_comp.name 
_chem_comp.pdbx_synonyms 
_chem_comp.formula 
_chem_comp.formula_weight 
ALA 'L-peptide linking' y ALANINE                ?                               'C3 H7 N O2'     89.093  
ARG 'L-peptide linking' y ARGININE               ?                               'C6 H15 N4 O2 1' 175.209 
ASN 'L-peptide linking' y ASPARAGINE             ?                               'C4 H8 N2 O3'    132.118 
ASP 'L-peptide linking' y 'ASPARTIC ACID'        ?                               'C4 H7 N O4'     133.103 
CIT non-polymer         . 'CITRIC ACID'          ?                               'C6 H8 O7'       192.124 
CYS 'L-peptide linking' y CYSTEINE               ?                               'C3 H7 N O2 S'   121.158 
GLN 'L-peptide linking' y GLUTAMINE              ?                               'C5 H10 N2 O3'   146.144 
GLU 'L-peptide linking' y 'GLUTAMIC ACID'        ?                               'C5 H9 N O4'     147.129 
GLY 'peptide linking'   y GLYCINE                ?                               'C2 H5 N O2'     75.067  
GOL non-polymer         . GLYCEROL               'GLYCERIN; PROPANE-1,2,3-TRIOL' 'C3 H8 O3'       92.094  
HIS 'L-peptide linking' y HISTIDINE              ?                               'C6 H10 N3 O2 1' 156.162 
HOH non-polymer         . WATER                  ?                               'H2 O'           18.015  
ILE 'L-peptide linking' y ISOLEUCINE             ?                               'C6 H13 N O2'    131.173 
LEU 'L-peptide linking' y LEUCINE                ?                               'C6 H13 N O2'    131.173 
LYS 'L-peptide linking' y LYSINE                 ?                               'C6 H15 N2 O2 1' 147.195 
MSE 'L-peptide linking' n SELENOMETHIONINE       ?                               'C5 H11 N O2 Se' 196.106 
PG4 non-polymer         . 'TETRAETHYLENE GLYCOL' ?                               'C8 H18 O5'      194.226 
PHE 'L-peptide linking' y PHENYLALANINE          ?                               'C9 H11 N O2'    165.189 
PRO 'L-peptide linking' y PROLINE                ?                               'C5 H9 N O2'     115.130 
SER 'L-peptide linking' y SERINE                 ?                               'C3 H7 N O3'     105.093 
THR 'L-peptide linking' y THREONINE              ?                               'C4 H9 N O3'     119.119 
TRP 'L-peptide linking' y TRYPTOPHAN             ?                               'C11 H12 N2 O2'  204.225 
TYR 'L-peptide linking' y TYROSINE               ?                               'C9 H11 N O3'    181.189 
UNL non-polymer         . 'UNKNOWN LIGAND'       ?                               ?                ?       
VAL 'L-peptide linking' y VALINE                 ?                               'C5 H11 N O2'    117.146 
# 
loop_
_pdbx_poly_seq_scheme.asym_id 
_pdbx_poly_seq_scheme.entity_id 
_pdbx_poly_seq_scheme.seq_id 
_pdbx_poly_seq_scheme.mon_id 
_pdbx_poly_seq_scheme.ndb_seq_num 
_pdbx_poly_seq_scheme.pdb_seq_num 
_pdbx_poly_seq_scheme.auth_seq_num 
_pdbx_poly_seq_scheme.pdb_mon_id 
_pdbx_poly_seq_scheme.auth_mon_id 
_pdbx_poly_seq_scheme.pdb_strand_id 
_pdbx_poly_seq_scheme.pdb_ins_code 
_pdbx_poly_seq_scheme.hetero 
A 1 1   GLY 1   0   ?   ?   ?   A . n 
A 1 2   MSE 2   1   ?   ?   ?   A . n 
A 1 3   ASP 3   2   ?   ?   ?   A . n 
A 1 4   ILE 4   3   ?   ?   ?   A . n 
A 1 5   MSE 5   4   ?   ?   ?   A . n 
A 1 6   LEU 6   5   ?   ?   ?   A . n 
A 1 7   ASN 7   6   ?   ?   ?   A . n 
A 1 8   THR 8   7   ?   ?   ?   A . n 
A 1 9   ALA 9   8   ?   ?   ?   A . n 
A 1 10  ASP 10  9   ?   ?   ?   A . n 
A 1 11  ILE 11  10  ?   ?   ?   A . n 
A 1 12  SER 12  11  ?   ?   ?   A . n 
A 1 13  ALA 13  12  ?   ?   ?   A . n 
A 1 14  ALA 14  13  ?   ?   ?   A . n 
A 1 15  ALA 15  14  14  ALA ALA A . n 
A 1 16  ILE 16  15  15  ILE ILE A . n 
A 1 17  LEU 17  16  16  LEU LEU A . n 
A 1 18  LEU 18  17  17  LEU LEU A . n 
A 1 19  PRO 19  18  18  PRO PRO A . n 
A 1 20  VAL 20  19  19  VAL VAL A . n 
A 1 21  GLU 21  20  20  GLU GLU A . n 
A 1 22  GLY 22  21  21  GLY GLY A . n 
A 1 23  ALA 23  22  22  ALA ALA A . n 
A 1 24  GLN 24  23  23  GLN GLN A . n 
A 1 25  LEU 25  24  24  LEU LEU A . n 
A 1 26  SER 26  25  25  SER SER A . n 
A 1 27  GLU 27  26  26  GLU GLU A . n 
A 1 28  LEU 28  27  27  LEU LEU A . n 
A 1 29  ARG 29  28  28  ARG ARG A . n 
A 1 30  GLN 30  29  29  GLN GLN A . n 
A 1 31  ILE 31  30  30  ILE ILE A . n 
A 1 32  PRO 32  31  31  PRO PRO A . n 
A 1 33  ALA 33  32  32  ALA ALA A . n 
A 1 34  GLU 34  33  33  GLU GLU A . n 
A 1 35  GLY 35  34  34  GLY GLY A . n 
A 1 36  GLY 36  35  35  GLY GLY A . n 
A 1 37  PRO 37  36  36  PRO PRO A . n 
A 1 38  VAL 38  37  37  VAL VAL A . n 
A 1 39  LEU 39  38  38  LEU LEU A . n 
A 1 40  HIS 40  39  39  HIS HIS A . n 
A 1 41  MSE 41  40  40  MSE MSE A . n 
A 1 42  LEU 42  41  41  LEU LEU A . n 
A 1 43  ARG 43  42  42  ARG ARG A . n 
A 1 44  LEU 44  43  43  LEU LEU A . n 
A 1 45  ASP 45  44  44  ASP ASP A . n 
A 1 46  SER 46  45  45  SER SER A . n 
A 1 47  PRO 47  46  46  PRO PRO A . n 
A 1 48  GLN 48  47  47  GLN GLN A . n 
A 1 49  PHE 49  48  48  PHE PHE A . n 
A 1 50  SER 50  49  49  SER SER A . n 
A 1 51  GLN 51  50  50  GLN GLN A . n 
A 1 52  PHE 52  51  51  PHE PHE A . n 
A 1 53  GLY 53  52  52  GLY GLY A . n 
A 1 54  GLU 54  53  53  GLU GLU A . n 
A 1 55  ILE 55  54  54  ILE ILE A . n 
A 1 56  TYR 56  55  55  TYR TYR A . n 
A 1 57  PHE 57  56  56  PHE PHE A . n 
A 1 58  SER 58  57  57  SER SER A . n 
A 1 59  GLU 59  58  58  GLU GLU A . n 
A 1 60  VAL 60  59  59  VAL VAL A . n 
A 1 61  LEU 61  60  60  LEU LEU A . n 
A 1 62  PRO 62  61  61  PRO PRO A . n 
A 1 63  ARG 63  62  62  ARG ARG A . n 
A 1 64  ARG 64  63  63  ARG ARG A . n 
A 1 65  VAL 65  64  64  VAL VAL A . n 
A 1 66  LYS 66  65  65  LYS LYS A . n 
A 1 67  ALA 67  66  66  ALA ALA A . n 
A 1 68  TRP 68  67  67  TRP TRP A . n 
A 1 69  LYS 69  68  68  LYS LYS A . n 
A 1 70  ARG 70  69  69  ARG ARG A . n 
A 1 71  HIS 71  70  70  HIS HIS A . n 
A 1 72  SER 72  71  71  SER SER A . n 
A 1 73  LEU 73  72  72  LEU LEU A . n 
A 1 74  MSE 74  73  73  MSE MSE A . n 
A 1 75  THR 75  74  74  THR THR A . n 
A 1 76  GLN 76  75  75  GLN GLN A . n 
A 1 77  LEU 77  76  76  LEU LEU A . n 
A 1 78  PHE 78  77  77  PHE PHE A . n 
A 1 79  ALA 79  78  78  ALA ALA A . n 
A 1 80  VAL 80  79  79  VAL VAL A . n 
A 1 81  PRO 81  80  80  PRO PRO A . n 
A 1 82  VAL 82  81  81  VAL VAL A . n 
A 1 83  GLY 83  82  82  GLY GLY A . n 
A 1 84  CYS 84  83  83  CYS CYS A . n 
A 1 85  ILE 85  84  84  ILE ILE A . n 
A 1 86  HIS 86  85  85  HIS HIS A . n 
A 1 87  VAL 87  86  86  VAL VAL A . n 
A 1 88  VAL 88  87  87  VAL VAL A . n 
A 1 89  LEU 89  88  88  LEU LEU A . n 
A 1 90  TYR 90  89  89  TYR TYR A . n 
A 1 91  ASP 91  90  90  ASP ASP A . n 
A 1 92  GLY 92  91  91  GLY GLY A . n 
A 1 93  ARG 93  92  92  ARG ARG A . n 
A 1 94  GLU 94  93  93  GLU GLU A . n 
A 1 95  LYS 95  94  94  LYS LYS A . n 
A 1 96  SER 96  95  95  SER SER A . n 
A 1 97  PRO 97  96  96  PRO PRO A . n 
A 1 98  THR 98  97  97  THR THR A . n 
A 1 99  SER 99  98  98  SER SER A . n 
A 1 100 GLY 100 99  99  GLY GLY A . n 
A 1 101 ARG 101 100 100 ARG ARG A . n 
A 1 102 LEU 102 101 101 LEU LEU A . n 
A 1 103 ALA 103 102 102 ALA ALA A . n 
A 1 104 GLN 104 103 103 GLN GLN A . n 
A 1 105 VAL 105 104 104 VAL VAL A . n 
A 1 106 THR 106 105 105 THR THR A . n 
A 1 107 LEU 107 106 106 LEU LEU A . n 
A 1 108 GLY 108 107 107 GLY GLY A . n 
A 1 109 ARG 109 108 108 ARG ARG A . n 
A 1 110 PRO 110 109 109 PRO PRO A . n 
A 1 111 ASP 111 110 110 ASP ASP A . n 
A 1 112 ASN 112 111 111 ASN ASN A . n 
A 1 113 TYR 113 112 112 TYR TYR A . n 
A 1 114 ARG 114 113 113 ARG ARG A . n 
A 1 115 LEU 115 114 114 LEU LEU A . n 
A 1 116 LEU 116 115 115 LEU LEU A . n 
A 1 117 ARG 117 116 116 ARG ARG A . n 
A 1 118 ILE 118 117 117 ILE ILE A . n 
A 1 119 PRO 119 118 118 PRO PRO A . n 
A 1 120 PRO 120 119 119 PRO PRO A . n 
A 1 121 GLN 121 120 120 GLN GLN A . n 
A 1 122 VAL 122 121 121 VAL VAL A . n 
A 1 123 TRP 123 122 122 TRP TRP A . n 
A 1 124 TYR 124 123 123 TYR TYR A . n 
A 1 125 GLY 125 124 124 GLY GLY A . n 
A 1 126 PHE 126 125 125 PHE PHE A . n 
A 1 127 ALA 127 126 126 ALA ALA A . n 
A 1 128 ALA 128 127 127 ALA ALA A . n 
A 1 129 THR 129 128 128 THR THR A . n 
A 1 130 GLY 130 129 129 GLY GLY A . n 
A 1 131 ASP 131 130 130 ASP ASP A . n 
A 1 132 THR 132 131 131 THR THR A . n 
A 1 133 PRO 133 132 132 PRO PRO A . n 
A 1 134 ALA 134 133 133 ALA ALA A . n 
A 1 135 LEU 135 134 134 LEU LEU A . n 
A 1 136 VAL 136 135 135 VAL VAL A . n 
A 1 137 ALA 137 136 136 ALA ALA A . n 
A 1 138 ASN 138 137 137 ASN ASN A . n 
A 1 139 CYS 139 138 138 CYS CYS A . n 
A 1 140 THR 140 139 139 THR THR A . n 
A 1 141 ASP 141 140 140 ASP ASP A . n 
A 1 142 ILE 142 141 141 ILE ILE A . n 
A 1 143 PRO 143 142 142 PRO PRO A . n 
A 1 144 HIS 144 143 143 HIS HIS A . n 
A 1 145 ARG 145 144 144 ARG ARG A . n 
A 1 146 GLN 146 145 145 GLN GLN A . n 
A 1 147 GLY 147 146 146 GLY GLY A . n 
A 1 148 GLU 148 147 147 GLU GLU A . n 
A 1 149 SER 149 148 148 SER SER A . n 
A 1 150 GLU 150 149 149 GLU GLU A . n 
A 1 151 ARG 151 150 150 ARG ARG A . n 
A 1 152 ALA 152 151 151 ALA ALA A . n 
A 1 153 PRO 153 152 152 PRO PRO A . n 
A 1 154 GLN 154 153 153 GLN GLN A . n 
A 1 155 ASP 155 154 154 ASP ASP A . n 
A 1 156 ALA 156 155 155 ALA ALA A . n 
A 1 157 PRO 157 156 156 PRO PRO A . n 
A 1 158 PHE 158 157 157 PHE PHE A . n 
A 1 159 ILE 159 158 158 ILE ILE A . n 
A 1 160 PRO 160 159 159 PRO PRO A . n 
A 1 161 PHE 161 160 160 PHE PHE A . n 
A 1 162 SER 162 161 161 SER SER A . n 
A 1 163 TRP 163 162 162 TRP TRP A . n 
A 1 164 ALA 164 163 163 ALA ALA A . n 
A 1 165 GLY 165 164 164 GLY GLY A . n 
A 1 166 ALA 166 165 165 ALA ALA A . n 
A 1 167 ASP 167 166 166 ASP ASP A . n 
A 1 168 LEU 168 167 167 LEU LEU A . n 
A 1 169 SER 169 168 168 SER SER A . n 
A 1 170 GLY 170 169 169 GLY GLY A . n 
A 1 171 THR 171 170 170 THR THR A . n 
A 1 172 PRO 172 171 ?   ?   ?   A . n 
A 1 173 VAL 173 172 ?   ?   ?   A . n 
A 1 174 MSE 174 173 ?   ?   ?   A . n 
# 
loop_
_pdbx_nonpoly_scheme.asym_id 
_pdbx_nonpoly_scheme.entity_id 
_pdbx_nonpoly_scheme.mon_id 
_pdbx_nonpoly_scheme.ndb_seq_num 
_pdbx_nonpoly_scheme.pdb_seq_num 
_pdbx_nonpoly_scheme.auth_seq_num 
_pdbx_nonpoly_scheme.pdb_mon_id 
_pdbx_nonpoly_scheme.auth_mon_id 
_pdbx_nonpoly_scheme.pdb_strand_id 
_pdbx_nonpoly_scheme.pdb_ins_code 
B 2 UNL 1   174 1   UNL UNL A . 
C 3 CIT 1   175 2   CIT CIT A . 
D 3 CIT 1   176 3   CIT CIT A . 
E 4 PG4 1   177 4   PG4 PG4 A . 
F 5 GOL 1   178 5   GOL GOL A . 
G 5 GOL 1   179 6   GOL GOL A . 
H 6 HOH 1   180 7   HOH HOH A . 
H 6 HOH 2   181 8   HOH HOH A . 
H 6 HOH 3   182 9   HOH HOH A . 
H 6 HOH 4   183 10  HOH HOH A . 
H 6 HOH 5   184 11  HOH HOH A . 
H 6 HOH 6   185 12  HOH HOH A . 
H 6 HOH 7   186 13  HOH HOH A . 
H 6 HOH 8   187 14  HOH HOH A . 
H 6 HOH 9   188 15  HOH HOH A . 
H 6 HOH 10  189 16  HOH HOH A . 
H 6 HOH 11  190 17  HOH HOH A . 
H 6 HOH 12  191 18  HOH HOH A . 
H 6 HOH 13  192 19  HOH HOH A . 
H 6 HOH 14  193 20  HOH HOH A . 
H 6 HOH 15  194 21  HOH HOH A . 
H 6 HOH 16  195 22  HOH HOH A . 
H 6 HOH 17  196 23  HOH HOH A . 
H 6 HOH 18  197 24  HOH HOH A . 
H 6 HOH 19  198 25  HOH HOH A . 
H 6 HOH 20  199 26  HOH HOH A . 
H 6 HOH 21  200 27  HOH HOH A . 
H 6 HOH 22  201 28  HOH HOH A . 
H 6 HOH 23  202 29  HOH HOH A . 
H 6 HOH 24  203 30  HOH HOH A . 
H 6 HOH 25  204 31  HOH HOH A . 
H 6 HOH 26  205 32  HOH HOH A . 
H 6 HOH 27  206 33  HOH HOH A . 
H 6 HOH 28  207 34  HOH HOH A . 
H 6 HOH 29  208 35  HOH HOH A . 
H 6 HOH 30  209 36  HOH HOH A . 
H 6 HOH 31  210 37  HOH HOH A . 
H 6 HOH 32  211 38  HOH HOH A . 
H 6 HOH 33  212 39  HOH HOH A . 
H 6 HOH 34  213 40  HOH HOH A . 
H 6 HOH 35  214 41  HOH HOH A . 
H 6 HOH 36  215 42  HOH HOH A . 
H 6 HOH 37  216 43  HOH HOH A . 
H 6 HOH 38  217 44  HOH HOH A . 
H 6 HOH 39  218 45  HOH HOH A . 
H 6 HOH 40  219 46  HOH HOH A . 
H 6 HOH 41  220 47  HOH HOH A . 
H 6 HOH 42  221 48  HOH HOH A . 
H 6 HOH 43  222 49  HOH HOH A . 
H 6 HOH 44  223 50  HOH HOH A . 
H 6 HOH 45  224 51  HOH HOH A . 
H 6 HOH 46  225 52  HOH HOH A . 
H 6 HOH 47  226 53  HOH HOH A . 
H 6 HOH 48  227 54  HOH HOH A . 
H 6 HOH 49  228 55  HOH HOH A . 
H 6 HOH 50  229 56  HOH HOH A . 
H 6 HOH 51  230 57  HOH HOH A . 
H 6 HOH 52  231 58  HOH HOH A . 
H 6 HOH 53  232 59  HOH HOH A . 
H 6 HOH 54  233 60  HOH HOH A . 
H 6 HOH 55  234 61  HOH HOH A . 
H 6 HOH 56  235 62  HOH HOH A . 
H 6 HOH 57  236 63  HOH HOH A . 
H 6 HOH 58  237 64  HOH HOH A . 
H 6 HOH 59  238 65  HOH HOH A . 
H 6 HOH 60  239 66  HOH HOH A . 
H 6 HOH 61  240 67  HOH HOH A . 
H 6 HOH 62  241 68  HOH HOH A . 
H 6 HOH 63  242 69  HOH HOH A . 
H 6 HOH 64  243 70  HOH HOH A . 
H 6 HOH 65  244 71  HOH HOH A . 
H 6 HOH 66  245 72  HOH HOH A . 
H 6 HOH 67  246 73  HOH HOH A . 
H 6 HOH 68  247 74  HOH HOH A . 
H 6 HOH 69  248 75  HOH HOH A . 
H 6 HOH 70  249 76  HOH HOH A . 
H 6 HOH 71  250 77  HOH HOH A . 
H 6 HOH 72  251 78  HOH HOH A . 
H 6 HOH 73  252 79  HOH HOH A . 
H 6 HOH 74  253 80  HOH HOH A . 
H 6 HOH 75  254 81  HOH HOH A . 
H 6 HOH 76  255 82  HOH HOH A . 
H 6 HOH 77  256 83  HOH HOH A . 
H 6 HOH 78  257 84  HOH HOH A . 
H 6 HOH 79  258 85  HOH HOH A . 
H 6 HOH 80  259 86  HOH HOH A . 
H 6 HOH 81  260 87  HOH HOH A . 
H 6 HOH 82  261 88  HOH HOH A . 
H 6 HOH 83  262 89  HOH HOH A . 
H 6 HOH 84  263 90  HOH HOH A . 
H 6 HOH 85  264 91  HOH HOH A . 
H 6 HOH 86  265 92  HOH HOH A . 
H 6 HOH 87  266 93  HOH HOH A . 
H 6 HOH 88  267 94  HOH HOH A . 
H 6 HOH 89  268 95  HOH HOH A . 
H 6 HOH 90  269 96  HOH HOH A . 
H 6 HOH 91  270 97  HOH HOH A . 
H 6 HOH 92  271 98  HOH HOH A . 
H 6 HOH 93  272 99  HOH HOH A . 
H 6 HOH 94  273 100 HOH HOH A . 
H 6 HOH 95  274 101 HOH HOH A . 
H 6 HOH 96  275 102 HOH HOH A . 
H 6 HOH 97  276 103 HOH HOH A . 
H 6 HOH 98  277 104 HOH HOH A . 
H 6 HOH 99  278 105 HOH HOH A . 
H 6 HOH 100 279 106 HOH HOH A . 
H 6 HOH 101 280 107 HOH HOH A . 
H 6 HOH 102 281 108 HOH HOH A . 
H 6 HOH 103 282 109 HOH HOH A . 
H 6 HOH 104 283 110 HOH HOH A . 
H 6 HOH 105 284 111 HOH HOH A . 
H 6 HOH 106 285 112 HOH HOH A . 
H 6 HOH 107 286 113 HOH HOH A . 
H 6 HOH 108 287 114 HOH HOH A . 
H 6 HOH 109 288 115 HOH HOH A . 
H 6 HOH 110 289 116 HOH HOH A . 
H 6 HOH 111 290 117 HOH HOH A . 
H 6 HOH 112 291 118 HOH HOH A . 
H 6 HOH 113 292 119 HOH HOH A . 
H 6 HOH 114 293 120 HOH HOH A . 
H 6 HOH 115 294 121 HOH HOH A . 
H 6 HOH 116 295 122 HOH HOH A . 
H 6 HOH 117 296 123 HOH HOH A . 
H 6 HOH 118 297 124 HOH HOH A . 
H 6 HOH 119 298 125 HOH HOH A . 
H 6 HOH 120 299 126 HOH HOH A . 
H 6 HOH 121 300 127 HOH HOH A . 
H 6 HOH 122 301 128 HOH HOH A . 
H 6 HOH 123 302 129 HOH HOH A . 
H 6 HOH 124 303 130 HOH HOH A . 
H 6 HOH 125 304 131 HOH HOH A . 
H 6 HOH 126 305 132 HOH HOH A . 
H 6 HOH 127 306 133 HOH HOH A . 
H 6 HOH 128 307 134 HOH HOH A . 
# 
loop_
_pdbx_unobs_or_zero_occ_atoms.id 
_pdbx_unobs_or_zero_occ_atoms.PDB_model_num 
_pdbx_unobs_or_zero_occ_atoms.polymer_flag 
_pdbx_unobs_or_zero_occ_atoms.occupancy_flag 
_pdbx_unobs_or_zero_occ_atoms.auth_asym_id 
_pdbx_unobs_or_zero_occ_atoms.auth_comp_id 
_pdbx_unobs_or_zero_occ_atoms.auth_seq_id 
_pdbx_unobs_or_zero_occ_atoms.PDB_ins_code 
_pdbx_unobs_or_zero_occ_atoms.auth_atom_id 
_pdbx_unobs_or_zero_occ_atoms.label_alt_id 
_pdbx_unobs_or_zero_occ_atoms.label_asym_id 
_pdbx_unobs_or_zero_occ_atoms.label_comp_id 
_pdbx_unobs_or_zero_occ_atoms.label_seq_id 
_pdbx_unobs_or_zero_occ_atoms.label_atom_id 
1  1 Y 1 A GLU 93  ? CD  ? A GLU 94  CD  
2  1 Y 1 A GLU 93  ? OE1 ? A GLU 94  OE1 
3  1 Y 1 A GLU 93  ? OE2 ? A GLU 94  OE2 
4  1 Y 1 A LYS 94  ? CE  ? A LYS 95  CE  
5  1 Y 1 A LYS 94  ? NZ  ? A LYS 95  NZ  
6  1 Y 1 A GLN 145 ? CG  ? A GLN 146 CG  
7  1 Y 1 A GLN 145 ? CD  ? A GLN 146 CD  
8  1 Y 1 A GLN 145 ? OE1 ? A GLN 146 OE1 
9  1 Y 1 A GLN 145 ? NE2 ? A GLN 146 NE2 
10 1 Y 1 A ARG 150 ? NE  ? A ARG 151 NE  
11 1 Y 1 A ARG 150 ? CZ  ? A ARG 151 CZ  
12 1 Y 1 A ARG 150 ? NH1 ? A ARG 151 NH1 
13 1 Y 1 A ARG 150 ? NH2 ? A ARG 151 NH2 
14 1 N 1 A PG4 177 ? C5  ? E PG4 1   C5  
15 1 N 1 A PG4 177 ? C6  ? E PG4 1   C6  
16 1 N 1 A PG4 177 ? O4  ? E PG4 1   O4  
17 1 N 1 A PG4 177 ? C7  ? E PG4 1   C7  
18 1 N 1 A PG4 177 ? C8  ? E PG4 1   C8  
19 1 N 1 A PG4 177 ? O5  ? E PG4 1   O5  
# 
loop_
_software.name 
_software.version 
_software.date 
_software.type 
_software.contact_author 
_software.contact_author_email 
_software.classification 
_software.location 
_software.language 
_software.citation_id 
_software.pdbx_ordinal 
REFMAC      5.4.0067 ?               program 'Garib N. Murshudov'         garib@ysbl.york.ac.uk                refinement        
http://www.ccp4.ac.uk/dist/html/refmac5.html                                Fortran_77 ? 1 
PHENIX      .        ?               package 'P.D. Adams'                 PDAdams@lbl.gov                      refinement        
http://www.phenix-online.org/                                               C++        ? 2 
SOLVE       .        ?               program 'Tom Terwilliger'            terwilliger@LANL.gov                 phasing           
http://www.solve.lanl.gov/                                                  ?          ? 3 
MolProbity  3beta29  ?               package 'D.C. & J.S. Richardson lab' molprobity@kinemage.biochem.duke.edu 'model building'  
http://kinemage.biochem.duke.edu/molprobity/                                ?          ? 4 
XSCALE      .        ?               package 'Wolfgang Kabsch'            ?                                    'data scaling'    
http://www.mpimf-heidelberg.mpg.de/~kabsch/xds/html_doc/xscale_program.html ?          ? 5 
PDB_EXTRACT 3.006    'June 11, 2008' package PDB                          help@deposit.rcsb.org                'data extraction' 
http://sw-tools.pdb.org/apps/PDB_EXTRACT/                                   C++        ? 6 
XDS         .        ?               ?       ?                            ?                                    'data reduction'  ? 
?          ? 7 
# 
_cell.entry_id           3EJK 
_cell.length_a           81.790 
_cell.length_b           86.510 
_cell.length_c           51.340 
_cell.angle_alpha        90.000 
_cell.angle_beta         90.000 
_cell.angle_gamma        90.000 
_cell.pdbx_unique_axis   ? 
_cell.Z_PDB              8 
_cell.length_a_esd       ? 
_cell.length_b_esd       ? 
_cell.length_c_esd       ? 
_cell.angle_alpha_esd    ? 
_cell.angle_beta_esd     ? 
_cell.angle_gamma_esd    ? 
# 
_symmetry.entry_id                         3EJK 
_symmetry.Int_Tables_number                20 
_symmetry.space_group_name_H-M             'C 2 2 21' 
_symmetry.pdbx_full_space_group_name_H-M   ? 
_symmetry.cell_setting                     ? 
_symmetry.space_group_name_Hall            ? 
# 
_exptl.crystals_number   1 
_exptl.method            'X-RAY DIFFRACTION' 
_exptl.entry_id          3EJK 
# 
_exptl_crystal.id                    1 
_exptl_crystal.density_Matthews      2.36 
_exptl_crystal.density_meas          ? 
_exptl_crystal.density_percent_sol   47.88 
_exptl_crystal.description           ? 
_exptl_crystal.F_000                 ? 
_exptl_crystal.preparation           ? 
# 
_exptl_crystal_grow.crystal_id      1 
_exptl_crystal_grow.method          'VAPOR DIFFUSION, SITTING DROP' 
_exptl_crystal_grow.pH              5.0 
_exptl_crystal_grow.temp            277 
_exptl_crystal_grow.pdbx_details    
'30.0000% PEG-6000, 0.1M Citrate pH 5.0, NANODROP, VAPOR DIFFUSION, SITTING DROP, temperature 277K' 
_exptl_crystal_grow.temp_details    ? 
_exptl_crystal_grow.pdbx_pH_range   ? 
# 
_diffrn.id                     1 
_diffrn.ambient_temp           100 
_diffrn.ambient_temp_details   ? 
_diffrn.crystal_id             1 
# 
_diffrn_detector.diffrn_id              1 
_diffrn_detector.detector               CCD 
_diffrn_detector.type                   'MARMOSAIC 325 mm CCD' 
_diffrn_detector.details                'Flat collimating mirror, toroid focusing mirror' 
_diffrn_detector.pdbx_collection_date   2008-08-10 
# 
_diffrn_radiation.diffrn_id                        1 
_diffrn_radiation.pdbx_monochromatic_or_laue_m_l   M 
_diffrn_radiation.monochromator                    'Double crystal monochromator' 
_diffrn_radiation.pdbx_diffrn_protocol             MAD 
_diffrn_radiation.wavelength_id                    1 
_diffrn_radiation.pdbx_scattering_type             x-ray 
# 
loop_
_diffrn_radiation_wavelength.id 
_diffrn_radiation_wavelength.wavelength 
_diffrn_radiation_wavelength.wt 
1 0.91162 1.0 
2 0.97911 1.0 
3 0.97932 1.0 
# 
_diffrn_source.diffrn_id                   1 
_diffrn_source.source                      SYNCHROTRON 
_diffrn_source.pdbx_synchrotron_beamline   BL9-2 
_diffrn_source.type                        'SSRL BEAMLINE BL9-2' 
_diffrn_source.pdbx_wavelength_list        0.91162,0.97911,0.97932 
_diffrn_source.pdbx_wavelength             ? 
_diffrn_source.pdbx_synchrotron_site       SSRL 
# 
_reflns.entry_id                     3EJK 
_reflns.d_resolution_high            1.95 
_reflns.d_resolution_low             29.722 
_reflns.number_obs                   13593 
_reflns.pdbx_Rmerge_I_obs            0.102 
_reflns.percent_possible_obs         98.500 
_reflns.B_iso_Wilson_estimate        17.509 
_reflns.observed_criterion_sigma_I   -3.00 
_reflns.observed_criterion_sigma_F   ? 
_reflns.number_all                   ? 
_reflns.pdbx_Rsym_value              ? 
_reflns.pdbx_netI_over_sigmaI        7.090 
_reflns.pdbx_redundancy              ? 
_reflns.R_free_details               ? 
_reflns.limit_h_max                  ? 
_reflns.limit_h_min                  ? 
_reflns.limit_k_max                  ? 
_reflns.limit_k_min                  ? 
_reflns.limit_l_max                  ? 
_reflns.limit_l_min                  ? 
_reflns.observed_criterion_F_max     ? 
_reflns.observed_criterion_F_min     ? 
_reflns.pdbx_chi_squared             ? 
_reflns.pdbx_scaling_rejects         ? 
_reflns.pdbx_ordinal                 1 
_reflns.pdbx_diffrn_id               1 
# 
loop_
_reflns_shell.d_res_high 
_reflns_shell.d_res_low 
_reflns_shell.number_measured_obs 
_reflns_shell.number_measured_all 
_reflns_shell.number_unique_obs 
_reflns_shell.Rmerge_I_obs 
_reflns_shell.meanI_over_sigI_obs 
_reflns_shell.pdbx_Rsym_value 
_reflns_shell.pdbx_chi_squared 
_reflns_shell.pdbx_redundancy 
_reflns_shell.percent_possible_obs 
_reflns_shell.number_unique_all 
_reflns_shell.percent_possible_all 
_reflns_shell.pdbx_ordinal 
_reflns_shell.pdbx_diffrn_id 
1.95 2.02   4784 ? 2516 0.497 1.7  ? ? ? ? ? 96.90 1  1 
2.02 2.10   4805 ? 2510 0.385 2.1  ? ? ? ? ? 98.70 2  1 
2.10 2.20   5109 ? 2651 0.300 2.8  ? ? ? ? ? 98.70 3  1 
2.20 2.31   4600 ? 2389 0.249 3.3  ? ? ? ? ? 98.30 4  1 
2.31 2.46   5093 ? 2647 0.194 4.1  ? ? ? ? ? 99.10 5  1 
2.46 2.65   4840 ? 2498 0.169 4.8  ? ? ? ? ? 98.80 6  1 
2.65 2.91   4820 ? 2490 0.129 6.2  ? ? ? ? ? 98.50 7  1 
2.91 3.33   4910 ? 2531 0.072 10.2 ? ? ? ? ? 98.90 8  1 
3.33 4.19   4916 ? 2527 0.045 16.1 ? ? ? ? ? 98.30 9  1 
4.19 29.722 4998 ? 2563 0.033 19.4 ? ? ? ? ? 98.70 10 1 
# 
_refine.entry_id                                 3EJK 
_refine.ls_d_res_high                            1.950 
_refine.ls_d_res_low                             29.722 
_refine.pdbx_ls_sigma_F                          0.00 
_refine.ls_percent_reflns_obs                    99.570 
_refine.ls_number_reflns_obs                     13584 
_refine.pdbx_ls_cross_valid_method               THROUGHOUT 
_refine.pdbx_R_Free_selection_details            RANDOM 
_refine.details                                  
;1. HYDROGENS HAVE BEEN ADDED IN THE RIDING POSITIONS.
 2. ATOM RECORDS CONTAIN RESIDUAL B FACTORS ONLY.
 3. A MET-INHIBITION PROTOCOL WAS USED FOR SELENOMETHIONINE
 INCORPORATION DURING PROTEIN EXPRESSION. THE OCCUPANCY
 OF THE SE ATOMS IN THE MSE RESIDUES WAS REDUCED TO 0.75
 FOR THE REDUCED SCATTERING POWER DUE TO PARTIAL S-MET INCORPORATION.
 4. CIT, PG4 AND GOL MOLECULES FROM THE CRYSTALLIZATION/CRYO
 SOLUTIONS ARE MODELED.
 5. AN UNKNOWN LIGAND (UNL) HAS BEEN MODELED COVALENTLY ATTACHED TO SG
 ATOM OF RESIDUE CYSTEINE 83. THIS RESEMBLES CYSTEINE RESIDUE MODIFIED
 TO THIO METHYLATED CYSTEINE (SCH).
;
_refine.ls_R_factor_obs                          0.171 
_refine.ls_R_factor_R_work                       0.169 
_refine.ls_R_factor_R_free                       0.217 
_refine.ls_percent_reflns_R_free                 5.000 
_refine.ls_number_reflns_R_free                  673 
_refine.B_iso_mean                               27.245 
_refine.aniso_B[1][1]                            0.660 
_refine.aniso_B[2][2]                            -1.260 
_refine.aniso_B[3][3]                            0.600 
_refine.aniso_B[1][2]                            0.000 
_refine.aniso_B[1][3]                            0.000 
_refine.aniso_B[2][3]                            0.000 
_refine.correlation_coeff_Fo_to_Fc               0.954 
_refine.correlation_coeff_Fo_to_Fc_free          0.931 
_refine.pdbx_overall_ESU_R                       0.149 
_refine.pdbx_overall_ESU_R_Free                  0.143 
_refine.overall_SU_ML                            0.100 
_refine.overall_SU_B                             6.699 
_refine.solvent_model_details                    'BABINET MODEL WITH MASK' 
_refine.pdbx_solvent_vdw_probe_radii             1.200 
_refine.pdbx_solvent_ion_probe_radii             0.800 
_refine.pdbx_solvent_shrinkage_radii             0.800 
_refine.pdbx_method_to_determine_struct          MAD 
_refine.pdbx_stereochemistry_target_values       'MAXIMUM LIKELIHOOD WITH PHASES' 
_refine.B_iso_max                                69.02 
_refine.B_iso_min                                14.83 
_refine.occupancy_max                            1.00 
_refine.occupancy_min                            0.50 
_refine.pdbx_ls_sigma_I                          ? 
_refine.ls_number_reflns_all                     ? 
_refine.ls_R_factor_all                          ? 
_refine.ls_redundancy_reflns_obs                 ? 
_refine.pdbx_data_cutoff_high_absF               ? 
_refine.pdbx_data_cutoff_low_absF                ? 
_refine.ls_number_parameters                     ? 
_refine.ls_number_restraints                     ? 
_refine.ls_R_factor_R_free_error                 ? 
_refine.ls_R_factor_R_free_error_details         ? 
_refine.pdbx_starting_model                      ? 
_refine.pdbx_stereochem_target_val_spec_case     ? 
_refine.solvent_model_param_bsol                 ? 
_refine.solvent_model_param_ksol                 ? 
_refine.pdbx_isotropic_thermal_model             ? 
_refine.overall_SU_R_Cruickshank_DPI             ? 
_refine.overall_SU_R_free                        ? 
_refine.pdbx_data_cutoff_high_rms_absF           ? 
_refine.ls_wR_factor_R_free                      ? 
_refine.ls_wR_factor_R_work                      ? 
_refine.overall_FOM_free_R_set                   ? 
_refine.overall_FOM_work_R_set                   ? 
_refine.pdbx_overall_phase_error                 ? 
_refine.pdbx_refine_id                           'X-RAY DIFFRACTION' 
_refine.pdbx_TLS_residual_ADP_flag               'LIKELY RESIDUAL' 
_refine.pdbx_diffrn_id                           1 
_refine.pdbx_overall_SU_R_free_Cruickshank_DPI   ? 
_refine.pdbx_overall_SU_R_Blow_DPI               ? 
_refine.pdbx_overall_SU_R_free_Blow_DPI          ? 
# 
_refine_hist.pdbx_refine_id                   'X-RAY DIFFRACTION' 
_refine_hist.cycle_id                         LAST 
_refine_hist.pdbx_number_atoms_protein        1211 
_refine_hist.pdbx_number_atoms_nucleic_acid   0 
_refine_hist.pdbx_number_atoms_ligand         47 
_refine_hist.number_atoms_solvent             128 
_refine_hist.number_atoms_total               1386 
_refine_hist.d_res_high                       1.950 
_refine_hist.d_res_low                        29.722 
# 
loop_
_refine_ls_restr.type 
_refine_ls_restr.number 
_refine_ls_restr.dev_ideal 
_refine_ls_restr.dev_ideal_target 
_refine_ls_restr.weight 
_refine_ls_restr.pdbx_refine_id 
_refine_ls_restr.pdbx_restraint_function 
r_bond_refined_d       1320 0.012  0.022  ? 'X-RAY DIFFRACTION' ? 
r_bond_other_d         910  0.002  0.020  ? 'X-RAY DIFFRACTION' ? 
r_angle_refined_deg    1804 1.721  2.001  ? 'X-RAY DIFFRACTION' ? 
r_angle_other_deg      2216 1.413  3.000  ? 'X-RAY DIFFRACTION' ? 
r_dihedral_angle_1_deg 166  3.840  5.000  ? 'X-RAY DIFFRACTION' ? 
r_dihedral_angle_2_deg 56   31.085 22.857 ? 'X-RAY DIFFRACTION' ? 
r_dihedral_angle_3_deg 195  10.366 15.000 ? 'X-RAY DIFFRACTION' ? 
r_dihedral_angle_4_deg 11   12.499 15.000 ? 'X-RAY DIFFRACTION' ? 
r_chiral_restr         193  0.088  0.200  ? 'X-RAY DIFFRACTION' ? 
r_gen_planes_refined   1464 0.007  0.021  ? 'X-RAY DIFFRACTION' ? 
r_gen_planes_other     264  0.002  0.020  ? 'X-RAY DIFFRACTION' ? 
r_mcbond_it            801  0.967  2.000  ? 'X-RAY DIFFRACTION' ? 
r_mcbond_other         316  0.177  2.000  ? 'X-RAY DIFFRACTION' ? 
r_mcangle_it           1300 1.842  4.000  ? 'X-RAY DIFFRACTION' ? 
r_scbond_it            519  3.374  6.000  ? 'X-RAY DIFFRACTION' ? 
r_scangle_it           499  5.025  8.000  ? 'X-RAY DIFFRACTION' ? 
# 
_refine_ls_shell.d_res_high                       1.951 
_refine_ls_shell.d_res_low                        2.002 
_refine_ls_shell.pdbx_total_number_of_bins_used   20 
_refine_ls_shell.percent_reflns_obs               99.000 
_refine_ls_shell.number_reflns_R_work             956 
_refine_ls_shell.R_factor_all                     ? 
_refine_ls_shell.R_factor_R_work                  0.226 
_refine_ls_shell.R_factor_R_free                  0.263 
_refine_ls_shell.percent_reflns_R_free            ? 
_refine_ls_shell.number_reflns_R_free             39 
_refine_ls_shell.R_factor_R_free_error            ? 
_refine_ls_shell.number_reflns_all                995 
_refine_ls_shell.number_reflns_obs                ? 
_refine_ls_shell.redundancy_reflns_obs            ? 
_refine_ls_shell.pdbx_refine_id                   'X-RAY DIFFRACTION' 
# 
_struct.entry_id                  3EJK 
_struct.title                     
'Crystal structure of dTDP Sugar Isomerase (YP_390184.1) from DESULFOVIBRIO DESULFURICANS G20 at 1.95 A resolution' 
_struct.pdbx_model_details        ? 
_struct.pdbx_CASP_flag            ? 
_struct.pdbx_model_type_details   ? 
# 
_struct_keywords.text            
;YP_390184.1, dTDP Sugar Isomerase, Structural Genomics, Joint Center for Structural Genomics, JCSG, Protein Structure Initiative, PSI-2, ISOMERASE
;
_struct_keywords.pdbx_keywords   ISOMERASE 
_struct_keywords.entry_id        3EJK 
# 
loop_
_struct_asym.id 
_struct_asym.pdbx_blank_PDB_chainid_flag 
_struct_asym.pdbx_modified 
_struct_asym.entity_id 
_struct_asym.details 
A N N 1 ? 
B N N 2 ? 
C N N 3 ? 
D N N 3 ? 
E N N 4 ? 
F N N 5 ? 
G N N 5 ? 
H N N 6 ? 
# 
_struct_ref.id                         1 
_struct_ref.db_name                    UNP 
_struct_ref.db_code                    Q30V07_DESDG 
_struct_ref.pdbx_db_accession          Q30V07 
_struct_ref.entity_id                  1 
_struct_ref.pdbx_seq_one_letter_code   
;MDIMLNTADISAAAILLPVEGAQLSELRQIPAEGGPVLHMLRLDSPQFSQFGEIYFSEVLPRRVKAWKRHSLMTQLFAVP
VGCIHVVLYDGREKSPTSGRLAQVTLGRPDNYRLLRIPPQVWYGFAATGDTPALVANCTDIPHRQGESERAPQDAPFIPF
SWAGADLSGTPVM
;
_struct_ref.pdbx_align_begin           1 
_struct_ref.pdbx_db_isoform            ? 
# 
_struct_ref_seq.align_id                      1 
_struct_ref_seq.ref_id                        1 
_struct_ref_seq.pdbx_PDB_id_code              3EJK 
_struct_ref_seq.pdbx_strand_id                A 
_struct_ref_seq.seq_align_beg                 2 
_struct_ref_seq.pdbx_seq_align_beg_ins_code   ? 
_struct_ref_seq.seq_align_end                 174 
_struct_ref_seq.pdbx_seq_align_end_ins_code   ? 
_struct_ref_seq.pdbx_db_accession             Q30V07 
_struct_ref_seq.db_align_beg                  1 
_struct_ref_seq.pdbx_db_align_beg_ins_code    ? 
_struct_ref_seq.db_align_end                  173 
_struct_ref_seq.pdbx_db_align_end_ins_code    ? 
_struct_ref_seq.pdbx_auth_seq_align_beg       1 
_struct_ref_seq.pdbx_auth_seq_align_end       173 
# 
_struct_ref_seq_dif.align_id                     1 
_struct_ref_seq_dif.pdbx_pdb_id_code             3EJK 
_struct_ref_seq_dif.mon_id                       GLY 
_struct_ref_seq_dif.pdbx_pdb_strand_id           A 
_struct_ref_seq_dif.seq_num                      1 
_struct_ref_seq_dif.pdbx_pdb_ins_code            ? 
_struct_ref_seq_dif.pdbx_seq_db_name             UNP 
_struct_ref_seq_dif.pdbx_seq_db_accession_code   Q30V07 
_struct_ref_seq_dif.db_mon_id                    ? 
_struct_ref_seq_dif.pdbx_seq_db_seq_num          ? 
_struct_ref_seq_dif.details                      'expression tag' 
_struct_ref_seq_dif.pdbx_auth_seq_num            0 
_struct_ref_seq_dif.pdbx_ordinal                 1 
# 
_pdbx_struct_assembly.id                   1 
_pdbx_struct_assembly.details              author_and_software_defined_assembly 
_pdbx_struct_assembly.method_details       PISA 
_pdbx_struct_assembly.oligomeric_details   dimeric 
_pdbx_struct_assembly.oligomeric_count     2 
# 
loop_
_pdbx_struct_assembly_prop.biol_id 
_pdbx_struct_assembly_prop.type 
_pdbx_struct_assembly_prop.value 
_pdbx_struct_assembly_prop.details 
1 'ABSA (A^2)' 6460  ? 
1 MORE         -2    ? 
1 'SSA (A^2)'  13620 ? 
# 
_pdbx_struct_assembly_gen.assembly_id       1 
_pdbx_struct_assembly_gen.oper_expression   1,2 
_pdbx_struct_assembly_gen.asym_id_list      A,B,C,D,E,F,G,H 
# 
loop_
_pdbx_struct_oper_list.id 
_pdbx_struct_oper_list.type 
_pdbx_struct_oper_list.name 
_pdbx_struct_oper_list.symmetry_operation 
_pdbx_struct_oper_list.matrix[1][1] 
_pdbx_struct_oper_list.matrix[1][2] 
_pdbx_struct_oper_list.matrix[1][3] 
_pdbx_struct_oper_list.vector[1] 
_pdbx_struct_oper_list.matrix[2][1] 
_pdbx_struct_oper_list.matrix[2][2] 
_pdbx_struct_oper_list.matrix[2][3] 
_pdbx_struct_oper_list.vector[2] 
_pdbx_struct_oper_list.matrix[3][1] 
_pdbx_struct_oper_list.matrix[3][2] 
_pdbx_struct_oper_list.matrix[3][3] 
_pdbx_struct_oper_list.vector[3] 
1 'identity operation'         1_555 x,y,z       1.0000000000  0.0000000000 0.0000000000  0.0000000000   0.0000000000 1.0000000000  0.0000000000  0.0000000000  0.0000000000  0.0000000000  1.0000000000  0.0000000000 
2 'crystal symmetry operation' 3_555 -x,y,-z+1/2 -0.1242775099 0.5068024021 -0.8530571058 -12.2955316061 0.5068024021 -0.7067008353 -0.4936853801 23.7813801829 -0.8530571058 -0.4936853801 -0.1690216548 1.5063318022 
# 
_struct_biol.id        1 
_struct_biol.details   
'AUTHORS STATE THAT CRYSTAL PACKING ANALYSIS SUGGESTS THE ASSIGNMENT OF A DIMER AS THE SIGNIFICANT OLIGOMERIZATION STATE.' 
# 
_struct_conf.conf_type_id            HELX_P 
_struct_conf.id                      HELX_P1 
_struct_conf.pdbx_PDB_helix_id       1 
_struct_conf.beg_label_comp_id       SER 
_struct_conf.beg_label_asym_id       A 
_struct_conf.beg_label_seq_id        162 
_struct_conf.pdbx_beg_PDB_ins_code   ? 
_struct_conf.end_label_comp_id       ALA 
_struct_conf.end_label_asym_id       A 
_struct_conf.end_label_seq_id        166 
_struct_conf.pdbx_end_PDB_ins_code   ? 
_struct_conf.beg_auth_comp_id        SER 
_struct_conf.beg_auth_asym_id        A 
_struct_conf.beg_auth_seq_id         161 
_struct_conf.end_auth_comp_id        ALA 
_struct_conf.end_auth_asym_id        A 
_struct_conf.end_auth_seq_id         165 
_struct_conf.pdbx_PDB_helix_class    5 
_struct_conf.details                 ? 
_struct_conf.pdbx_PDB_helix_length   5 
# 
_struct_conf_type.id          HELX_P 
_struct_conf_type.criteria    ? 
_struct_conf_type.reference   ? 
# 
loop_
_struct_conn.id 
_struct_conn.conn_type_id 
_struct_conn.pdbx_leaving_atom_flag 
_struct_conn.pdbx_PDB_id 
_struct_conn.ptnr1_label_asym_id 
_struct_conn.ptnr1_label_comp_id 
_struct_conn.ptnr1_label_seq_id 
_struct_conn.ptnr1_label_atom_id 
_struct_conn.pdbx_ptnr1_label_alt_id 
_struct_conn.pdbx_ptnr1_PDB_ins_code 
_struct_conn.pdbx_ptnr1_standard_comp_id 
_struct_conn.ptnr1_symmetry 
_struct_conn.ptnr2_label_asym_id 
_struct_conn.ptnr2_label_comp_id 
_struct_conn.ptnr2_label_seq_id 
_struct_conn.ptnr2_label_atom_id 
_struct_conn.pdbx_ptnr2_label_alt_id 
_struct_conn.pdbx_ptnr2_PDB_ins_code 
_struct_conn.ptnr1_auth_asym_id 
_struct_conn.ptnr1_auth_comp_id 
_struct_conn.ptnr1_auth_seq_id 
_struct_conn.ptnr2_auth_asym_id 
_struct_conn.ptnr2_auth_comp_id 
_struct_conn.ptnr2_auth_seq_id 
_struct_conn.ptnr2_symmetry 
_struct_conn.pdbx_ptnr3_label_atom_id 
_struct_conn.pdbx_ptnr3_label_seq_id 
_struct_conn.pdbx_ptnr3_label_comp_id 
_struct_conn.pdbx_ptnr3_label_asym_id 
_struct_conn.pdbx_ptnr3_label_alt_id 
_struct_conn.pdbx_ptnr3_PDB_ins_code 
_struct_conn.details 
_struct_conn.pdbx_dist_value 
_struct_conn.pdbx_value_order 
_struct_conn.pdbx_role 
covale1 covale both ? A HIS 40 C ? ? ? 1_555 A MSE 41 N ? ? A HIS 39 A MSE 40 1_555 ? ? ? ? ? ? ? 1.319 ? ? 
covale2 covale both ? A MSE 41 C ? ? ? 1_555 A LEU 42 N ? ? A MSE 40 A LEU 41 1_555 ? ? ? ? ? ? ? 1.327 ? ? 
covale3 covale both ? A LEU 73 C ? ? ? 1_555 A MSE 74 N ? ? A LEU 72 A MSE 73 1_555 ? ? ? ? ? ? ? 1.328 ? ? 
covale4 covale both ? A MSE 74 C ? ? ? 1_555 A THR 75 N ? ? A MSE 73 A THR 74 1_555 ? ? ? ? ? ? ? 1.334 ? ? 
# 
_struct_conn_type.id          covale 
_struct_conn_type.criteria    ? 
_struct_conn_type.reference   ? 
# 
loop_
_pdbx_modification_feature.ordinal 
_pdbx_modification_feature.label_comp_id 
_pdbx_modification_feature.label_asym_id 
_pdbx_modification_feature.label_seq_id 
_pdbx_modification_feature.label_alt_id 
_pdbx_modification_feature.modified_residue_label_comp_id 
_pdbx_modification_feature.modified_residue_label_asym_id 
_pdbx_modification_feature.modified_residue_label_seq_id 
_pdbx_modification_feature.modified_residue_label_alt_id 
_pdbx_modification_feature.auth_comp_id 
_pdbx_modification_feature.auth_asym_id 
_pdbx_modification_feature.auth_seq_id 
_pdbx_modification_feature.PDB_ins_code 
_pdbx_modification_feature.symmetry 
_pdbx_modification_feature.modified_residue_auth_comp_id 
_pdbx_modification_feature.modified_residue_auth_asym_id 
_pdbx_modification_feature.modified_residue_auth_seq_id 
_pdbx_modification_feature.modified_residue_PDB_ins_code 
_pdbx_modification_feature.modified_residue_symmetry 
_pdbx_modification_feature.comp_id_linking_atom 
_pdbx_modification_feature.modified_residue_id_linking_atom 
_pdbx_modification_feature.modified_residue_id 
_pdbx_modification_feature.ref_pcm_id 
_pdbx_modification_feature.ref_comp_id 
_pdbx_modification_feature.type 
_pdbx_modification_feature.category 
1 MSE A 41 ? . . . . MSE A 40 ? 1_555 . . . . . . . MET 1 MSE Selenomethionine 'Named protein modification' 
2 MSE A 74 ? . . . . MSE A 73 ? 1_555 . . . . . . . MET 1 MSE Selenomethionine 'Named protein modification' 
# 
loop_
_struct_mon_prot_cis.pdbx_id 
_struct_mon_prot_cis.label_comp_id 
_struct_mon_prot_cis.label_seq_id 
_struct_mon_prot_cis.label_asym_id 
_struct_mon_prot_cis.label_alt_id 
_struct_mon_prot_cis.pdbx_PDB_ins_code 
_struct_mon_prot_cis.auth_comp_id 
_struct_mon_prot_cis.auth_seq_id 
_struct_mon_prot_cis.auth_asym_id 
_struct_mon_prot_cis.pdbx_label_comp_id_2 
_struct_mon_prot_cis.pdbx_label_seq_id_2 
_struct_mon_prot_cis.pdbx_label_asym_id_2 
_struct_mon_prot_cis.pdbx_PDB_ins_code_2 
_struct_mon_prot_cis.pdbx_auth_comp_id_2 
_struct_mon_prot_cis.pdbx_auth_seq_id_2 
_struct_mon_prot_cis.pdbx_auth_asym_id_2 
_struct_mon_prot_cis.pdbx_PDB_model_num 
_struct_mon_prot_cis.pdbx_omega_angle 
1 ALA 67  A . ? ALA 66  A TRP 68  A ? TRP 67  A 1 -1.48 
2 ARG 109 A . ? ARG 108 A PRO 110 A ? PRO 109 A 1 3.47  
# 
loop_
_struct_sheet.id 
_struct_sheet.type 
_struct_sheet.number_strands 
_struct_sheet.details 
A ? 6 ? 
B ? 2 ? 
C ? 5 ? 
# 
loop_
_struct_sheet_order.sheet_id 
_struct_sheet_order.range_id_1 
_struct_sheet_order.range_id_2 
_struct_sheet_order.offset 
_struct_sheet_order.sense 
A 1 2 ? anti-parallel 
A 2 3 ? anti-parallel 
A 3 4 ? anti-parallel 
A 4 5 ? anti-parallel 
A 5 6 ? anti-parallel 
B 1 2 ? anti-parallel 
C 1 2 ? anti-parallel 
C 2 3 ? anti-parallel 
C 3 4 ? anti-parallel 
C 4 5 ? anti-parallel 
# 
loop_
_struct_sheet_range.sheet_id 
_struct_sheet_range.id 
_struct_sheet_range.beg_label_comp_id 
_struct_sheet_range.beg_label_asym_id 
_struct_sheet_range.beg_label_seq_id 
_struct_sheet_range.pdbx_beg_PDB_ins_code 
_struct_sheet_range.end_label_comp_id 
_struct_sheet_range.end_label_asym_id 
_struct_sheet_range.end_label_seq_id 
_struct_sheet_range.pdbx_end_PDB_ins_code 
_struct_sheet_range.beg_auth_comp_id 
_struct_sheet_range.beg_auth_asym_id 
_struct_sheet_range.beg_auth_seq_id 
_struct_sheet_range.end_auth_comp_id 
_struct_sheet_range.end_auth_asym_id 
_struct_sheet_range.end_auth_seq_id 
A 1 ILE A 16  ? LEU A 17  ? ILE A 15  LEU A 16  
A 2 GLN A 24  ? GLU A 27  ? GLN A 23  GLU A 26  
A 3 ARG A 114 ? ILE A 118 ? ARG A 113 ILE A 117 
A 4 GLN A 76  ? VAL A 82  ? GLN A 75  VAL A 81  
A 5 ALA A 134 ? THR A 140 ? ALA A 133 THR A 139 
A 6 GLU A 54  ? VAL A 60  ? GLU A 53  VAL A 59  
B 1 GLN A 30  ? ILE A 31  ? GLN A 29  ILE A 30  
B 2 VAL A 38  ? LEU A 39  ? VAL A 37  LEU A 38  
C 1 LEU A 102 ? GLY A 108 ? LEU A 101 GLY A 107 
C 2 CYS A 84  ? TYR A 90  ? CYS A 83  TYR A 89  
C 3 TRP A 123 ? ALA A 128 ? TRP A 122 ALA A 127 
C 4 VAL A 65  ? HIS A 71  ? VAL A 64  HIS A 70  
C 5 SER A 149 ? ARG A 151 ? SER A 148 ARG A 150 
# 
loop_
_pdbx_struct_sheet_hbond.sheet_id 
_pdbx_struct_sheet_hbond.range_id_1 
_pdbx_struct_sheet_hbond.range_id_2 
_pdbx_struct_sheet_hbond.range_1_label_atom_id 
_pdbx_struct_sheet_hbond.range_1_label_comp_id 
_pdbx_struct_sheet_hbond.range_1_label_asym_id 
_pdbx_struct_sheet_hbond.range_1_label_seq_id 
_pdbx_struct_sheet_hbond.range_1_PDB_ins_code 
_pdbx_struct_sheet_hbond.range_1_auth_atom_id 
_pdbx_struct_sheet_hbond.range_1_auth_comp_id 
_pdbx_struct_sheet_hbond.range_1_auth_asym_id 
_pdbx_struct_sheet_hbond.range_1_auth_seq_id 
_pdbx_struct_sheet_hbond.range_2_label_atom_id 
_pdbx_struct_sheet_hbond.range_2_label_comp_id 
_pdbx_struct_sheet_hbond.range_2_label_asym_id 
_pdbx_struct_sheet_hbond.range_2_label_seq_id 
_pdbx_struct_sheet_hbond.range_2_PDB_ins_code 
_pdbx_struct_sheet_hbond.range_2_auth_atom_id 
_pdbx_struct_sheet_hbond.range_2_auth_comp_id 
_pdbx_struct_sheet_hbond.range_2_auth_asym_id 
_pdbx_struct_sheet_hbond.range_2_auth_seq_id 
A 1 2 N ILE A 16  ? N ILE A 15  O LEU A 25  ? O LEU A 24  
A 2 3 N SER A 26  ? N SER A 25  O LEU A 115 ? O LEU A 114 
A 3 4 O ILE A 118 ? O ILE A 117 N GLN A 76  ? N GLN A 75  
A 4 5 N ALA A 79  ? N ALA A 78  O ALA A 137 ? O ALA A 136 
A 5 6 O ALA A 134 ? O ALA A 133 N VAL A 60  ? N VAL A 59  
B 1 2 N ILE A 31  ? N ILE A 30  O VAL A 38  ? O VAL A 37  
C 1 2 O VAL A 105 ? O VAL A 104 N VAL A 87  ? N VAL A 86  
C 2 3 N VAL A 88  ? N VAL A 87  O GLY A 125 ? O GLY A 124 
C 3 4 O PHE A 126 ? O PHE A 125 N LYS A 66  ? N LYS A 65  
C 4 5 N ARG A 70  ? N ARG A 69  O GLU A 150 ? O GLU A 149 
# 
loop_
_struct_site.id 
_struct_site.pdbx_evidence_code 
_struct_site.pdbx_auth_asym_id 
_struct_site.pdbx_auth_comp_id 
_struct_site.pdbx_auth_seq_id 
_struct_site.pdbx_auth_ins_code 
_struct_site.pdbx_num_residues 
_struct_site.details 
AC1 Software A UNL 174 ? 4  'BINDING SITE FOR RESIDUE UNL A 174' 
AC2 Software A CIT 175 ? 14 'BINDING SITE FOR RESIDUE CIT A 175' 
AC3 Software A CIT 176 ? 11 'BINDING SITE FOR RESIDUE CIT A 176' 
AC4 Software A PG4 177 ? 4  'BINDING SITE FOR RESIDUE PG4 A 177' 
AC5 Software A GOL 178 ? 6  'BINDING SITE FOR RESIDUE GOL A 178' 
AC6 Software A GOL 179 ? 7  'BINDING SITE FOR RESIDUE GOL A 179' 
# 
loop_
_struct_site_gen.id 
_struct_site_gen.site_id 
_struct_site_gen.pdbx_num_res 
_struct_site_gen.label_comp_id 
_struct_site_gen.label_asym_id 
_struct_site_gen.label_seq_id 
_struct_site_gen.pdbx_auth_ins_code 
_struct_site_gen.auth_comp_id 
_struct_site_gen.auth_asym_id 
_struct_site_gen.auth_seq_id 
_struct_site_gen.label_atom_id 
_struct_site_gen.label_alt_id 
_struct_site_gen.symmetry 
_struct_site_gen.details 
1  AC1 4  CYS A 84  ? CYS A 83  . ? 1_555 ? 
2  AC1 4  THR A 106 ? THR A 105 . ? 1_555 ? 
3  AC1 4  GLY A 108 ? GLY A 107 . ? 1_555 ? 
4  AC1 4  ASN A 112 ? ASN A 111 . ? 1_555 ? 
5  AC2 14 VAL A 38  ? VAL A 37  . ? 3_555 ? 
6  AC2 14 TYR A 56  ? TYR A 55  . ? 1_555 ? 
7  AC2 14 SER A 58  ? SER A 57  . ? 1_555 ? 
8  AC2 14 LYS A 66  ? LYS A 65  . ? 1_555 ? 
9  AC2 14 LYS A 69  ? LYS A 68  . ? 1_555 ? 
10 AC2 14 HIS A 71  ? HIS A 70  . ? 1_555 ? 
11 AC2 14 TYR A 124 ? TYR A 123 . ? 1_555 ? 
12 AC2 14 PHE A 126 ? PHE A 125 . ? 1_555 ? 
13 AC2 14 CIT D .   ? CIT A 176 . ? 1_555 ? 
14 AC2 14 GOL G .   ? GOL A 179 . ? 1_555 ? 
15 AC2 14 HOH H .   ? HOH A 182 . ? 1_555 ? 
16 AC2 14 HOH H .   ? HOH A 205 . ? 1_555 ? 
17 AC2 14 HOH H .   ? HOH A 289 . ? 3_555 ? 
18 AC2 14 HOH H .   ? HOH A 307 . ? 1_555 ? 
19 AC3 11 ALA A 33  ? ALA A 32  . ? 3_555 ? 
20 AC3 11 GLU A 34  ? GLU A 33  . ? 3_555 ? 
21 AC3 11 LYS A 66  ? LYS A 65  . ? 1_555 ? 
22 AC3 11 ALA A 67  ? ALA A 66  . ? 1_555 ? 
23 AC3 11 TRP A 68  ? TRP A 67  . ? 1_555 ? 
24 AC3 11 LYS A 69  ? LYS A 68  . ? 1_555 ? 
25 AC3 11 ARG A 151 ? ARG A 150 . ? 1_555 ? 
26 AC3 11 CIT C .   ? CIT A 175 . ? 1_555 ? 
27 AC3 11 HOH H .   ? HOH A 205 . ? 1_555 ? 
28 AC3 11 HOH H .   ? HOH A 241 . ? 1_555 ? 
29 AC3 11 HOH H .   ? HOH A 290 . ? 3_555 ? 
30 AC4 4  ALA A 15  ? ALA A 14  . ? 3_554 ? 
31 AC4 4  ILE A 16  ? ILE A 15  . ? 1_555 ? 
32 AC4 4  LEU A 17  ? LEU A 16  . ? 3_554 ? 
33 AC4 4  HOH H .   ? HOH A 305 . ? 3_554 ? 
34 AC5 6  PHE A 49  ? PHE A 48  . ? 1_555 ? 
35 AC5 6  GLN A 51  ? GLN A 50  . ? 1_555 ? 
36 AC5 6  PHE A 52  ? PHE A 51  . ? 1_555 ? 
37 AC5 6  HOH H .   ? HOH A 202 . ? 3_555 ? 
38 AC5 6  HOH H .   ? HOH A 303 . ? 3_555 ? 
39 AC5 6  HOH H .   ? HOH A 305 . ? 2_555 ? 
40 AC6 7  VAL A 38  ? VAL A 37  . ? 3_555 ? 
41 AC6 7  HIS A 40  ? HIS A 39  . ? 3_555 ? 
42 AC6 7  GLU A 54  ? GLU A 53  . ? 1_555 ? 
43 AC6 7  TYR A 56  ? TYR A 55  . ? 1_555 ? 
44 AC6 7  HIS A 144 ? HIS A 143 . ? 1_555 ? 
45 AC6 7  CIT C .   ? CIT A 175 . ? 1_555 ? 
46 AC6 7  HOH H .   ? HOH A 236 . ? 3_555 ? 
# 
_pdbx_entry_details.entry_id                   3EJK 
_pdbx_entry_details.compound_details           ? 
_pdbx_entry_details.source_details             ? 
_pdbx_entry_details.nonpolymer_details         ? 
_pdbx_entry_details.sequence_details           
;THE CONSTRUCT WAS EXPRESSED WITH A PURIFICATION TAG MGSDKIHHHHHHENLYFQG. THE TAG WAS REMOVED WITH TEV PROTEASE LEAVING ONLY A GLYCINE (0) FOLLOWED BY THE TARGET SEQUENCE.
;
_pdbx_entry_details.has_ligand_of_interest     ? 
_pdbx_entry_details.has_protein_modification   Y 
# 
_pdbx_validate_close_contact.id               1 
_pdbx_validate_close_contact.PDB_model_num    1 
_pdbx_validate_close_contact.auth_atom_id_1   SG 
_pdbx_validate_close_contact.auth_asym_id_1   A 
_pdbx_validate_close_contact.auth_comp_id_1   CYS 
_pdbx_validate_close_contact.auth_seq_id_1    83 
_pdbx_validate_close_contact.PDB_ins_code_1   ? 
_pdbx_validate_close_contact.label_alt_id_1   ? 
_pdbx_validate_close_contact.auth_atom_id_2   S1 
_pdbx_validate_close_contact.auth_asym_id_2   A 
_pdbx_validate_close_contact.auth_comp_id_2   UNL 
_pdbx_validate_close_contact.auth_seq_id_2    174 
_pdbx_validate_close_contact.PDB_ins_code_2   ? 
_pdbx_validate_close_contact.label_alt_id_2   ? 
_pdbx_validate_close_contact.dist             2.06 
# 
loop_
_pdbx_validate_torsion.id 
_pdbx_validate_torsion.PDB_model_num 
_pdbx_validate_torsion.auth_comp_id 
_pdbx_validate_torsion.auth_asym_id 
_pdbx_validate_torsion.auth_seq_id 
_pdbx_validate_torsion.PDB_ins_code 
_pdbx_validate_torsion.label_alt_id 
_pdbx_validate_torsion.phi 
_pdbx_validate_torsion.psi 
1 1 MSE A 40  ? ? -138.27 -64.63 
2 1 PRO A 159 ? ? -74.40  49.68  
# 
_pdbx_SG_project.project_name          'PSI, Protein Structure Initiative' 
_pdbx_SG_project.full_name_of_center   'Joint Center for Structural Genomics' 
_pdbx_SG_project.id                    1 
_pdbx_SG_project.initial_of_center     JCSG 
# 
loop_
_pdbx_struct_mod_residue.id 
_pdbx_struct_mod_residue.label_asym_id 
_pdbx_struct_mod_residue.label_comp_id 
_pdbx_struct_mod_residue.label_seq_id 
_pdbx_struct_mod_residue.auth_asym_id 
_pdbx_struct_mod_residue.auth_comp_id 
_pdbx_struct_mod_residue.auth_seq_id 
_pdbx_struct_mod_residue.PDB_ins_code 
_pdbx_struct_mod_residue.parent_comp_id 
_pdbx_struct_mod_residue.details 
1 A MSE 41 A MSE 40 ? MET SELENOMETHIONINE 
2 A MSE 74 A MSE 73 ? MET SELENOMETHIONINE 
# 
_pdbx_refine_tls.id               1 
_pdbx_refine_tls.details          ? 
_pdbx_refine_tls.method           refined 
_pdbx_refine_tls.origin_x         -0.0505 
_pdbx_refine_tls.origin_y         0.1543 
_pdbx_refine_tls.origin_z         -0.2566 
_pdbx_refine_tls.T[1][1]          -0.0580 
_pdbx_refine_tls.T[2][2]          -0.0937 
_pdbx_refine_tls.T[3][3]          -0.0689 
_pdbx_refine_tls.T[1][2]          0.0145 
_pdbx_refine_tls.T[1][3]          -0.0519 
_pdbx_refine_tls.T[2][3]          -0.0383 
_pdbx_refine_tls.L[1][1]          0.5105 
_pdbx_refine_tls.L[2][2]          1.2839 
_pdbx_refine_tls.L[3][3]          0.4847 
_pdbx_refine_tls.L[1][2]          -0.1393 
_pdbx_refine_tls.L[1][3]          -0.1112 
_pdbx_refine_tls.L[2][3]          0.0370 
_pdbx_refine_tls.S[1][1]          -0.0292 
_pdbx_refine_tls.S[2][2]          0.0348 
_pdbx_refine_tls.S[3][3]          -0.0056 
_pdbx_refine_tls.S[1][2]          -0.0701 
_pdbx_refine_tls.S[1][3]          -0.0370 
_pdbx_refine_tls.S[2][3]          -0.0375 
_pdbx_refine_tls.S[2][1]          0.0393 
_pdbx_refine_tls.S[3][1]          0.0479 
_pdbx_refine_tls.S[3][2]          0.0032 
_pdbx_refine_tls.pdbx_refine_id   'X-RAY DIFFRACTION' 
# 
_pdbx_refine_tls_group.id                  1 
_pdbx_refine_tls_group.refine_tls_id       1 
_pdbx_refine_tls_group.beg_auth_asym_id    A 
_pdbx_refine_tls_group.end_auth_asym_id    A 
_pdbx_refine_tls_group.end_auth_seq_id     170 
_pdbx_refine_tls_group.selection           ? 
_pdbx_refine_tls_group.beg_auth_seq_id     14 
_pdbx_refine_tls_group.beg_label_asym_id   . 
_pdbx_refine_tls_group.beg_label_seq_id    . 
_pdbx_refine_tls_group.end_label_asym_id   . 
_pdbx_refine_tls_group.end_label_seq_id    . 
_pdbx_refine_tls_group.pdbx_refine_id      'X-RAY DIFFRACTION' 
_pdbx_refine_tls_group.selection_details   ? 
# 
_phasing.method   MAD 
# 
loop_
_pdbx_unobs_or_zero_occ_residues.id 
_pdbx_unobs_or_zero_occ_residues.PDB_model_num 
_pdbx_unobs_or_zero_occ_residues.polymer_flag 
_pdbx_unobs_or_zero_occ_residues.occupancy_flag 
_pdbx_unobs_or_zero_occ_residues.auth_asym_id 
_pdbx_unobs_or_zero_occ_residues.auth_comp_id 
_pdbx_unobs_or_zero_occ_residues.auth_seq_id 
_pdbx_unobs_or_zero_occ_residues.PDB_ins_code 
_pdbx_unobs_or_zero_occ_residues.label_asym_id 
_pdbx_unobs_or_zero_occ_residues.label_comp_id 
_pdbx_unobs_or_zero_occ_residues.label_seq_id 
1  1 Y 1 A GLY 0   ? A GLY 1   
2  1 Y 1 A MSE 1   ? A MSE 2   
3  1 Y 1 A ASP 2   ? A ASP 3   
4  1 Y 1 A ILE 3   ? A ILE 4   
5  1 Y 1 A MSE 4   ? A MSE 5   
6  1 Y 1 A LEU 5   ? A LEU 6   
7  1 Y 1 A ASN 6   ? A ASN 7   
8  1 Y 1 A THR 7   ? A THR 8   
9  1 Y 1 A ALA 8   ? A ALA 9   
10 1 Y 1 A ASP 9   ? A ASP 10  
11 1 Y 1 A ILE 10  ? A ILE 11  
12 1 Y 1 A SER 11  ? A SER 12  
13 1 Y 1 A ALA 12  ? A ALA 13  
14 1 Y 1 A ALA 13  ? A ALA 14  
15 1 Y 1 A PRO 171 ? A PRO 172 
16 1 Y 1 A VAL 172 ? A VAL 173 
17 1 Y 1 A MSE 173 ? A MSE 174 
# 
loop_
_chem_comp_atom.comp_id 
_chem_comp_atom.atom_id 
_chem_comp_atom.type_symbol 
_chem_comp_atom.pdbx_aromatic_flag 
_chem_comp_atom.pdbx_stereo_config 
_chem_comp_atom.pdbx_ordinal 
ALA N    N  N N 1   
ALA CA   C  N S 2   
ALA C    C  N N 3   
ALA O    O  N N 4   
ALA CB   C  N N 5   
ALA OXT  O  N N 6   
ALA H    H  N N 7   
ALA H2   H  N N 8   
ALA HA   H  N N 9   
ALA HB1  H  N N 10  
ALA HB2  H  N N 11  
ALA HB3  H  N N 12  
ALA HXT  H  N N 13  
ARG N    N  N N 14  
ARG CA   C  N S 15  
ARG C    C  N N 16  
ARG O    O  N N 17  
ARG CB   C  N N 18  
ARG CG   C  N N 19  
ARG CD   C  N N 20  
ARG NE   N  N N 21  
ARG CZ   C  N N 22  
ARG NH1  N  N N 23  
ARG NH2  N  N N 24  
ARG OXT  O  N N 25  
ARG H    H  N N 26  
ARG H2   H  N N 27  
ARG HA   H  N N 28  
ARG HB2  H  N N 29  
ARG HB3  H  N N 30  
ARG HG2  H  N N 31  
ARG HG3  H  N N 32  
ARG HD2  H  N N 33  
ARG HD3  H  N N 34  
ARG HE   H  N N 35  
ARG HH11 H  N N 36  
ARG HH12 H  N N 37  
ARG HH21 H  N N 38  
ARG HH22 H  N N 39  
ARG HXT  H  N N 40  
ASN N    N  N N 41  
ASN CA   C  N S 42  
ASN C    C  N N 43  
ASN O    O  N N 44  
ASN CB   C  N N 45  
ASN CG   C  N N 46  
ASN OD1  O  N N 47  
ASN ND2  N  N N 48  
ASN OXT  O  N N 49  
ASN H    H  N N 50  
ASN H2   H  N N 51  
ASN HA   H  N N 52  
ASN HB2  H  N N 53  
ASN HB3  H  N N 54  
ASN HD21 H  N N 55  
ASN HD22 H  N N 56  
ASN HXT  H  N N 57  
ASP N    N  N N 58  
ASP CA   C  N S 59  
ASP C    C  N N 60  
ASP O    O  N N 61  
ASP CB   C  N N 62  
ASP CG   C  N N 63  
ASP OD1  O  N N 64  
ASP OD2  O  N N 65  
ASP OXT  O  N N 66  
ASP H    H  N N 67  
ASP H2   H  N N 68  
ASP HA   H  N N 69  
ASP HB2  H  N N 70  
ASP HB3  H  N N 71  
ASP HD2  H  N N 72  
ASP HXT  H  N N 73  
CIT C1   C  N N 74  
CIT O1   O  N N 75  
CIT O2   O  N N 76  
CIT C2   C  N N 77  
CIT C3   C  N N 78  
CIT O7   O  N N 79  
CIT C4   C  N N 80  
CIT C5   C  N N 81  
CIT O3   O  N N 82  
CIT O4   O  N N 83  
CIT C6   C  N N 84  
CIT O5   O  N N 85  
CIT O6   O  N N 86  
CIT HO2  H  N N 87  
CIT H21  H  N N 88  
CIT H22  H  N N 89  
CIT HO7  H  N N 90  
CIT H41  H  N N 91  
CIT H42  H  N N 92  
CIT HO4  H  N N 93  
CIT HO6  H  N N 94  
CYS N    N  N N 95  
CYS CA   C  N R 96  
CYS C    C  N N 97  
CYS O    O  N N 98  
CYS CB   C  N N 99  
CYS SG   S  N N 100 
CYS OXT  O  N N 101 
CYS H    H  N N 102 
CYS H2   H  N N 103 
CYS HA   H  N N 104 
CYS HB2  H  N N 105 
CYS HB3  H  N N 106 
CYS HG   H  N N 107 
CYS HXT  H  N N 108 
GLN N    N  N N 109 
GLN CA   C  N S 110 
GLN C    C  N N 111 
GLN O    O  N N 112 
GLN CB   C  N N 113 
GLN CG   C  N N 114 
GLN CD   C  N N 115 
GLN OE1  O  N N 116 
GLN NE2  N  N N 117 
GLN OXT  O  N N 118 
GLN H    H  N N 119 
GLN H2   H  N N 120 
GLN HA   H  N N 121 
GLN HB2  H  N N 122 
GLN HB3  H  N N 123 
GLN HG2  H  N N 124 
GLN HG3  H  N N 125 
GLN HE21 H  N N 126 
GLN HE22 H  N N 127 
GLN HXT  H  N N 128 
GLU N    N  N N 129 
GLU CA   C  N S 130 
GLU C    C  N N 131 
GLU O    O  N N 132 
GLU CB   C  N N 133 
GLU CG   C  N N 134 
GLU CD   C  N N 135 
GLU OE1  O  N N 136 
GLU OE2  O  N N 137 
GLU OXT  O  N N 138 
GLU H    H  N N 139 
GLU H2   H  N N 140 
GLU HA   H  N N 141 
GLU HB2  H  N N 142 
GLU HB3  H  N N 143 
GLU HG2  H  N N 144 
GLU HG3  H  N N 145 
GLU HE2  H  N N 146 
GLU HXT  H  N N 147 
GLY N    N  N N 148 
GLY CA   C  N N 149 
GLY C    C  N N 150 
GLY O    O  N N 151 
GLY OXT  O  N N 152 
GLY H    H  N N 153 
GLY H2   H  N N 154 
GLY HA2  H  N N 155 
GLY HA3  H  N N 156 
GLY HXT  H  N N 157 
GOL C1   C  N N 158 
GOL O1   O  N N 159 
GOL C2   C  N N 160 
GOL O2   O  N N 161 
GOL C3   C  N N 162 
GOL O3   O  N N 163 
GOL H11  H  N N 164 
GOL H12  H  N N 165 
GOL HO1  H  N N 166 
GOL H2   H  N N 167 
GOL HO2  H  N N 168 
GOL H31  H  N N 169 
GOL H32  H  N N 170 
GOL HO3  H  N N 171 
HIS N    N  N N 172 
HIS CA   C  N S 173 
HIS C    C  N N 174 
HIS O    O  N N 175 
HIS CB   C  N N 176 
HIS CG   C  Y N 177 
HIS ND1  N  Y N 178 
HIS CD2  C  Y N 179 
HIS CE1  C  Y N 180 
HIS NE2  N  Y N 181 
HIS OXT  O  N N 182 
HIS H    H  N N 183 
HIS H2   H  N N 184 
HIS HA   H  N N 185 
HIS HB2  H  N N 186 
HIS HB3  H  N N 187 
HIS HD1  H  N N 188 
HIS HD2  H  N N 189 
HIS HE1  H  N N 190 
HIS HE2  H  N N 191 
HIS HXT  H  N N 192 
HOH O    O  N N 193 
HOH H1   H  N N 194 
HOH H2   H  N N 195 
ILE N    N  N N 196 
ILE CA   C  N S 197 
ILE C    C  N N 198 
ILE O    O  N N 199 
ILE CB   C  N S 200 
ILE CG1  C  N N 201 
ILE CG2  C  N N 202 
ILE CD1  C  N N 203 
ILE OXT  O  N N 204 
ILE H    H  N N 205 
ILE H2   H  N N 206 
ILE HA   H  N N 207 
ILE HB   H  N N 208 
ILE HG12 H  N N 209 
ILE HG13 H  N N 210 
ILE HG21 H  N N 211 
ILE HG22 H  N N 212 
ILE HG23 H  N N 213 
ILE HD11 H  N N 214 
ILE HD12 H  N N 215 
ILE HD13 H  N N 216 
ILE HXT  H  N N 217 
LEU N    N  N N 218 
LEU CA   C  N S 219 
LEU C    C  N N 220 
LEU O    O  N N 221 
LEU CB   C  N N 222 
LEU CG   C  N N 223 
LEU CD1  C  N N 224 
LEU CD2  C  N N 225 
LEU OXT  O  N N 226 
LEU H    H  N N 227 
LEU H2   H  N N 228 
LEU HA   H  N N 229 
LEU HB2  H  N N 230 
LEU HB3  H  N N 231 
LEU HG   H  N N 232 
LEU HD11 H  N N 233 
LEU HD12 H  N N 234 
LEU HD13 H  N N 235 
LEU HD21 H  N N 236 
LEU HD22 H  N N 237 
LEU HD23 H  N N 238 
LEU HXT  H  N N 239 
LYS N    N  N N 240 
LYS CA   C  N S 241 
LYS C    C  N N 242 
LYS O    O  N N 243 
LYS CB   C  N N 244 
LYS CG   C  N N 245 
LYS CD   C  N N 246 
LYS CE   C  N N 247 
LYS NZ   N  N N 248 
LYS OXT  O  N N 249 
LYS H    H  N N 250 
LYS H2   H  N N 251 
LYS HA   H  N N 252 
LYS HB2  H  N N 253 
LYS HB3  H  N N 254 
LYS HG2  H  N N 255 
LYS HG3  H  N N 256 
LYS HD2  H  N N 257 
LYS HD3  H  N N 258 
LYS HE2  H  N N 259 
LYS HE3  H  N N 260 
LYS HZ1  H  N N 261 
LYS HZ2  H  N N 262 
LYS HZ3  H  N N 263 
LYS HXT  H  N N 264 
MSE N    N  N N 265 
MSE CA   C  N S 266 
MSE C    C  N N 267 
MSE O    O  N N 268 
MSE OXT  O  N N 269 
MSE CB   C  N N 270 
MSE CG   C  N N 271 
MSE SE   SE N N 272 
MSE CE   C  N N 273 
MSE H    H  N N 274 
MSE H2   H  N N 275 
MSE HA   H  N N 276 
MSE HXT  H  N N 277 
MSE HB2  H  N N 278 
MSE HB3  H  N N 279 
MSE HG2  H  N N 280 
MSE HG3  H  N N 281 
MSE HE1  H  N N 282 
MSE HE2  H  N N 283 
MSE HE3  H  N N 284 
PG4 O1   O  N N 285 
PG4 C1   C  N N 286 
PG4 C2   C  N N 287 
PG4 O2   O  N N 288 
PG4 C3   C  N N 289 
PG4 C4   C  N N 290 
PG4 O3   O  N N 291 
PG4 C5   C  N N 292 
PG4 C6   C  N N 293 
PG4 O4   O  N N 294 
PG4 C7   C  N N 295 
PG4 C8   C  N N 296 
PG4 O5   O  N N 297 
PG4 HO1  H  N N 298 
PG4 H11  H  N N 299 
PG4 H12  H  N N 300 
PG4 H21  H  N N 301 
PG4 H22  H  N N 302 
PG4 H31  H  N N 303 
PG4 H32  H  N N 304 
PG4 H41  H  N N 305 
PG4 H42  H  N N 306 
PG4 H51  H  N N 307 
PG4 H52  H  N N 308 
PG4 H61  H  N N 309 
PG4 H62  H  N N 310 
PG4 H71  H  N N 311 
PG4 H72  H  N N 312 
PG4 H81  H  N N 313 
PG4 H82  H  N N 314 
PG4 HO5  H  N N 315 
PHE N    N  N N 316 
PHE CA   C  N S 317 
PHE C    C  N N 318 
PHE O    O  N N 319 
PHE CB   C  N N 320 
PHE CG   C  Y N 321 
PHE CD1  C  Y N 322 
PHE CD2  C  Y N 323 
PHE CE1  C  Y N 324 
PHE CE2  C  Y N 325 
PHE CZ   C  Y N 326 
PHE OXT  O  N N 327 
PHE H    H  N N 328 
PHE H2   H  N N 329 
PHE HA   H  N N 330 
PHE HB2  H  N N 331 
PHE HB3  H  N N 332 
PHE HD1  H  N N 333 
PHE HD2  H  N N 334 
PHE HE1  H  N N 335 
PHE HE2  H  N N 336 
PHE HZ   H  N N 337 
PHE HXT  H  N N 338 
PRO N    N  N N 339 
PRO CA   C  N S 340 
PRO C    C  N N 341 
PRO O    O  N N 342 
PRO CB   C  N N 343 
PRO CG   C  N N 344 
PRO CD   C  N N 345 
PRO OXT  O  N N 346 
PRO H    H  N N 347 
PRO HA   H  N N 348 
PRO HB2  H  N N 349 
PRO HB3  H  N N 350 
PRO HG2  H  N N 351 
PRO HG3  H  N N 352 
PRO HD2  H  N N 353 
PRO HD3  H  N N 354 
PRO HXT  H  N N 355 
SER N    N  N N 356 
SER CA   C  N S 357 
SER C    C  N N 358 
SER O    O  N N 359 
SER CB   C  N N 360 
SER OG   O  N N 361 
SER OXT  O  N N 362 
SER H    H  N N 363 
SER H2   H  N N 364 
SER HA   H  N N 365 
SER HB2  H  N N 366 
SER HB3  H  N N 367 
SER HG   H  N N 368 
SER HXT  H  N N 369 
THR N    N  N N 370 
THR CA   C  N S 371 
THR C    C  N N 372 
THR O    O  N N 373 
THR CB   C  N R 374 
THR OG1  O  N N 375 
THR CG2  C  N N 376 
THR OXT  O  N N 377 
THR H    H  N N 378 
THR H2   H  N N 379 
THR HA   H  N N 380 
THR HB   H  N N 381 
THR HG1  H  N N 382 
THR HG21 H  N N 383 
THR HG22 H  N N 384 
THR HG23 H  N N 385 
THR HXT  H  N N 386 
TRP N    N  N N 387 
TRP CA   C  N S 388 
TRP C    C  N N 389 
TRP O    O  N N 390 
TRP CB   C  N N 391 
TRP CG   C  Y N 392 
TRP CD1  C  Y N 393 
TRP CD2  C  Y N 394 
TRP NE1  N  Y N 395 
TRP CE2  C  Y N 396 
TRP CE3  C  Y N 397 
TRP CZ2  C  Y N 398 
TRP CZ3  C  Y N 399 
TRP CH2  C  Y N 400 
TRP OXT  O  N N 401 
TRP H    H  N N 402 
TRP H2   H  N N 403 
TRP HA   H  N N 404 
TRP HB2  H  N N 405 
TRP HB3  H  N N 406 
TRP HD1  H  N N 407 
TRP HE1  H  N N 408 
TRP HE3  H  N N 409 
TRP HZ2  H  N N 410 
TRP HZ3  H  N N 411 
TRP HH2  H  N N 412 
TRP HXT  H  N N 413 
TYR N    N  N N 414 
TYR CA   C  N S 415 
TYR C    C  N N 416 
TYR O    O  N N 417 
TYR CB   C  N N 418 
TYR CG   C  Y N 419 
TYR CD1  C  Y N 420 
TYR CD2  C  Y N 421 
TYR CE1  C  Y N 422 
TYR CE2  C  Y N 423 
TYR CZ   C  Y N 424 
TYR OH   O  N N 425 
TYR OXT  O  N N 426 
TYR H    H  N N 427 
TYR H2   H  N N 428 
TYR HA   H  N N 429 
TYR HB2  H  N N 430 
TYR HB3  H  N N 431 
TYR HD1  H  N N 432 
TYR HD2  H  N N 433 
TYR HE1  H  N N 434 
TYR HE2  H  N N 435 
TYR HH   H  N N 436 
TYR HXT  H  N N 437 
VAL N    N  N N 438 
VAL CA   C  N S 439 
VAL C    C  N N 440 
VAL O    O  N N 441 
VAL CB   C  N N 442 
VAL CG1  C  N N 443 
VAL CG2  C  N N 444 
VAL OXT  O  N N 445 
VAL H    H  N N 446 
VAL H2   H  N N 447 
VAL HA   H  N N 448 
VAL HB   H  N N 449 
VAL HG11 H  N N 450 
VAL HG12 H  N N 451 
VAL HG13 H  N N 452 
VAL HG21 H  N N 453 
VAL HG22 H  N N 454 
VAL HG23 H  N N 455 
VAL HXT  H  N N 456 
# 
loop_
_chem_comp_bond.comp_id 
_chem_comp_bond.atom_id_1 
_chem_comp_bond.atom_id_2 
_chem_comp_bond.value_order 
_chem_comp_bond.pdbx_aromatic_flag 
_chem_comp_bond.pdbx_stereo_config 
_chem_comp_bond.pdbx_ordinal 
ALA N   CA   sing N N 1   
ALA N   H    sing N N 2   
ALA N   H2   sing N N 3   
ALA CA  C    sing N N 4   
ALA CA  CB   sing N N 5   
ALA CA  HA   sing N N 6   
ALA C   O    doub N N 7   
ALA C   OXT  sing N N 8   
ALA CB  HB1  sing N N 9   
ALA CB  HB2  sing N N 10  
ALA CB  HB3  sing N N 11  
ALA OXT HXT  sing N N 12  
ARG N   CA   sing N N 13  
ARG N   H    sing N N 14  
ARG N   H2   sing N N 15  
ARG CA  C    sing N N 16  
ARG CA  CB   sing N N 17  
ARG CA  HA   sing N N 18  
ARG C   O    doub N N 19  
ARG C   OXT  sing N N 20  
ARG CB  CG   sing N N 21  
ARG CB  HB2  sing N N 22  
ARG CB  HB3  sing N N 23  
ARG CG  CD   sing N N 24  
ARG CG  HG2  sing N N 25  
ARG CG  HG3  sing N N 26  
ARG CD  NE   sing N N 27  
ARG CD  HD2  sing N N 28  
ARG CD  HD3  sing N N 29  
ARG NE  CZ   sing N N 30  
ARG NE  HE   sing N N 31  
ARG CZ  NH1  sing N N 32  
ARG CZ  NH2  doub N N 33  
ARG NH1 HH11 sing N N 34  
ARG NH1 HH12 sing N N 35  
ARG NH2 HH21 sing N N 36  
ARG NH2 HH22 sing N N 37  
ARG OXT HXT  sing N N 38  
ASN N   CA   sing N N 39  
ASN N   H    sing N N 40  
ASN N   H2   sing N N 41  
ASN CA  C    sing N N 42  
ASN CA  CB   sing N N 43  
ASN CA  HA   sing N N 44  
ASN C   O    doub N N 45  
ASN C   OXT  sing N N 46  
ASN CB  CG   sing N N 47  
ASN CB  HB2  sing N N 48  
ASN CB  HB3  sing N N 49  
ASN CG  OD1  doub N N 50  
ASN CG  ND2  sing N N 51  
ASN ND2 HD21 sing N N 52  
ASN ND2 HD22 sing N N 53  
ASN OXT HXT  sing N N 54  
ASP N   CA   sing N N 55  
ASP N   H    sing N N 56  
ASP N   H2   sing N N 57  
ASP CA  C    sing N N 58  
ASP CA  CB   sing N N 59  
ASP CA  HA   sing N N 60  
ASP C   O    doub N N 61  
ASP C   OXT  sing N N 62  
ASP CB  CG   sing N N 63  
ASP CB  HB2  sing N N 64  
ASP CB  HB3  sing N N 65  
ASP CG  OD1  doub N N 66  
ASP CG  OD2  sing N N 67  
ASP OD2 HD2  sing N N 68  
ASP OXT HXT  sing N N 69  
CIT C1  O1   doub N N 70  
CIT C1  O2   sing N N 71  
CIT C1  C2   sing N N 72  
CIT O2  HO2  sing N N 73  
CIT C2  C3   sing N N 74  
CIT C2  H21  sing N N 75  
CIT C2  H22  sing N N 76  
CIT C3  O7   sing N N 77  
CIT C3  C4   sing N N 78  
CIT C3  C6   sing N N 79  
CIT O7  HO7  sing N N 80  
CIT C4  C5   sing N N 81  
CIT C4  H41  sing N N 82  
CIT C4  H42  sing N N 83  
CIT C5  O3   doub N N 84  
CIT C5  O4   sing N N 85  
CIT O4  HO4  sing N N 86  
CIT C6  O5   doub N N 87  
CIT C6  O6   sing N N 88  
CIT O6  HO6  sing N N 89  
CYS N   CA   sing N N 90  
CYS N   H    sing N N 91  
CYS N   H2   sing N N 92  
CYS CA  C    sing N N 93  
CYS CA  CB   sing N N 94  
CYS CA  HA   sing N N 95  
CYS C   O    doub N N 96  
CYS C   OXT  sing N N 97  
CYS CB  SG   sing N N 98  
CYS CB  HB2  sing N N 99  
CYS CB  HB3  sing N N 100 
CYS SG  HG   sing N N 101 
CYS OXT HXT  sing N N 102 
GLN N   CA   sing N N 103 
GLN N   H    sing N N 104 
GLN N   H2   sing N N 105 
GLN CA  C    sing N N 106 
GLN CA  CB   sing N N 107 
GLN CA  HA   sing N N 108 
GLN C   O    doub N N 109 
GLN C   OXT  sing N N 110 
GLN CB  CG   sing N N 111 
GLN CB  HB2  sing N N 112 
GLN CB  HB3  sing N N 113 
GLN CG  CD   sing N N 114 
GLN CG  HG2  sing N N 115 
GLN CG  HG3  sing N N 116 
GLN CD  OE1  doub N N 117 
GLN CD  NE2  sing N N 118 
GLN NE2 HE21 sing N N 119 
GLN NE2 HE22 sing N N 120 
GLN OXT HXT  sing N N 121 
GLU N   CA   sing N N 122 
GLU N   H    sing N N 123 
GLU N   H2   sing N N 124 
GLU CA  C    sing N N 125 
GLU CA  CB   sing N N 126 
GLU CA  HA   sing N N 127 
GLU C   O    doub N N 128 
GLU C   OXT  sing N N 129 
GLU CB  CG   sing N N 130 
GLU CB  HB2  sing N N 131 
GLU CB  HB3  sing N N 132 
GLU CG  CD   sing N N 133 
GLU CG  HG2  sing N N 134 
GLU CG  HG3  sing N N 135 
GLU CD  OE1  doub N N 136 
GLU CD  OE2  sing N N 137 
GLU OE2 HE2  sing N N 138 
GLU OXT HXT  sing N N 139 
GLY N   CA   sing N N 140 
GLY N   H    sing N N 141 
GLY N   H2   sing N N 142 
GLY CA  C    sing N N 143 
GLY CA  HA2  sing N N 144 
GLY CA  HA3  sing N N 145 
GLY C   O    doub N N 146 
GLY C   OXT  sing N N 147 
GLY OXT HXT  sing N N 148 
GOL C1  O1   sing N N 149 
GOL C1  C2   sing N N 150 
GOL C1  H11  sing N N 151 
GOL C1  H12  sing N N 152 
GOL O1  HO1  sing N N 153 
GOL C2  O2   sing N N 154 
GOL C2  C3   sing N N 155 
GOL C2  H2   sing N N 156 
GOL O2  HO2  sing N N 157 
GOL C3  O3   sing N N 158 
GOL C3  H31  sing N N 159 
GOL C3  H32  sing N N 160 
GOL O3  HO3  sing N N 161 
HIS N   CA   sing N N 162 
HIS N   H    sing N N 163 
HIS N   H2   sing N N 164 
HIS CA  C    sing N N 165 
HIS CA  CB   sing N N 166 
HIS CA  HA   sing N N 167 
HIS C   O    doub N N 168 
HIS C   OXT  sing N N 169 
HIS CB  CG   sing N N 170 
HIS CB  HB2  sing N N 171 
HIS CB  HB3  sing N N 172 
HIS CG  ND1  sing Y N 173 
HIS CG  CD2  doub Y N 174 
HIS ND1 CE1  doub Y N 175 
HIS ND1 HD1  sing N N 176 
HIS CD2 NE2  sing Y N 177 
HIS CD2 HD2  sing N N 178 
HIS CE1 NE2  sing Y N 179 
HIS CE1 HE1  sing N N 180 
HIS NE2 HE2  sing N N 181 
HIS OXT HXT  sing N N 182 
HOH O   H1   sing N N 183 
HOH O   H2   sing N N 184 
ILE N   CA   sing N N 185 
ILE N   H    sing N N 186 
ILE N   H2   sing N N 187 
ILE CA  C    sing N N 188 
ILE CA  CB   sing N N 189 
ILE CA  HA   sing N N 190 
ILE C   O    doub N N 191 
ILE C   OXT  sing N N 192 
ILE CB  CG1  sing N N 193 
ILE CB  CG2  sing N N 194 
ILE CB  HB   sing N N 195 
ILE CG1 CD1  sing N N 196 
ILE CG1 HG12 sing N N 197 
ILE CG1 HG13 sing N N 198 
ILE CG2 HG21 sing N N 199 
ILE CG2 HG22 sing N N 200 
ILE CG2 HG23 sing N N 201 
ILE CD1 HD11 sing N N 202 
ILE CD1 HD12 sing N N 203 
ILE CD1 HD13 sing N N 204 
ILE OXT HXT  sing N N 205 
LEU N   CA   sing N N 206 
LEU N   H    sing N N 207 
LEU N   H2   sing N N 208 
LEU CA  C    sing N N 209 
LEU CA  CB   sing N N 210 
LEU CA  HA   sing N N 211 
LEU C   O    doub N N 212 
LEU C   OXT  sing N N 213 
LEU CB  CG   sing N N 214 
LEU CB  HB2  sing N N 215 
LEU CB  HB3  sing N N 216 
LEU CG  CD1  sing N N 217 
LEU CG  CD2  sing N N 218 
LEU CG  HG   sing N N 219 
LEU CD1 HD11 sing N N 220 
LEU CD1 HD12 sing N N 221 
LEU CD1 HD13 sing N N 222 
LEU CD2 HD21 sing N N 223 
LEU CD2 HD22 sing N N 224 
LEU CD2 HD23 sing N N 225 
LEU OXT HXT  sing N N 226 
LYS N   CA   sing N N 227 
LYS N   H    sing N N 228 
LYS N   H2   sing N N 229 
LYS CA  C    sing N N 230 
LYS CA  CB   sing N N 231 
LYS CA  HA   sing N N 232 
LYS C   O    doub N N 233 
LYS C   OXT  sing N N 234 
LYS CB  CG   sing N N 235 
LYS CB  HB2  sing N N 236 
LYS CB  HB3  sing N N 237 
LYS CG  CD   sing N N 238 
LYS CG  HG2  sing N N 239 
LYS CG  HG3  sing N N 240 
LYS CD  CE   sing N N 241 
LYS CD  HD2  sing N N 242 
LYS CD  HD3  sing N N 243 
LYS CE  NZ   sing N N 244 
LYS CE  HE2  sing N N 245 
LYS CE  HE3  sing N N 246 
LYS NZ  HZ1  sing N N 247 
LYS NZ  HZ2  sing N N 248 
LYS NZ  HZ3  sing N N 249 
LYS OXT HXT  sing N N 250 
MSE N   CA   sing N N 251 
MSE N   H    sing N N 252 
MSE N   H2   sing N N 253 
MSE CA  C    sing N N 254 
MSE CA  CB   sing N N 255 
MSE CA  HA   sing N N 256 
MSE C   O    doub N N 257 
MSE C   OXT  sing N N 258 
MSE OXT HXT  sing N N 259 
MSE CB  CG   sing N N 260 
MSE CB  HB2  sing N N 261 
MSE CB  HB3  sing N N 262 
MSE CG  SE   sing N N 263 
MSE CG  HG2  sing N N 264 
MSE CG  HG3  sing N N 265 
MSE SE  CE   sing N N 266 
MSE CE  HE1  sing N N 267 
MSE CE  HE2  sing N N 268 
MSE CE  HE3  sing N N 269 
PG4 O1  C1   sing N N 270 
PG4 O1  HO1  sing N N 271 
PG4 C1  C2   sing N N 272 
PG4 C1  H11  sing N N 273 
PG4 C1  H12  sing N N 274 
PG4 C2  O2   sing N N 275 
PG4 C2  H21  sing N N 276 
PG4 C2  H22  sing N N 277 
PG4 O2  C3   sing N N 278 
PG4 C3  C4   sing N N 279 
PG4 C3  H31  sing N N 280 
PG4 C3  H32  sing N N 281 
PG4 C4  O3   sing N N 282 
PG4 C4  H41  sing N N 283 
PG4 C4  H42  sing N N 284 
PG4 O3  C5   sing N N 285 
PG4 C5  C6   sing N N 286 
PG4 C5  H51  sing N N 287 
PG4 C5  H52  sing N N 288 
PG4 C6  O4   sing N N 289 
PG4 C6  H61  sing N N 290 
PG4 C6  H62  sing N N 291 
PG4 O4  C7   sing N N 292 
PG4 C7  C8   sing N N 293 
PG4 C7  H71  sing N N 294 
PG4 C7  H72  sing N N 295 
PG4 C8  O5   sing N N 296 
PG4 C8  H81  sing N N 297 
PG4 C8  H82  sing N N 298 
PG4 O5  HO5  sing N N 299 
PHE N   CA   sing N N 300 
PHE N   H    sing N N 301 
PHE N   H2   sing N N 302 
PHE CA  C    sing N N 303 
PHE CA  CB   sing N N 304 
PHE CA  HA   sing N N 305 
PHE C   O    doub N N 306 
PHE C   OXT  sing N N 307 
PHE CB  CG   sing N N 308 
PHE CB  HB2  sing N N 309 
PHE CB  HB3  sing N N 310 
PHE CG  CD1  doub Y N 311 
PHE CG  CD2  sing Y N 312 
PHE CD1 CE1  sing Y N 313 
PHE CD1 HD1  sing N N 314 
PHE CD2 CE2  doub Y N 315 
PHE CD2 HD2  sing N N 316 
PHE CE1 CZ   doub Y N 317 
PHE CE1 HE1  sing N N 318 
PHE CE2 CZ   sing Y N 319 
PHE CE2 HE2  sing N N 320 
PHE CZ  HZ   sing N N 321 
PHE OXT HXT  sing N N 322 
PRO N   CA   sing N N 323 
PRO N   CD   sing N N 324 
PRO N   H    sing N N 325 
PRO CA  C    sing N N 326 
PRO CA  CB   sing N N 327 
PRO CA  HA   sing N N 328 
PRO C   O    doub N N 329 
PRO C   OXT  sing N N 330 
PRO CB  CG   sing N N 331 
PRO CB  HB2  sing N N 332 
PRO CB  HB3  sing N N 333 
PRO CG  CD   sing N N 334 
PRO CG  HG2  sing N N 335 
PRO CG  HG3  sing N N 336 
PRO CD  HD2  sing N N 337 
PRO CD  HD3  sing N N 338 
PRO OXT HXT  sing N N 339 
SER N   CA   sing N N 340 
SER N   H    sing N N 341 
SER N   H2   sing N N 342 
SER CA  C    sing N N 343 
SER CA  CB   sing N N 344 
SER CA  HA   sing N N 345 
SER C   O    doub N N 346 
SER C   OXT  sing N N 347 
SER CB  OG   sing N N 348 
SER CB  HB2  sing N N 349 
SER CB  HB3  sing N N 350 
SER OG  HG   sing N N 351 
SER OXT HXT  sing N N 352 
THR N   CA   sing N N 353 
THR N   H    sing N N 354 
THR N   H2   sing N N 355 
THR CA  C    sing N N 356 
THR CA  CB   sing N N 357 
THR CA  HA   sing N N 358 
THR C   O    doub N N 359 
THR C   OXT  sing N N 360 
THR CB  OG1  sing N N 361 
THR CB  CG2  sing N N 362 
THR CB  HB   sing N N 363 
THR OG1 HG1  sing N N 364 
THR CG2 HG21 sing N N 365 
THR CG2 HG22 sing N N 366 
THR CG2 HG23 sing N N 367 
THR OXT HXT  sing N N 368 
TRP N   CA   sing N N 369 
TRP N   H    sing N N 370 
TRP N   H2   sing N N 371 
TRP CA  C    sing N N 372 
TRP CA  CB   sing N N 373 
TRP CA  HA   sing N N 374 
TRP C   O    doub N N 375 
TRP C   OXT  sing N N 376 
TRP CB  CG   sing N N 377 
TRP CB  HB2  sing N N 378 
TRP CB  HB3  sing N N 379 
TRP CG  CD1  doub Y N 380 
TRP CG  CD2  sing Y N 381 
TRP CD1 NE1  sing Y N 382 
TRP CD1 HD1  sing N N 383 
TRP CD2 CE2  doub Y N 384 
TRP CD2 CE3  sing Y N 385 
TRP NE1 CE2  sing Y N 386 
TRP NE1 HE1  sing N N 387 
TRP CE2 CZ2  sing Y N 388 
TRP CE3 CZ3  doub Y N 389 
TRP CE3 HE3  sing N N 390 
TRP CZ2 CH2  doub Y N 391 
TRP CZ2 HZ2  sing N N 392 
TRP CZ3 CH2  sing Y N 393 
TRP CZ3 HZ3  sing N N 394 
TRP CH2 HH2  sing N N 395 
TRP OXT HXT  sing N N 396 
TYR N   CA   sing N N 397 
TYR N   H    sing N N 398 
TYR N   H2   sing N N 399 
TYR CA  C    sing N N 400 
TYR CA  CB   sing N N 401 
TYR CA  HA   sing N N 402 
TYR C   O    doub N N 403 
TYR C   OXT  sing N N 404 
TYR CB  CG   sing N N 405 
TYR CB  HB2  sing N N 406 
TYR CB  HB3  sing N N 407 
TYR CG  CD1  doub Y N 408 
TYR CG  CD2  sing Y N 409 
TYR CD1 CE1  sing Y N 410 
TYR CD1 HD1  sing N N 411 
TYR CD2 CE2  doub Y N 412 
TYR CD2 HD2  sing N N 413 
TYR CE1 CZ   doub Y N 414 
TYR CE1 HE1  sing N N 415 
TYR CE2 CZ   sing Y N 416 
TYR CE2 HE2  sing N N 417 
TYR CZ  OH   sing N N 418 
TYR OH  HH   sing N N 419 
TYR OXT HXT  sing N N 420 
VAL N   CA   sing N N 421 
VAL N   H    sing N N 422 
VAL N   H2   sing N N 423 
VAL CA  C    sing N N 424 
VAL CA  CB   sing N N 425 
VAL CA  HA   sing N N 426 
VAL C   O    doub N N 427 
VAL C   OXT  sing N N 428 
VAL CB  CG1  sing N N 429 
VAL CB  CG2  sing N N 430 
VAL CB  HB   sing N N 431 
VAL CG1 HG11 sing N N 432 
VAL CG1 HG12 sing N N 433 
VAL CG1 HG13 sing N N 434 
VAL CG2 HG21 sing N N 435 
VAL CG2 HG22 sing N N 436 
VAL CG2 HG23 sing N N 437 
VAL OXT HXT  sing N N 438 
# 
_atom_sites.entry_id                    3EJK 
_atom_sites.fract_transf_matrix[1][1]   -0.00210463 
_atom_sites.fract_transf_matrix[1][2]   -0.00928144 
_atom_sites.fract_transf_matrix[1][3]   -0.00767466 
_atom_sites.fract_transf_matrix[2][1]   -0.00764872 
_atom_sites.fract_transf_matrix[2][2]   -0.00442650 
_atom_sites.fract_transf_matrix[2][3]   0.00745075 
_atom_sites.fract_transf_matrix[3][1]   -0.01421367 
_atom_sites.fract_transf_matrix[3][2]   0.01025203 
_atom_sites.fract_transf_matrix[3][3]   -0.00850058 
_atom_sites.fract_transf_vector[1]      0.103204 
_atom_sites.fract_transf_vector[2]      0.171339 
_atom_sites.fract_transf_vector[3]      0.047116 
# 
loop_
_atom_type.symbol 
C  
N  
O  
S  
SE 
# 
loop_
_atom_site.group_PDB 
_atom_site.id 
_atom_site.type_symbol 
_atom_site.label_atom_id 
_atom_site.label_alt_id 
_atom_site.label_comp_id 
_atom_site.label_asym_id 
_atom_site.label_entity_id 
_atom_site.label_seq_id 
_atom_site.pdbx_PDB_ins_code 
_atom_site.Cartn_x 
_atom_site.Cartn_y 
_atom_site.Cartn_z 
_atom_site.occupancy 
_atom_site.B_iso_or_equiv 
_atom_site.pdbx_formal_charge 
_atom_site.auth_seq_id 
_atom_site.auth_comp_id 
_atom_site.auth_asym_id 
_atom_site.auth_atom_id 
_atom_site.pdbx_PDB_model_num 
ATOM   1    N  N   . ALA A 1 15  ? 13.756  5.681   6.251   1.00 35.62 ? 14  ALA A N   1 
ATOM   2    C  CA  . ALA A 1 15  ? 12.767  4.696   5.727   1.00 33.92 ? 14  ALA A CA  1 
ATOM   3    C  C   . ALA A 1 15  ? 13.203  3.284   6.013   1.00 33.66 ? 14  ALA A C   1 
ATOM   4    O  O   . ALA A 1 15  ? 14.363  2.933   5.895   1.00 35.26 ? 14  ALA A O   1 
ATOM   5    C  CB  . ALA A 1 15  ? 12.572  4.876   4.235   1.00 33.64 ? 14  ALA A CB  1 
ATOM   6    N  N   . ILE A 1 16  ? 12.223  2.487   6.377   1.00 32.36 ? 15  ILE A N   1 
ATOM   7    C  CA  . ILE A 1 16  ? 12.403  1.071   6.665   1.00 31.24 ? 15  ILE A CA  1 
ATOM   8    C  C   . ILE A 1 16  ? 12.242  0.267   5.401   1.00 29.98 ? 15  ILE A C   1 
ATOM   9    O  O   . ILE A 1 16  ? 11.287  0.430   4.664   1.00 27.90 ? 15  ILE A O   1 
ATOM   10   C  CB  . ILE A 1 16  ? 11.350  0.578   7.693   1.00 31.07 ? 15  ILE A CB  1 
ATOM   11   C  CG1 . ILE A 1 16  ? 11.592  1.249   9.041   1.00 35.45 ? 15  ILE A CG1 1 
ATOM   12   C  CG2 . ILE A 1 16  ? 11.417  -0.915  7.846   1.00 34.72 ? 15  ILE A CG2 1 
ATOM   13   C  CD1 . ILE A 1 16  ? 13.000  1.038   9.558   1.00 38.18 ? 15  ILE A CD1 1 
ATOM   14   N  N   . LEU A 1 17  ? 13.191  -0.619  5.170   1.00 30.25 ? 16  LEU A N   1 
ATOM   15   C  CA  . LEU A 1 17  ? 13.154  -1.499  4.009   1.00 31.79 ? 16  LEU A CA  1 
ATOM   16   C  C   . LEU A 1 17  ? 12.346  -2.708  4.430   1.00 31.65 ? 16  LEU A C   1 
ATOM   17   O  O   . LEU A 1 17  ? 12.208  -2.991  5.618   1.00 33.54 ? 16  LEU A O   1 
ATOM   18   C  CB  . LEU A 1 17  ? 14.553  -1.890  3.514   1.00 31.77 ? 16  LEU A CB  1 
ATOM   19   C  CG  . LEU A 1 17  ? 15.390  -0.666  3.124   1.00 36.51 ? 16  LEU A CG  1 
ATOM   20   C  CD1 . LEU A 1 17  ? 16.620  -1.079  2.337   1.00 38.79 ? 16  LEU A CD1 1 
ATOM   21   C  CD2 . LEU A 1 17  ? 14.532  0.311   2.315   1.00 40.70 ? 16  LEU A CD2 1 
ATOM   22   N  N   . LEU A 1 18  ? 11.781  -3.376  3.439   1.00 30.18 ? 17  LEU A N   1 
ATOM   23   C  CA  . LEU A 1 18  ? 10.917  -4.534  3.662   1.00 27.71 ? 17  LEU A CA  1 
ATOM   24   C  C   . LEU A 1 18  ? 11.505  -5.716  2.929   1.00 27.63 ? 17  LEU A C   1 
ATOM   25   O  O   . LEU A 1 18  ? 12.452  -5.546  2.162   1.00 28.31 ? 17  LEU A O   1 
ATOM   26   C  CB  . LEU A 1 18  ? 9.520   -4.221  3.174   1.00 25.96 ? 17  LEU A CB  1 
ATOM   27   C  CG  . LEU A 1 18  ? 8.776   -3.112  3.911   1.00 28.68 ? 17  LEU A CG  1 
ATOM   28   C  CD1 . LEU A 1 18  ? 7.576   -2.617  3.084   1.00 23.38 ? 17  LEU A CD1 1 
ATOM   29   C  CD2 . LEU A 1 18  ? 8.357   -3.607  5.299   1.00 31.47 ? 17  LEU A CD2 1 
ATOM   30   N  N   . PRO A 1 19  ? 10.960  -6.915  3.153   1.00 26.83 ? 18  PRO A N   1 
ATOM   31   C  CA  . PRO A 1 19  ? 11.563  -8.096  2.559   1.00 26.02 ? 18  PRO A CA  1 
ATOM   32   C  C   . PRO A 1 19  ? 11.374  -8.194  1.062   1.00 24.91 ? 18  PRO A C   1 
ATOM   33   O  O   . PRO A 1 19  ? 11.865  -9.128  0.439   1.00 24.38 ? 18  PRO A O   1 
ATOM   34   C  CB  . PRO A 1 19  ? 10.866  -9.246  3.280   1.00 26.77 ? 18  PRO A CB  1 
ATOM   35   C  CG  . PRO A 1 19  ? 10.416  -8.640  4.572   1.00 27.74 ? 18  PRO A CG  1 
ATOM   36   C  CD  . PRO A 1 19  ? 9.978   -7.274  4.183   1.00 27.32 ? 18  PRO A CD  1 
ATOM   37   N  N   . VAL A 1 20  ? 10.648  -7.238  0.506   1.00 24.27 ? 19  VAL A N   1 
ATOM   38   C  CA  . VAL A 1 20  ? 10.496  -7.149  -0.955  1.00 23.13 ? 19  VAL A CA  1 
ATOM   39   C  C   . VAL A 1 20  ? 11.315  -5.933  -1.368  1.00 22.88 ? 19  VAL A C   1 
ATOM   40   O  O   . VAL A 1 20  ? 11.100  -4.825  -0.874  1.00 23.21 ? 19  VAL A O   1 
ATOM   41   C  CB  . VAL A 1 20  ? 9.029   -7.022  -1.477  1.00 23.79 ? 19  VAL A CB  1 
ATOM   42   C  CG1 . VAL A 1 20  ? 9.030   -6.641  -2.953  1.00 21.89 ? 19  VAL A CG1 1 
ATOM   43   C  CG2 . VAL A 1 20  ? 8.256   -8.334  -1.297  1.00 21.96 ? 19  VAL A CG2 1 
ATOM   44   N  N   . GLU A 1 21  ? 12.273  -6.181  -2.256  1.00 22.16 ? 20  GLU A N   1 
ATOM   45   C  CA  A GLU A 1 21  ? 13.176  -5.148  -2.768  0.50 22.36 ? 20  GLU A CA  1 
ATOM   46   C  CA  B GLU A 1 21  ? 13.182  -5.138  -2.715  0.50 22.70 ? 20  GLU A CA  1 
ATOM   47   C  C   . GLU A 1 21  ? 12.423  -3.954  -3.299  1.00 22.53 ? 20  GLU A C   1 
ATOM   48   O  O   . GLU A 1 21  ? 11.517  -4.093  -4.129  1.00 22.82 ? 20  GLU A O   1 
ATOM   49   C  CB  A GLU A 1 21  ? 14.061  -5.706  -3.894  0.50 22.21 ? 20  GLU A CB  1 
ATOM   50   C  CB  B GLU A 1 21  ? 14.216  -5.681  -3.718  0.50 22.70 ? 20  GLU A CB  1 
ATOM   51   C  CG  A GLU A 1 21  ? 14.991  -4.671  -4.484  0.50 20.90 ? 20  GLU A CG  1 
ATOM   52   C  CG  B GLU A 1 21  ? 15.392  -4.746  -3.939  0.50 24.18 ? 20  GLU A CG  1 
ATOM   53   C  CD  A GLU A 1 21  ? 16.086  -4.297  -3.515  0.50 23.17 ? 20  GLU A CD  1 
ATOM   54   C  CD  B GLU A 1 21  ? 14.980  -3.419  -4.521  0.50 24.60 ? 20  GLU A CD  1 
ATOM   55   O  OE1 A GLU A 1 21  ? 16.868  -5.198  -3.155  0.50 26.03 ? 20  GLU A OE1 1 
ATOM   56   O  OE1 B GLU A 1 21  ? 14.151  -3.429  -5.440  0.50 29.72 ? 20  GLU A OE1 1 
ATOM   57   O  OE2 A GLU A 1 21  ? 16.172  -3.118  -3.120  0.50 25.06 ? 20  GLU A OE2 1 
ATOM   58   O  OE2 B GLU A 1 21  ? 15.492  -2.371  -4.077  0.50 25.03 ? 20  GLU A OE2 1 
ATOM   59   N  N   . GLY A 1 22  ? 12.832  -2.801  -2.819  1.00 22.26 ? 21  GLY A N   1 
ATOM   60   C  CA  . GLY A 1 22  ? 12.293  -1.514  -3.230  1.00 21.98 ? 21  GLY A CA  1 
ATOM   61   C  C   . GLY A 1 22  ? 11.088  -1.040  -2.450  1.00 22.29 ? 21  GLY A C   1 
ATOM   62   O  O   . GLY A 1 22  ? 10.696  0.129   -2.526  1.00 22.84 ? 21  GLY A O   1 
ATOM   63   N  N   . ALA A 1 23  ? 10.457  -1.968  -1.745  1.00 21.46 ? 22  ALA A N   1 
ATOM   64   C  CA  . ALA A 1 23  ? 9.291   -1.615  -0.924  1.00 22.08 ? 22  ALA A CA  1 
ATOM   65   C  C   . ALA A 1 23  ? 9.839   -0.925  0.328   1.00 22.35 ? 22  ALA A C   1 
ATOM   66   O  O   . ALA A 1 23  ? 10.811  -1.371  0.938   1.00 25.36 ? 22  ALA A O   1 
ATOM   67   C  CB  . ALA A 1 23  ? 8.474   -2.819  -0.577  1.00 21.60 ? 22  ALA A CB  1 
ATOM   68   N  N   . GLN A 1 24  ? 9.245   0.201   0.675   1.00 23.08 ? 23  GLN A N   1 
ATOM   69   C  CA  . GLN A 1 24  ? 9.717   0.978   1.820   1.00 23.13 ? 23  GLN A CA  1 
ATOM   70   C  C   . GLN A 1 24  ? 8.590   1.504   2.648   1.00 22.88 ? 23  GLN A C   1 
ATOM   71   O  O   . GLN A 1 24  ? 7.498   1.749   2.176   1.00 23.10 ? 23  GLN A O   1 
ATOM   72   C  CB  . GLN A 1 24  ? 10.548  2.173   1.356   1.00 24.47 ? 23  GLN A CB  1 
ATOM   73   C  CG  . GLN A 1 24  ? 11.745  1.852   0.504   1.00 24.66 ? 23  GLN A CG  1 
ATOM   74   C  CD  . GLN A 1 24  ? 12.429  3.120   0.026   1.00 32.23 ? 23  GLN A CD  1 
ATOM   75   O  OE1 . GLN A 1 24  ? 11.890  4.216   0.167   1.00 28.92 ? 23  GLN A OE1 1 
ATOM   76   N  NE2 . GLN A 1 24  ? 13.611  2.977   -0.546  1.00 33.66 ? 23  GLN A NE2 1 
ATOM   77   N  N   . LEU A 1 25  ? 8.908   1.710   3.908   1.00 24.35 ? 24  LEU A N   1 
ATOM   78   C  CA  . LEU A 1 25  ? 7.960   2.202   4.872   1.00 24.12 ? 24  LEU A CA  1 
ATOM   79   C  C   . LEU A 1 25  ? 8.579   3.386   5.592   1.00 24.75 ? 24  LEU A C   1 
ATOM   80   O  O   . LEU A 1 25  ? 9.688   3.298   6.121   1.00 23.63 ? 24  LEU A O   1 
ATOM   81   C  CB  . LEU A 1 25  ? 7.662   1.048   5.810   1.00 25.80 ? 24  LEU A CB  1 
ATOM   82   C  CG  . LEU A 1 25  ? 6.334   0.870   6.499   1.00 29.95 ? 24  LEU A CG  1 
ATOM   83   C  CD1 . LEU A 1 25  ? 5.213   0.893   5.476   1.00 20.93 ? 24  LEU A CD1 1 
ATOM   84   C  CD2 . LEU A 1 25  ? 6.426   -0.485  7.247   1.00 27.65 ? 24  LEU A CD2 1 
ATOM   85   N  N   . SER A 1 26  ? 7.884   4.513   5.563   1.00 24.04 ? 25  SER A N   1 
ATOM   86   C  CA  . SER A 1 26  ? 8.388   5.696   6.232   1.00 23.93 ? 25  SER A CA  1 
ATOM   87   C  C   . SER A 1 26  ? 7.361   6.337   7.144   1.00 25.60 ? 25  SER A C   1 
ATOM   88   O  O   . SER A 1 26  ? 6.146   6.239   6.944   1.00 24.19 ? 25  SER A O   1 
ATOM   89   C  CB  . SER A 1 26  ? 8.919   6.710   5.209   1.00 23.99 ? 25  SER A CB  1 
ATOM   90   O  OG  . SER A 1 26  ? 7.943   7.063   4.245   1.00 25.50 ? 25  SER A OG  1 
ATOM   91   N  N   . GLU A 1 27  ? 7.891   6.968   8.177   1.00 27.35 ? 26  GLU A N   1 
ATOM   92   C  CA  . GLU A 1 27  ? 7.079   7.690   9.160   1.00 28.99 ? 26  GLU A CA  1 
ATOM   93   C  C   . GLU A 1 27  ? 6.358   8.879   8.587   1.00 27.11 ? 26  GLU A C   1 
ATOM   94   O  O   . GLU A 1 27  ? 6.880   9.620   7.753   1.00 27.98 ? 26  GLU A O   1 
ATOM   95   C  CB  . GLU A 1 27  ? 7.924   8.165   10.345  1.00 31.91 ? 26  GLU A CB  1 
ATOM   96   C  CG  . GLU A 1 27  ? 8.260   7.030   11.280  1.00 40.06 ? 26  GLU A CG  1 
ATOM   97   C  CD  . GLU A 1 27  ? 7.011   6.316   11.765  1.00 48.80 ? 26  GLU A CD  1 
ATOM   98   O  OE1 . GLU A 1 27  ? 5.875   6.838   11.549  1.00 56.07 ? 26  GLU A OE1 1 
ATOM   99   O  OE2 . GLU A 1 27  ? 7.173   5.229   12.357  1.00 54.59 ? 26  GLU A OE2 1 
ATOM   100  N  N   . LEU A 1 28  ? 5.126   9.016   9.057   1.00 25.95 ? 27  LEU A N   1 
ATOM   101  C  CA  . LEU A 1 28  ? 4.252   10.146  8.745   1.00 25.35 ? 27  LEU A CA  1 
ATOM   102  C  C   . LEU A 1 28  ? 3.828   10.835  10.039  1.00 25.99 ? 27  LEU A C   1 
ATOM   103  O  O   . LEU A 1 28  ? 3.327   10.196  10.971  1.00 26.04 ? 27  LEU A O   1 
ATOM   104  C  CB  . LEU A 1 28  ? 2.998   9.701   7.979   1.00 24.76 ? 27  LEU A CB  1 
ATOM   105  C  CG  . LEU A 1 28  ? 3.168   9.239   6.543   1.00 22.65 ? 27  LEU A CG  1 
ATOM   106  C  CD1 . LEU A 1 28  ? 1.800   8.713   5.966   1.00 22.22 ? 27  LEU A CD1 1 
ATOM   107  C  CD2 . LEU A 1 28  ? 3.752   10.372  5.717   1.00 21.59 ? 27  LEU A CD2 1 
ATOM   108  N  N   . ARG A 1 29  ? 3.991   12.150  10.067  1.00 25.21 ? 28  ARG A N   1 
ATOM   109  C  CA  . ARG A 1 29  ? 3.666   12.924  11.262  1.00 26.74 ? 28  ARG A CA  1 
ATOM   110  C  C   . ARG A 1 29  ? 2.186   13.165  11.407  1.00 24.65 ? 28  ARG A C   1 
ATOM   111  O  O   . ARG A 1 29  ? 1.476   13.408  10.433  1.00 23.29 ? 28  ARG A O   1 
ATOM   112  C  CB  . ARG A 1 29  ? 4.366   14.283  11.256  1.00 28.11 ? 28  ARG A CB  1 
ATOM   113  C  CG  . ARG A 1 29  ? 4.676   14.786  12.648  1.00 39.39 ? 28  ARG A CG  1 
ATOM   114  C  CD  . ARG A 1 29  ? 5.087   16.241  12.638  1.00 47.29 ? 28  ARG A CD  1 
ATOM   115  N  NE  . ARG A 1 29  ? 5.952   16.551  11.505  1.00 54.03 ? 28  ARG A NE  1 
ATOM   116  C  CZ  . ARG A 1 29  ? 6.241   17.790  11.118  1.00 59.37 ? 28  ARG A CZ  1 
ATOM   117  N  NH1 . ARG A 1 29  ? 5.729   18.817  11.789  1.00 59.84 ? 28  ARG A NH1 1 
ATOM   118  N  NH2 . ARG A 1 29  ? 7.028   18.005  10.067  1.00 59.81 ? 28  ARG A NH2 1 
ATOM   119  N  N   . GLN A 1 30  ? 1.735   13.056  12.649  1.00 24.13 ? 29  GLN A N   1 
ATOM   120  C  CA  . GLN A 1 30  ? 0.362   13.430  13.029  1.00 24.14 ? 29  GLN A CA  1 
ATOM   121  C  C   . GLN A 1 30  ? 0.494   14.655  13.933  1.00 23.42 ? 29  GLN A C   1 
ATOM   122  O  O   . GLN A 1 30  ? 1.085   14.588  15.012  1.00 24.80 ? 29  GLN A O   1 
ATOM   123  C  CB  . GLN A 1 30  ? -0.371  12.295  13.759  1.00 24.04 ? 29  GLN A CB  1 
ATOM   124  C  CG  . GLN A 1 30  ? -0.380  10.958  13.005  1.00 24.97 ? 29  GLN A CG  1 
ATOM   125  C  CD  . GLN A 1 30  ? -1.017  9.817   13.795  1.00 24.19 ? 29  GLN A CD  1 
ATOM   126  O  OE1 . GLN A 1 30  ? -2.175  9.888   14.213  1.00 33.13 ? 29  GLN A OE1 1 
ATOM   127  N  NE2 . GLN A 1 30  ? -0.260  8.756   13.993  1.00 29.76 ? 29  GLN A NE2 1 
ATOM   128  N  N   . ILE A 1 31  ? -0.019  15.788  13.477  1.00 21.50 ? 30  ILE A N   1 
ATOM   129  C  CA  . ILE A 1 31  ? 0.077   17.012  14.249  1.00 20.93 ? 30  ILE A CA  1 
ATOM   130  C  C   . ILE A 1 31  ? -1.178  17.163  15.127  1.00 21.30 ? 30  ILE A C   1 
ATOM   131  O  O   . ILE A 1 31  ? -2.296  17.226  14.624  1.00 21.38 ? 30  ILE A O   1 
ATOM   132  C  CB  . ILE A 1 31  ? 0.251   18.275  13.369  1.00 20.62 ? 30  ILE A CB  1 
ATOM   133  C  CG1 . ILE A 1 31  ? 1.344   18.075  12.316  1.00 22.70 ? 30  ILE A CG1 1 
ATOM   134  C  CG2 . ILE A 1 31  ? 0.544   19.505  14.233  1.00 19.64 ? 30  ILE A CG2 1 
ATOM   135  C  CD1 . ILE A 1 31  ? 2.614   17.511  12.868  1.00 28.77 ? 30  ILE A CD1 1 
ATOM   136  N  N   . PRO A 1 32  ? -1.000  17.190  16.449  1.00 20.65 ? 31  PRO A N   1 
ATOM   137  C  CA  . PRO A 1 32  ? -2.200  17.378  17.245  1.00 21.21 ? 31  PRO A CA  1 
ATOM   138  C  C   . PRO A 1 32  ? -2.764  18.763  17.065  1.00 20.43 ? 31  PRO A C   1 
ATOM   139  O  O   . PRO A 1 32  ? -2.018  19.717  16.892  1.00 19.83 ? 31  PRO A O   1 
ATOM   140  C  CB  . PRO A 1 32  ? -1.710  17.200  18.690  1.00 21.37 ? 31  PRO A CB  1 
ATOM   141  C  CG  . PRO A 1 32  ? -0.340  16.580  18.582  1.00 22.55 ? 31  PRO A CG  1 
ATOM   142  C  CD  . PRO A 1 32  ? 0.207   17.014  17.274  1.00 21.06 ? 31  PRO A CD  1 
ATOM   143  N  N   . ALA A 1 33  ? -4.090  18.837  17.075  1.00 20.09 ? 32  ALA A N   1 
ATOM   144  C  CA  . ALA A 1 33  ? -4.811  20.103  16.932  1.00 19.11 ? 32  ALA A CA  1 
ATOM   145  C  C   . ALA A 1 33  ? -6.261  20.015  17.402  1.00 18.18 ? 32  ALA A C   1 
ATOM   146  O  O   . ALA A 1 33  ? -6.897  18.965  17.333  1.00 17.14 ? 32  ALA A O   1 
ATOM   147  C  CB  . ALA A 1 33  ? -4.760  20.550  15.486  1.00 18.98 ? 32  ALA A CB  1 
ATOM   148  N  N   . GLU A 1 34  ? -6.778  21.133  17.880  1.00 17.69 ? 33  GLU A N   1 
ATOM   149  C  CA  . GLU A 1 34  ? -8.175  21.163  18.355  1.00 17.75 ? 33  GLU A CA  1 
ATOM   150  C  C   . GLU A 1 34  ? -9.126  20.855  17.216  1.00 17.74 ? 33  GLU A C   1 
ATOM   151  O  O   . GLU A 1 34  ? -9.038  21.409  16.144  1.00 17.02 ? 33  GLU A O   1 
ATOM   152  C  CB  . GLU A 1 34  ? -8.515  22.476  19.028  1.00 18.54 ? 33  GLU A CB  1 
ATOM   153  C  CG  . GLU A 1 34  ? -8.020  22.558  20.475  1.00 23.71 ? 33  GLU A CG  1 
ATOM   154  C  CD  . GLU A 1 34  ? -8.887  21.746  21.479  1.00 27.65 ? 33  GLU A CD  1 
ATOM   155  O  OE1 . GLU A 1 34  ? -9.573  20.794  21.091  1.00 31.76 ? 33  GLU A OE1 1 
ATOM   156  O  OE2 . GLU A 1 34  ? -8.874  22.063  22.671  1.00 32.52 ? 33  GLU A OE2 1 
ATOM   157  N  N   . GLY A 1 35  ? -9.990  19.892  17.457  1.00 17.91 ? 34  GLY A N   1 
ATOM   158  C  CA  . GLY A 1 35  ? -11.005 19.513  16.485  1.00 18.54 ? 34  GLY A CA  1 
ATOM   159  C  C   . GLY A 1 35  ? -10.594 18.251  15.812  1.00 17.72 ? 34  GLY A C   1 
ATOM   160  O  O   . GLY A 1 35  ? -11.401 17.546  15.226  1.00 19.09 ? 34  GLY A O   1 
ATOM   161  N  N   . GLY A 1 36  ? -9.311  17.974  15.909  1.00 17.05 ? 35  GLY A N   1 
ATOM   162  C  CA  . GLY A 1 36  ? -8.763  16.753  15.315  1.00 16.68 ? 35  GLY A CA  1 
ATOM   163  C  C   . GLY A 1 36  ? -7.403  16.949  14.686  1.00 17.95 ? 35  GLY A C   1 
ATOM   164  O  O   . GLY A 1 36  ? -7.055  18.041  14.278  1.00 18.56 ? 35  GLY A O   1 
ATOM   165  N  N   . PRO A 1 37  ? -6.640  15.864  14.554  1.00 18.81 ? 36  PRO A N   1 
ATOM   166  C  CA  . PRO A 1 37  ? -5.293  16.062  14.072  1.00 19.54 ? 36  PRO A CA  1 
ATOM   167  C  C   . PRO A 1 37  ? -5.142  16.262  12.596  1.00 19.08 ? 36  PRO A C   1 
ATOM   168  O  O   . PRO A 1 37  ? -6.002  15.905  11.792  1.00 20.54 ? 36  PRO A O   1 
ATOM   169  C  CB  . PRO A 1 37  ? -4.596  14.753  14.479  1.00 20.61 ? 36  PRO A CB  1 
ATOM   170  C  CG  . PRO A 1 37  ? -5.687  13.733  14.421  1.00 17.95 ? 36  PRO A CG  1 
ATOM   171  C  CD  . PRO A 1 37  ? -6.878  14.472  14.979  1.00 18.23 ? 36  PRO A CD  1 
ATOM   172  N  N   . VAL A 1 38  ? -4.007  16.866  12.291  1.00 19.96 ? 37  VAL A N   1 
ATOM   173  C  CA  . VAL A 1 38  ? -3.535  17.043  10.916  1.00 20.01 ? 37  VAL A CA  1 
ATOM   174  C  C   . VAL A 1 38  ? -2.600  15.873  10.639  1.00 20.22 ? 37  VAL A C   1 
ATOM   175  O  O   . VAL A 1 38  ? -1.685  15.561  11.424  1.00 19.84 ? 37  VAL A O   1 
ATOM   176  C  CB  . VAL A 1 38  ? -2.814  18.381  10.728  1.00 20.38 ? 37  VAL A CB  1 
ATOM   177  C  CG1 . VAL A 1 38  ? -2.104  18.435  9.402   1.00 20.78 ? 37  VAL A CG1 1 
ATOM   178  C  CG2 . VAL A 1 38  ? -3.805  19.550  10.893  1.00 20.49 ? 37  VAL A CG2 1 
ATOM   179  N  N   . LEU A 1 39  ? -2.871  15.211  9.532   1.00 20.21 ? 38  LEU A N   1 
ATOM   180  C  CA  . LEU A 1 39  ? -2.118  14.043  9.127   1.00 20.97 ? 38  LEU A CA  1 
ATOM   181  C  C   . LEU A 1 39  ? -1.347  14.293  7.852   1.00 22.06 ? 38  LEU A C   1 
ATOM   182  O  O   . LEU A 1 39  ? -1.922  14.549  6.796   1.00 22.50 ? 38  LEU A O   1 
ATOM   183  C  CB  . LEU A 1 39  ? -3.069  12.874  8.927   1.00 21.30 ? 38  LEU A CB  1 
ATOM   184  C  CG  . LEU A 1 39  ? -4.068  12.647  10.061  1.00 20.48 ? 38  LEU A CG  1 
ATOM   185  C  CD1 . LEU A 1 39  ? -5.093  11.601  9.678   1.00 26.69 ? 38  LEU A CD1 1 
ATOM   186  C  CD2 . LEU A 1 39  ? -3.295  12.263  11.325  1.00 18.01 ? 38  LEU A CD2 1 
ATOM   187  N  N   . HIS A 1 40  ? -0.029  14.207  7.954   1.00 22.75 ? 39  HIS A N   1 
ATOM   188  C  CA  . HIS A 1 40  ? 0.798   14.389  6.766   1.00 23.12 ? 39  HIS A CA  1 
ATOM   189  C  C   . HIS A 1 40  ? 0.774   13.189  5.849   1.00 22.35 ? 39  HIS A C   1 
ATOM   190  O  O   . HIS A 1 40  ? 0.418   12.082  6.226   1.00 21.35 ? 39  HIS A O   1 
ATOM   191  C  CB  . HIS A 1 40  ? 2.258   14.707  7.076   1.00 24.23 ? 39  HIS A CB  1 
ATOM   192  C  CG  . HIS A 1 40  ? 2.460   16.076  7.633   1.00 20.90 ? 39  HIS A CG  1 
ATOM   193  N  ND1 . HIS A 1 40  ? 3.653   16.491  8.174   1.00 24.84 ? 39  HIS A ND1 1 
ATOM   194  C  CD2 . HIS A 1 40  ? 1.598   17.106  7.789   1.00 25.35 ? 39  HIS A CD2 1 
ATOM   195  C  CE1 . HIS A 1 40  ? 3.540   17.744  8.580   1.00 21.73 ? 39  HIS A CE1 1 
ATOM   196  N  NE2 . HIS A 1 40  ? 2.294   18.134  8.378   1.00 25.81 ? 39  HIS A NE2 1 
HETATM 197  N  N   . MSE A 1 41  ? 1.163   13.467  4.619   1.00 23.11 ? 40  MSE A N   1 
HETATM 198  C  CA  . MSE A 1 41  ? 1.332   12.427  3.622   1.00 24.25 ? 40  MSE A CA  1 
HETATM 199  C  C   . MSE A 1 41  ? 2.591   12.633  2.771   1.00 25.80 ? 40  MSE A C   1 
HETATM 200  O  O   . MSE A 1 41  ? 3.539   11.829  2.810   1.00 26.10 ? 40  MSE A O   1 
HETATM 201  C  CB  . MSE A 1 41  ? 0.116   12.294  2.711   1.00 23.82 ? 40  MSE A CB  1 
HETATM 202  C  CG  . MSE A 1 41  ? 0.261   11.071  1.856   1.00 21.05 ? 40  MSE A CG  1 
HETATM 203  SE SE  . MSE A 1 41  ? -1.201  10.730  0.660   0.75 23.47 ? 40  MSE A SE  1 
HETATM 204  C  CE  . MSE A 1 41  ? -0.546  9.029   -0.178  1.00 21.59 ? 40  MSE A CE  1 
ATOM   205  N  N   . LEU A 1 42  ? 2.593   13.722  2.012   1.00 25.96 ? 41  LEU A N   1 
ATOM   206  C  CA  . LEU A 1 42  ? 3.708   13.984  1.106   1.00 26.50 ? 41  LEU A CA  1 
ATOM   207  C  C   . LEU A 1 42  ? 3.862   15.445  0.748   1.00 26.68 ? 41  LEU A C   1 
ATOM   208  O  O   . LEU A 1 42  ? 2.889   16.176  0.585   1.00 25.12 ? 41  LEU A O   1 
ATOM   209  C  CB  . LEU A 1 42  ? 3.477   13.168  -0.180  1.00 27.28 ? 41  LEU A CB  1 
ATOM   210  C  CG  . LEU A 1 42  ? 4.603   12.776  -1.126  1.00 31.19 ? 41  LEU A CG  1 
ATOM   211  C  CD1 . LEU A 1 42  ? 5.688   11.961  -0.406  1.00 28.63 ? 41  LEU A CD1 1 
ATOM   212  C  CD2 . LEU A 1 42  ? 3.951   11.994  -2.283  1.00 30.01 ? 41  LEU A CD2 1 
ATOM   213  N  N   . ARG A 1 43  ? 5.120   15.844  0.671   1.00 26.33 ? 42  ARG A N   1 
ATOM   214  C  CA  . ARG A 1 43  ? 5.511   17.181  0.245   1.00 28.68 ? 42  ARG A CA  1 
ATOM   215  C  C   . ARG A 1 43  ? 6.439   17.077  -0.952  1.00 30.26 ? 42  ARG A C   1 
ATOM   216  O  O   . ARG A 1 43  ? 7.034   16.032  -1.219  1.00 29.76 ? 42  ARG A O   1 
ATOM   217  C  CB  . ARG A 1 43  ? 6.265   17.934  1.333   1.00 29.14 ? 42  ARG A CB  1 
ATOM   218  C  CG  . ARG A 1 43  ? 5.437   18.490  2.440   1.00 32.11 ? 42  ARG A CG  1 
ATOM   219  C  CD  . ARG A 1 43  ? 6.367   18.823  3.575   1.00 35.74 ? 42  ARG A CD  1 
ATOM   220  N  NE  . ARG A 1 43  ? 7.359   19.847  3.247   1.00 37.59 ? 42  ARG A NE  1 
ATOM   221  C  CZ  . ARG A 1 43  ? 7.241   21.126  3.612   1.00 40.49 ? 42  ARG A CZ  1 
ATOM   222  N  NH1 . ARG A 1 43  ? 6.179   21.510  4.290   1.00 39.79 ? 42  ARG A NH1 1 
ATOM   223  N  NH2 . ARG A 1 43  ? 8.171   22.024  3.307   1.00 37.85 ? 42  ARG A NH2 1 
ATOM   224  N  N   . LEU A 1 44  ? 6.607   18.217  -1.606  1.00 31.56 ? 43  LEU A N   1 
ATOM   225  C  CA  A LEU A 1 44  ? 7.461   18.330  -2.798  0.50 32.18 ? 43  LEU A CA  1 
ATOM   226  C  CA  B LEU A 1 44  ? 7.454   18.285  -2.808  0.50 32.45 ? 43  LEU A CA  1 
ATOM   227  C  C   . LEU A 1 44  ? 8.920   18.068  -2.462  1.00 32.69 ? 43  LEU A C   1 
ATOM   228  O  O   . LEU A 1 44  ? 9.697   17.596  -3.281  1.00 33.14 ? 43  LEU A O   1 
ATOM   229  C  CB  A LEU A 1 44  ? 7.329   19.724  -3.427  0.50 32.41 ? 43  LEU A CB  1 
ATOM   230  C  CB  B LEU A 1 44  ? 7.277   19.601  -3.582  0.50 33.07 ? 43  LEU A CB  1 
ATOM   231  C  CG  A LEU A 1 44  ? 8.313   20.061  -4.542  0.50 31.67 ? 43  LEU A CG  1 
ATOM   232  C  CG  B LEU A 1 44  ? 7.620   20.901  -2.852  0.50 33.13 ? 43  LEU A CG  1 
ATOM   233  C  CD1 A LEU A 1 44  ? 8.234   19.066  -5.692  0.50 31.25 ? 43  LEU A CD1 1 
ATOM   234  C  CD1 B LEU A 1 44  ? 8.937   20.748  -2.110  0.50 38.81 ? 43  LEU A CD1 1 
ATOM   235  C  CD2 A LEU A 1 44  ? 8.052   21.475  -5.021  0.50 28.18 ? 43  LEU A CD2 1 
ATOM   236  C  CD2 B LEU A 1 44  ? 7.661   22.057  -3.833  0.50 33.81 ? 43  LEU A CD2 1 
ATOM   237  N  N   . ASP A 1 45  ? 9.270   18.394  -1.243  1.00 33.42 ? 44  ASP A N   1 
ATOM   238  C  CA  . ASP A 1 45  ? 10.640  18.234  -0.770  1.00 35.30 ? 44  ASP A CA  1 
ATOM   239  C  C   . ASP A 1 45  ? 10.801  16.964  0.043   1.00 36.68 ? 44  ASP A C   1 
ATOM   240  O  O   . ASP A 1 45  ? 11.880  16.653  0.515   1.00 38.06 ? 44  ASP A O   1 
ATOM   241  C  CB  . ASP A 1 45  ? 11.115  19.467  -0.004  1.00 36.24 ? 44  ASP A CB  1 
ATOM   242  C  CG  . ASP A 1 45  ? 10.108  19.958  1.012   1.00 38.99 ? 44  ASP A CG  1 
ATOM   243  O  OD1 . ASP A 1 45  ? 9.202   19.186  1.385   1.00 43.85 ? 44  ASP A OD1 1 
ATOM   244  O  OD2 . ASP A 1 45  ? 10.217  21.128  1.422   1.00 45.85 ? 44  ASP A OD2 1 
ATOM   245  N  N   . SER A 1 46  ? 9.724   16.199  0.156   1.00 37.53 ? 45  SER A N   1 
ATOM   246  C  CA  . SER A 1 46  ? 9.775   14.948  0.930   1.00 38.11 ? 45  SER A CA  1 
ATOM   247  C  C   . SER A 1 46  ? 10.810  14.041  0.300   1.00 38.60 ? 45  SER A C   1 
ATOM   248  O  O   . SER A 1 46  ? 10.887  13.940  -0.920  1.00 37.36 ? 45  SER A O   1 
ATOM   249  C  CB  . SER A 1 46  ? 8.436   14.198  0.956   1.00 38.82 ? 45  SER A CB  1 
ATOM   250  O  OG  . SER A 1 46  ? 7.442   14.890  1.690   1.00 36.41 ? 45  SER A OG  1 
ATOM   251  N  N   . PRO A 1 47  ? 11.607  13.365  1.124   1.00 39.05 ? 46  PRO A N   1 
ATOM   252  C  CA  . PRO A 1 47  ? 12.583  12.493  0.499   1.00 39.76 ? 46  PRO A CA  1 
ATOM   253  C  C   . PRO A 1 47  ? 11.908  11.398  -0.315  1.00 39.63 ? 46  PRO A C   1 
ATOM   254  O  O   . PRO A 1 47  ? 12.508  10.834  -1.228  1.00 41.53 ? 46  PRO A O   1 
ATOM   255  C  CB  . PRO A 1 47  ? 13.356  11.907  1.687   1.00 39.68 ? 46  PRO A CB  1 
ATOM   256  C  CG  . PRO A 1 47  ? 13.072  12.816  2.845   1.00 40.29 ? 46  PRO A CG  1 
ATOM   257  C  CD  . PRO A 1 47  ? 11.715  13.388  2.592   1.00 40.00 ? 46  PRO A CD  1 
ATOM   258  N  N   . GLN A 1 48  ? 10.637  11.165  -0.019  1.00 38.47 ? 47  GLN A N   1 
ATOM   259  C  CA  . GLN A 1 48  ? 9.902   10.066  -0.634  1.00 38.68 ? 47  GLN A CA  1 
ATOM   260  C  C   . GLN A 1 48  ? 9.154   10.489  -1.874  1.00 37.30 ? 47  GLN A C   1 
ATOM   261  O  O   . GLN A 1 48  ? 8.570   9.667   -2.576  1.00 36.73 ? 47  GLN A O   1 
ATOM   262  C  CB  . GLN A 1 48  ? 8.935   9.414   0.360   1.00 39.71 ? 47  GLN A CB  1 
ATOM   263  C  CG  . GLN A 1 48  ? 9.603   8.793   1.571   1.00 43.28 ? 47  GLN A CG  1 
ATOM   264  C  CD  . GLN A 1 48  ? 10.084  9.809   2.596   1.00 50.72 ? 47  GLN A CD  1 
ATOM   265  O  OE1 . GLN A 1 48  ? 9.631   10.967  2.619   1.00 53.12 ? 47  GLN A OE1 1 
ATOM   266  N  NE2 . GLN A 1 48  ? 11.000  9.368   3.478   1.00 54.51 ? 47  GLN A NE2 1 
ATOM   267  N  N   . PHE A 1 49  ? 9.187   11.785  -2.142  1.00 36.67 ? 48  PHE A N   1 
ATOM   268  C  CA  . PHE A 1 49  ? 8.499   12.319  -3.320  1.00 35.41 ? 48  PHE A CA  1 
ATOM   269  C  C   . PHE A 1 49  ? 9.413   12.244  -4.513  1.00 35.12 ? 48  PHE A C   1 
ATOM   270  O  O   . PHE A 1 49  ? 10.607  12.554  -4.427  1.00 36.24 ? 48  PHE A O   1 
ATOM   271  C  CB  . PHE A 1 49  ? 8.027   13.760  -3.101  1.00 35.73 ? 48  PHE A CB  1 
ATOM   272  C  CG  . PHE A 1 49  ? 7.343   14.369  -4.304  1.00 32.49 ? 48  PHE A CG  1 
ATOM   273  C  CD1 . PHE A 1 49  ? 6.028   14.061  -4.607  1.00 33.46 ? 48  PHE A CD1 1 
ATOM   274  C  CD2 . PHE A 1 49  ? 8.015   15.263  -5.120  1.00 35.38 ? 48  PHE A CD2 1 
ATOM   275  C  CE1 . PHE A 1 49  ? 5.394   14.634  -5.708  1.00 36.34 ? 48  PHE A CE1 1 
ATOM   276  C  CE2 . PHE A 1 49  ? 7.398   15.832  -6.219  1.00 33.22 ? 48  PHE A CE2 1 
ATOM   277  C  CZ  . PHE A 1 49  ? 6.085   15.520  -6.514  1.00 35.01 ? 48  PHE A CZ  1 
ATOM   278  N  N   . SER A 1 50  ? 8.836   11.809  -5.622  1.00 34.27 ? 49  SER A N   1 
ATOM   279  C  CA  . SER A 1 50  ? 9.556   11.728  -6.889  1.00 33.38 ? 49  SER A CA  1 
ATOM   280  C  C   . SER A 1 50  ? 8.897   12.619  -7.942  1.00 30.65 ? 49  SER A C   1 
ATOM   281  O  O   . SER A 1 50  ? 9.482   13.554  -8.475  1.00 29.23 ? 49  SER A O   1 
ATOM   282  C  CB  . SER A 1 50  ? 9.542   10.292  -7.395  1.00 34.69 ? 49  SER A CB  1 
ATOM   283  O  OG  . SER A 1 50  ? 10.317  10.156  -8.579  1.00 41.69 ? 49  SER A OG  1 
ATOM   284  N  N   . GLN A 1 51  ? 7.643   12.292  -8.202  1.00 29.55 ? 50  GLN A N   1 
ATOM   285  C  CA  A GLN A 1 51  ? 6.862   12.931  -9.244  0.50 29.41 ? 50  GLN A CA  1 
ATOM   286  C  CA  B GLN A 1 51  ? 6.848   13.029  -9.182  0.50 28.73 ? 50  GLN A CA  1 
ATOM   287  C  C   . GLN A 1 51  ? 5.355   12.827  -9.005  1.00 28.43 ? 50  GLN A C   1 
ATOM   288  O  O   . GLN A 1 51  ? 4.872   11.787  -8.575  1.00 28.52 ? 50  GLN A O   1 
ATOM   289  C  CB  A GLN A 1 51  ? 7.251   12.195  -10.526 0.50 30.13 ? 50  GLN A CB  1 
ATOM   290  C  CB  B GLN A 1 51  ? 7.269   12.684  -10.617 0.50 29.05 ? 50  GLN A CB  1 
ATOM   291  C  CG  A GLN A 1 51  ? 6.659   12.685  -11.784 0.50 31.50 ? 50  GLN A CG  1 
ATOM   292  C  CG  B GLN A 1 51  ? 7.068   11.233  -10.998 0.50 25.93 ? 50  GLN A CG  1 
ATOM   293  C  CD  A GLN A 1 51  ? 7.292   12.002  -12.985 0.50 32.05 ? 50  GLN A CD  1 
ATOM   294  C  CD  B GLN A 1 51  ? 7.533   10.919  -12.405 0.50 25.56 ? 50  GLN A CD  1 
ATOM   295  O  OE1 A GLN A 1 51  ? 8.443   11.572  -12.927 0.50 34.59 ? 50  GLN A OE1 1 
ATOM   296  O  OE1 B GLN A 1 51  ? 6.747   10.471  -13.243 0.50 23.42 ? 50  GLN A OE1 1 
ATOM   297  N  NE2 A GLN A 1 51  ? 6.547   11.904  -14.076 0.50 36.20 ? 50  GLN A NE2 1 
ATOM   298  N  NE2 B GLN A 1 51  ? 8.804   11.168  -12.682 0.50 26.17 ? 50  GLN A NE2 1 
ATOM   299  N  N   . PHE A 1 52  ? 4.638   13.886  -9.310  1.00 27.18 ? 51  PHE A N   1 
ATOM   300  C  CA  . PHE A 1 52  ? 3.164   13.899  -9.185  1.00 27.43 ? 51  PHE A CA  1 
ATOM   301  C  C   . PHE A 1 52  ? 2.417   13.433  -10.424 1.00 26.74 ? 51  PHE A C   1 
ATOM   302  O  O   . PHE A 1 52  ? 2.434   14.049  -11.509 1.00 26.83 ? 51  PHE A O   1 
ATOM   303  C  CB  . PHE A 1 52  ? 2.606   15.258  -8.746  1.00 28.38 ? 51  PHE A CB  1 
ATOM   304  C  CG  . PHE A 1 52  ? 1.117   15.247  -8.553  1.00 25.01 ? 51  PHE A CG  1 
ATOM   305  C  CD1 . PHE A 1 52  ? 0.564   14.831  -7.363  1.00 28.51 ? 51  PHE A CD1 1 
ATOM   306  C  CD2 . PHE A 1 52  ? 0.275   15.638  -9.570  1.00 23.66 ? 51  PHE A CD2 1 
ATOM   307  C  CE1 . PHE A 1 52  ? -0.817  14.809  -7.193  1.00 29.03 ? 51  PHE A CE1 1 
ATOM   308  C  CE2 . PHE A 1 52  ? -1.094  15.619  -9.408  1.00 28.51 ? 51  PHE A CE2 1 
ATOM   309  C  CZ  . PHE A 1 52  ? -1.644  15.193  -8.217  1.00 29.97 ? 51  PHE A CZ  1 
ATOM   310  N  N   . GLY A 1 53  ? 1.731   12.336  -10.220 1.00 25.18 ? 52  GLY A N   1 
ATOM   311  C  CA  . GLY A 1 53  ? 0.900   11.756  -11.264 1.00 25.48 ? 52  GLY A CA  1 
ATOM   312  C  C   . GLY A 1 53  ? -0.565  11.902  -10.914 1.00 24.18 ? 52  GLY A C   1 
ATOM   313  O  O   . GLY A 1 53  ? -1.362  12.487  -11.667 1.00 23.49 ? 52  GLY A O   1 
ATOM   314  N  N   . GLU A 1 54  ? -0.906  11.387  -9.742  1.00 22.77 ? 53  GLU A N   1 
ATOM   315  C  CA  . GLU A 1 54  ? -2.297  11.416  -9.293  1.00 23.21 ? 53  GLU A CA  1 
ATOM   316  C  C   . GLU A 1 54  ? -2.452  11.185  -7.797  1.00 24.93 ? 53  GLU A C   1 
ATOM   317  O  O   . GLU A 1 54  ? -1.614  10.574  -7.150  1.00 25.45 ? 53  GLU A O   1 
ATOM   318  C  CB  . GLU A 1 54  ? -3.103  10.354  -10.090 1.00 23.94 ? 53  GLU A CB  1 
ATOM   319  C  CG  . GLU A 1 54  ? -4.570  10.187  -9.680  1.00 25.58 ? 53  GLU A CG  1 
ATOM   320  C  CD  . GLU A 1 54  ? -5.378  9.278   -10.585 1.00 27.06 ? 53  GLU A CD  1 
ATOM   321  O  OE1 . GLU A 1 54  ? -4.764  8.620   -11.469 1.00 27.88 ? 53  GLU A OE1 1 
ATOM   322  O  OE2 . GLU A 1 54  ? -6.638  9.231   -10.423 1.00 23.24 ? 53  GLU A OE2 1 
ATOM   323  N  N   . ILE A 1 55  ? -3.516  11.744  -7.258  1.00 25.87 ? 54  ILE A N   1 
ATOM   324  C  CA  . ILE A 1 55  ? -3.928  11.447  -5.883  1.00 25.72 ? 54  ILE A CA  1 
ATOM   325  C  C   . ILE A 1 55  ? -5.387  11.013  -5.934  1.00 25.96 ? 54  ILE A C   1 
ATOM   326  O  O   . ILE A 1 55  ? -6.249  11.722  -6.477  1.00 24.30 ? 54  ILE A O   1 
ATOM   327  C  CB  . ILE A 1 55  ? -3.769  12.620  -4.886  1.00 26.62 ? 54  ILE A CB  1 
ATOM   328  C  CG1 . ILE A 1 55  ? -4.379  12.233  -3.519  1.00 27.16 ? 54  ILE A CG1 1 
ATOM   329  C  CG2 . ILE A 1 55  ? -4.434  13.864  -5.382  1.00 27.47 ? 54  ILE A CG2 1 
ATOM   330  C  CD1 . ILE A 1 55  ? -3.588  11.165  -2.729  1.00 26.10 ? 54  ILE A CD1 1 
ATOM   331  N  N   . TYR A 1 56  ? -5.620  9.793   -5.448  1.00 24.40 ? 55  TYR A N   1 
ATOM   332  C  CA  . TYR A 1 56  ? -6.967  9.232   -5.307  1.00 23.50 ? 55  TYR A CA  1 
ATOM   333  C  C   . TYR A 1 56  ? -7.070  8.436   -4.007  1.00 23.20 ? 55  TYR A C   1 
ATOM   334  O  O   . TYR A 1 56  ? -6.077  8.137   -3.351  1.00 22.06 ? 55  TYR A O   1 
ATOM   335  C  CB  . TYR A 1 56  ? -7.359  8.313   -6.480  1.00 24.06 ? 55  TYR A CB  1 
ATOM   336  C  CG  . TYR A 1 56  ? -6.660  6.973   -6.511  1.00 24.59 ? 55  TYR A CG  1 
ATOM   337  C  CD1 . TYR A 1 56  ? -5.426  6.824   -7.129  1.00 26.50 ? 55  TYR A CD1 1 
ATOM   338  C  CD2 . TYR A 1 56  ? -7.235  5.843   -5.914  1.00 24.40 ? 55  TYR A CD2 1 
ATOM   339  C  CE1 . TYR A 1 56  ? -4.783  5.585   -7.161  1.00 29.16 ? 55  TYR A CE1 1 
ATOM   340  C  CE2 . TYR A 1 56  ? -6.587  4.612   -5.929  1.00 20.14 ? 55  TYR A CE2 1 
ATOM   341  C  CZ  . TYR A 1 56  ? -5.363  4.495   -6.547  1.00 23.44 ? 55  TYR A CZ  1 
ATOM   342  O  OH  . TYR A 1 56  ? -4.720  3.287   -6.572  1.00 25.53 ? 55  TYR A OH  1 
ATOM   343  N  N   . PHE A 1 57  ? -8.303  8.083   -3.702  1.00 23.30 ? 56  PHE A N   1 
ATOM   344  C  CA  . PHE A 1 57  ? -8.643  7.286   -2.529  1.00 23.39 ? 56  PHE A CA  1 
ATOM   345  C  C   . PHE A 1 57  ? -9.399  6.034   -2.900  1.00 24.31 ? 56  PHE A C   1 
ATOM   346  O  O   . PHE A 1 57  ? -10.071 5.944   -3.939  1.00 22.30 ? 56  PHE A O   1 
ATOM   347  C  CB  . PHE A 1 57  ? -9.505  8.082   -1.558  1.00 24.06 ? 56  PHE A CB  1 
ATOM   348  C  CG  . PHE A 1 57  ? -9.008  9.450   -1.331  1.00 24.52 ? 56  PHE A CG  1 
ATOM   349  C  CD1 . PHE A 1 57  ? -7.857  9.656   -0.599  1.00 25.86 ? 56  PHE A CD1 1 
ATOM   350  C  CD2 . PHE A 1 57  ? -9.666  10.538  -1.876  1.00 21.40 ? 56  PHE A CD2 1 
ATOM   351  C  CE1 . PHE A 1 57  ? -7.374  10.933  -0.398  1.00 25.15 ? 56  PHE A CE1 1 
ATOM   352  C  CE2 . PHE A 1 57  ? -9.192  11.836  -1.669  1.00 25.68 ? 56  PHE A CE2 1 
ATOM   353  C  CZ  . PHE A 1 57  ? -8.042  12.030  -0.928  1.00 23.38 ? 56  PHE A CZ  1 
ATOM   354  N  N   . SER A 1 58  ? -9.249  5.074   -2.006  1.00 22.77 ? 57  SER A N   1 
ATOM   355  C  CA  . SER A 1 58  ? -9.904  3.800   -2.128  1.00 22.22 ? 57  SER A CA  1 
ATOM   356  C  C   . SER A 1 58  ? -10.535 3.443   -0.802  1.00 21.85 ? 57  SER A C   1 
ATOM   357  O  O   . SER A 1 58  ? -9.855  3.297   0.215   1.00 21.66 ? 57  SER A O   1 
ATOM   358  C  CB  . SER A 1 58  ? -8.901  2.720   -2.544  1.00 23.96 ? 57  SER A CB  1 
ATOM   359  O  OG  . SER A 1 58  ? -9.516  1.464   -2.709  1.00 23.76 ? 57  SER A OG  1 
ATOM   360  N  N   . GLU A 1 59  ? -11.858 3.321   -0.822  1.00 20.67 ? 58  GLU A N   1 
ATOM   361  C  CA  . GLU A 1 59  ? -12.564 2.908   0.372   1.00 19.62 ? 58  GLU A CA  1 
ATOM   362  C  C   . GLU A 1 59  ? -12.576 1.406   0.398   1.00 20.56 ? 58  GLU A C   1 
ATOM   363  O  O   . GLU A 1 59  ? -12.738 0.756   -0.639  1.00 20.62 ? 58  GLU A O   1 
ATOM   364  C  CB  . GLU A 1 59  ? -13.977 3.443   0.391   1.00 20.72 ? 58  GLU A CB  1 
ATOM   365  C  CG  . GLU A 1 59  ? -14.764 2.930   1.548   1.00 21.08 ? 58  GLU A CG  1 
ATOM   366  C  CD  . GLU A 1 59  ? -16.013 3.729   1.785   1.00 25.22 ? 58  GLU A CD  1 
ATOM   367  O  OE1 . GLU A 1 59  ? -17.017 3.534   1.078   1.00 23.73 ? 58  GLU A OE1 1 
ATOM   368  O  OE2 . GLU A 1 59  ? -15.996 4.537   2.719   1.00 27.92 ? 58  GLU A OE2 1 
ATOM   369  N  N   . VAL A 1 60  ? -12.319 0.865   1.585   1.00 19.96 ? 59  VAL A N   1 
ATOM   370  C  CA  . VAL A 1 60  ? -12.372 -0.570  1.797   1.00 19.91 ? 59  VAL A CA  1 
ATOM   371  C  C   . VAL A 1 60  ? -13.262 -0.825  2.994   1.00 20.15 ? 59  VAL A C   1 
ATOM   372  O  O   . VAL A 1 60  ? -12.947 -0.417  4.110   1.00 18.94 ? 59  VAL A O   1 
ATOM   373  C  CB  . VAL A 1 60  ? -10.982 -1.206  2.014   1.00 19.92 ? 59  VAL A CB  1 
ATOM   374  C  CG1 . VAL A 1 60  ? -11.094 -2.735  2.047   1.00 18.93 ? 59  VAL A CG1 1 
ATOM   375  C  CG2 . VAL A 1 60  ? -10.030 -0.786  0.893   1.00 19.90 ? 59  VAL A CG2 1 
ATOM   376  N  N   . LEU A 1 61  ? -14.401 -1.461  2.740   1.00 19.58 ? 60  LEU A N   1 
ATOM   377  C  CA  . LEU A 1 61  ? -15.343 -1.791  3.814   1.00 20.73 ? 60  LEU A CA  1 
ATOM   378  C  C   . LEU A 1 61  ? -14.723 -2.877  4.698   1.00 21.58 ? 60  LEU A C   1 
ATOM   379  O  O   . LEU A 1 61  ? -13.880 -3.661  4.237   1.00 21.77 ? 60  LEU A O   1 
ATOM   380  C  CB  . LEU A 1 61  ? -16.692 -2.241  3.265   1.00 20.72 ? 60  LEU A CB  1 
ATOM   381  C  CG  . LEU A 1 61  ? -17.436 -1.183  2.469   1.00 25.80 ? 60  LEU A CG  1 
ATOM   382  C  CD1 . LEU A 1 61  ? -18.781 -1.741  2.040   1.00 29.72 ? 60  LEU A CD1 1 
ATOM   383  C  CD2 . LEU A 1 61  ? -17.629 0.066   3.289   1.00 28.74 ? 60  LEU A CD2 1 
ATOM   384  N  N   . PRO A 1 62  ? -15.161 -2.958  5.957   1.00 22.82 ? 61  PRO A N   1 
ATOM   385  C  CA  . PRO A 1 62  ? -14.530 -3.920  6.870   1.00 24.00 ? 61  PRO A CA  1 
ATOM   386  C  C   . PRO A 1 62  ? -14.595 -5.337  6.391   1.00 23.49 ? 61  PRO A C   1 
ATOM   387  O  O   . PRO A 1 62  ? -15.637 -5.822  5.977   1.00 23.63 ? 61  PRO A O   1 
ATOM   388  C  CB  . PRO A 1 62  ? -15.311 -3.755  8.189   1.00 24.63 ? 61  PRO A CB  1 
ATOM   389  C  CG  . PRO A 1 62  ? -16.522 -2.953  7.869   1.00 24.88 ? 61  PRO A CG  1 
ATOM   390  C  CD  . PRO A 1 62  ? -16.216 -2.163  6.616   1.00 23.85 ? 61  PRO A CD  1 
ATOM   391  N  N   . ARG A 1 63  ? -13.432 -5.957  6.479   1.00 23.61 ? 62  ARG A N   1 
ATOM   392  C  CA  . ARG A 1 63  ? -13.180 -7.374  6.156   1.00 23.56 ? 62  ARG A CA  1 
ATOM   393  C  C   . ARG A 1 63  ? -13.197 -7.636  4.677   1.00 22.79 ? 62  ARG A C   1 
ATOM   394  O  O   . ARG A 1 63  ? -13.090 -8.774  4.265   1.00 24.16 ? 62  ARG A O   1 
ATOM   395  C  CB  . ARG A 1 63  ? -14.152 -8.336  6.847   1.00 24.03 ? 62  ARG A CB  1 
ATOM   396  C  CG  . ARG A 1 63  ? -14.326 -8.125  8.335   1.00 26.43 ? 62  ARG A CG  1 
ATOM   397  C  CD  . ARG A 1 63  ? -13.059 -8.205  9.105   1.00 26.79 ? 62  ARG A CD  1 
ATOM   398  N  NE  . ARG A 1 63  ? -13.313 -7.877  10.503  1.00 32.53 ? 62  ARG A NE  1 
ATOM   399  C  CZ  . ARG A 1 63  ? -13.431 -8.761  11.488  1.00 32.44 ? 62  ARG A CZ  1 
ATOM   400  N  NH1 . ARG A 1 63  ? -13.268 -10.050 11.256  1.00 36.52 ? 62  ARG A NH1 1 
ATOM   401  N  NH2 . ARG A 1 63  ? -13.668 -8.342  12.719  1.00 34.09 ? 62  ARG A NH2 1 
ATOM   402  N  N   . ARG A 1 64  ? -13.333 -6.569  3.902   1.00 21.17 ? 63  ARG A N   1 
ATOM   403  C  CA  . ARG A 1 64  ? -13.287 -6.639  2.442   1.00 21.19 ? 63  ARG A CA  1 
ATOM   404  C  C   . ARG A 1 64  ? -11.843 -6.592  1.915   1.00 21.91 ? 63  ARG A C   1 
ATOM   405  O  O   . ARG A 1 64  ? -10.945 -5.920  2.454   1.00 21.68 ? 63  ARG A O   1 
ATOM   406  C  CB  . ARG A 1 64  ? -14.147 -5.541  1.809   1.00 20.70 ? 63  ARG A CB  1 
ATOM   407  C  CG  . ARG A 1 64  ? -15.641 -5.647  2.169   1.00 19.94 ? 63  ARG A CG  1 
ATOM   408  C  CD  . ARG A 1 64  ? -16.238 -6.975  1.833   1.00 22.69 ? 63  ARG A CD  1 
ATOM   409  N  NE  . ARG A 1 64  ? -16.146 -7.262  0.405   1.00 26.91 ? 63  ARG A NE  1 
ATOM   410  C  CZ  . ARG A 1 64  ? -17.068 -6.932  -0.483  1.00 25.55 ? 63  ARG A CZ  1 
ATOM   411  N  NH1 . ARG A 1 64  ? -18.156 -6.312  -0.092  1.00 24.84 ? 63  ARG A NH1 1 
ATOM   412  N  NH2 . ARG A 1 64  ? -16.900 -7.229  -1.760  1.00 24.94 ? 63  ARG A NH2 1 
ATOM   413  N  N   . VAL A 1 65  ? -11.654 -7.338  0.843   1.00 21.17 ? 64  VAL A N   1 
ATOM   414  C  CA  . VAL A 1 65  ? -10.343 -7.494  0.185   1.00 21.58 ? 64  VAL A CA  1 
ATOM   415  C  C   . VAL A 1 65  ? -10.283 -6.906  -1.220  1.00 22.29 ? 64  VAL A C   1 
ATOM   416  O  O   . VAL A 1 65  ? -11.201 -7.078  -2.022  1.00 22.69 ? 64  VAL A O   1 
ATOM   417  C  CB  . VAL A 1 65  ? -10.012 -8.991  0.056   1.00 21.47 ? 64  VAL A CB  1 
ATOM   418  C  CG1 . VAL A 1 65  ? -8.689  -9.216  -0.689  1.00 21.72 ? 64  VAL A CG1 1 
ATOM   419  C  CG2 . VAL A 1 65  ? -10.001 -9.663  1.439   1.00 21.14 ? 64  VAL A CG2 1 
ATOM   420  N  N   . LYS A 1 66  ? -9.195  -6.202  -1.495  1.00 21.42 ? 65  LYS A N   1 
ATOM   421  C  CA  . LYS A 1 66  ? -8.910  -5.704  -2.845  1.00 21.28 ? 65  LYS A CA  1 
ATOM   422  C  C   . LYS A 1 66  ? -7.559  -6.238  -3.282  1.00 20.48 ? 65  LYS A C   1 
ATOM   423  O  O   . LYS A 1 66  ? -6.503  -5.733  -2.897  1.00 19.58 ? 65  LYS A O   1 
ATOM   424  C  CB  . LYS A 1 66  ? -8.929  -4.179  -2.923  1.00 21.77 ? 65  LYS A CB  1 
ATOM   425  C  CG  . LYS A 1 66  ? -10.302 -3.570  -2.667  1.00 21.97 ? 65  LYS A CG  1 
ATOM   426  C  CD  . LYS A 1 66  ? -10.289 -2.068  -2.929  1.00 18.20 ? 65  LYS A CD  1 
ATOM   427  C  CE  . LYS A 1 66  ? -11.696 -1.478  -2.839  1.00 23.55 ? 65  LYS A CE  1 
ATOM   428  N  NZ  . LYS A 1 66  ? -11.784 -0.110  -3.436  1.00 24.87 ? 65  LYS A NZ  1 
ATOM   429  N  N   . ALA A 1 67  ? -7.611  -7.298  -4.068  1.00 20.12 ? 66  ALA A N   1 
ATOM   430  C  CA  . ALA A 1 67  ? -6.383  -7.987  -4.520  1.00 20.48 ? 66  ALA A CA  1 
ATOM   431  C  C   . ALA A 1 67  ? -6.662  -8.721  -5.832  1.00 20.60 ? 66  ALA A C   1 
ATOM   432  O  O   . ALA A 1 67  ? -7.792  -9.139  -6.054  1.00 21.26 ? 66  ALA A O   1 
ATOM   433  C  CB  . ALA A 1 67  ? -5.936  -8.972  -3.455  1.00 18.12 ? 66  ALA A CB  1 
ATOM   434  N  N   . TRP A 1 68  ? -5.696  -8.889  -6.734  1.00 21.11 ? 67  TRP A N   1 
ATOM   435  C  CA  . TRP A 1 68  ? -4.330  -8.416  -6.654  1.00 21.03 ? 67  TRP A CA  1 
ATOM   436  C  C   . TRP A 1 68  ? -4.106  -7.485  -7.818  1.00 22.04 ? 67  TRP A C   1 
ATOM   437  O  O   . TRP A 1 68  ? -4.739  -7.616  -8.862  1.00 21.63 ? 67  TRP A O   1 
ATOM   438  C  CB  . TRP A 1 68  ? -3.343  -9.564  -6.835  1.00 22.25 ? 67  TRP A CB  1 
ATOM   439  C  CG  . TRP A 1 68  ? -3.359  -10.597 -5.762  1.00 20.21 ? 67  TRP A CG  1 
ATOM   440  C  CD1 . TRP A 1 68  ? -4.064  -11.753 -5.750  1.00 20.96 ? 67  TRP A CD1 1 
ATOM   441  C  CD2 . TRP A 1 68  ? -2.618  -10.561 -4.544  1.00 20.72 ? 67  TRP A CD2 1 
ATOM   442  N  NE1 . TRP A 1 68  ? -3.821  -12.447 -4.589  1.00 22.68 ? 67  TRP A NE1 1 
ATOM   443  C  CE2 . TRP A 1 68  ? -2.938  -11.730 -3.828  1.00 21.50 ? 67  TRP A CE2 1 
ATOM   444  C  CE3 . TRP A 1 68  ? -1.732  -9.641  -3.974  1.00 22.19 ? 67  TRP A CE3 1 
ATOM   445  C  CZ2 . TRP A 1 68  ? -2.379  -12.019 -2.601  1.00 21.74 ? 67  TRP A CZ2 1 
ATOM   446  C  CZ3 . TRP A 1 68  ? -1.178  -9.927  -2.763  1.00 20.71 ? 67  TRP A CZ3 1 
ATOM   447  C  CH2 . TRP A 1 68  ? -1.494  -11.109 -2.083  1.00 22.37 ? 67  TRP A CH2 1 
ATOM   448  N  N   . LYS A 1 69  ? -3.193  -6.557  -7.625  1.00 22.33 ? 68  LYS A N   1 
ATOM   449  C  CA  . LYS A 1 69  ? -2.847  -5.582  -8.660  1.00 22.85 ? 68  LYS A CA  1 
ATOM   450  C  C   . LYS A 1 69  ? -1.341  -5.469  -8.821  1.00 22.77 ? 68  LYS A C   1 
ATOM   451  O  O   . LYS A 1 69  ? -0.571  -5.600  -7.858  1.00 22.29 ? 68  LYS A O   1 
ATOM   452  C  CB  . LYS A 1 69  ? -3.379  -4.192  -8.281  1.00 23.29 ? 68  LYS A CB  1 
ATOM   453  C  CG  . LYS A 1 69  ? -3.514  -3.265  -9.466  1.00 30.58 ? 68  LYS A CG  1 
ATOM   454  C  CD  . LYS A 1 69  ? -4.482  -3.939  -10.444 1.00 39.30 ? 68  LYS A CD  1 
ATOM   455  C  CE  . LYS A 1 69  ? -5.247  -2.975  -11.259 1.00 41.04 ? 68  LYS A CE  1 
ATOM   456  N  NZ  . LYS A 1 69  ? -6.329  -2.457  -10.423 1.00 39.90 ? 68  LYS A NZ  1 
ATOM   457  N  N   . ARG A 1 70  ? -0.982  -5.116  -10.047 1.00 23.56 ? 69  ARG A N   1 
ATOM   458  C  CA  . ARG A 1 70  ? 0.393   -4.890  -10.484 1.00 24.90 ? 69  ARG A CA  1 
ATOM   459  C  C   . ARG A 1 70  ? 0.454   -3.810  -11.564 1.00 26.08 ? 69  ARG A C   1 
ATOM   460  O  O   . ARG A 1 70  ? -0.401  -3.762  -12.441 1.00 27.20 ? 69  ARG A O   1 
ATOM   461  C  CB  . ARG A 1 70  ? 0.997   -6.209  -11.034 1.00 27.18 ? 69  ARG A CB  1 
ATOM   462  C  CG  . ARG A 1 70  ? 2.455   -6.073  -11.364 1.00 31.28 ? 69  ARG A CG  1 
ATOM   463  C  CD  . ARG A 1 70  ? 3.173   -7.383  -11.511 1.00 32.09 ? 69  ARG A CD  1 
ATOM   464  N  NE  . ARG A 1 70  ? 2.783   -8.114  -12.691 1.00 40.84 ? 69  ARG A NE  1 
ATOM   465  C  CZ  . ARG A 1 70  ? 3.417   -9.201  -13.114 1.00 46.43 ? 69  ARG A CZ  1 
ATOM   466  N  NH1 . ARG A 1 70  ? 4.488   -9.626  -12.451 1.00 45.26 ? 69  ARG A NH1 1 
ATOM   467  N  NH2 . ARG A 1 70  ? 3.000   -9.840  -14.207 1.00 45.76 ? 69  ARG A NH2 1 
ATOM   468  N  N   . HIS A 1 71  ? 1.447   -2.933  -11.469 1.00 25.45 ? 70  HIS A N   1 
ATOM   469  C  CA  . HIS A 1 71  ? 1.687   -1.893  -12.493 1.00 26.12 ? 70  HIS A CA  1 
ATOM   470  C  C   . HIS A 1 71  ? 3.048   -2.096  -13.129 1.00 26.14 ? 70  HIS A C   1 
ATOM   471  O  O   . HIS A 1 71  ? 4.009   -2.473  -12.449 1.00 26.07 ? 70  HIS A O   1 
ATOM   472  C  CB  . HIS A 1 71  ? 1.610   -0.480  -11.907 1.00 26.81 ? 70  HIS A CB  1 
ATOM   473  C  CG  . HIS A 1 71  ? 0.228   -0.055  -11.547 1.00 26.83 ? 70  HIS A CG  1 
ATOM   474  N  ND1 . HIS A 1 71  ? -0.513  0.801   -12.334 1.00 27.47 ? 70  HIS A ND1 1 
ATOM   475  C  CD2 . HIS A 1 71  ? -0.559  -0.388  -10.499 1.00 24.23 ? 70  HIS A CD2 1 
ATOM   476  C  CE1 . HIS A 1 71  ? -1.697  0.980   -11.776 1.00 30.85 ? 70  HIS A CE1 1 
ATOM   477  N  NE2 . HIS A 1 71  ? -1.741  0.287   -10.651 1.00 26.26 ? 70  HIS A NE2 1 
ATOM   478  N  N   . SER A 1 72  ? 3.108   -1.840  -14.433 1.00 25.01 ? 71  SER A N   1 
ATOM   479  C  CA  . SER A 1 72  ? 4.347   -1.968  -15.218 1.00 25.46 ? 71  SER A CA  1 
ATOM   480  C  C   . SER A 1 72  ? 5.402   -0.909  -14.941 1.00 24.19 ? 71  SER A C   1 
ATOM   481  O  O   . SER A 1 72  ? 6.598   -1.210  -14.948 1.00 25.19 ? 71  SER A O   1 
ATOM   482  C  CB  . SER A 1 72  ? 4.080   -1.931  -16.720 1.00 25.10 ? 71  SER A CB  1 
ATOM   483  O  OG  . SER A 1 72  ? 3.186   -2.937  -17.070 1.00 34.20 ? 71  SER A OG  1 
ATOM   484  N  N   . LEU A 1 73  ? 4.966   0.328   -14.741 1.00 23.77 ? 72  LEU A N   1 
ATOM   485  C  CA  . LEU A 1 73  ? 5.910   1.425   -14.504 1.00 22.58 ? 72  LEU A CA  1 
ATOM   486  C  C   . LEU A 1 73  ? 5.662   2.207   -13.246 1.00 22.04 ? 72  LEU A C   1 
ATOM   487  O  O   . LEU A 1 73  ? 6.584   2.754   -12.654 1.00 21.88 ? 72  LEU A O   1 
ATOM   488  C  CB  . LEU A 1 73  ? 5.824   2.462   -15.611 1.00 24.18 ? 72  LEU A CB  1 
ATOM   489  C  CG  . LEU A 1 73  ? 6.405   2.248   -16.988 1.00 27.64 ? 72  LEU A CG  1 
ATOM   490  C  CD1 . LEU A 1 73  ? 5.634   1.193   -17.746 1.00 22.79 ? 72  LEU A CD1 1 
ATOM   491  C  CD2 . LEU A 1 73  ? 6.354   3.636   -17.680 1.00 25.81 ? 72  LEU A CD2 1 
HETATM 492  N  N   . MSE A 1 74  ? 4.386   2.293   -12.888 1.00 22.81 ? 73  MSE A N   1 
HETATM 493  C  CA  . MSE A 1 74  ? 3.931   3.105   -11.770 1.00 23.07 ? 73  MSE A CA  1 
HETATM 494  C  C   . MSE A 1 74  ? 4.376   2.617   -10.398 1.00 23.50 ? 73  MSE A C   1 
HETATM 495  O  O   . MSE A 1 74  ? 4.413   1.413   -10.125 1.00 24.32 ? 73  MSE A O   1 
HETATM 496  C  CB  . MSE A 1 74  ? 2.395   3.196   -11.788 1.00 22.68 ? 73  MSE A CB  1 
HETATM 497  C  CG  . MSE A 1 74  ? 1.826   4.186   -10.825 1.00 21.81 ? 73  MSE A CG  1 
HETATM 498  SE SE  . MSE A 1 74  ? -0.123  4.045   -10.660 0.75 21.87 ? 73  MSE A SE  1 
HETATM 499  C  CE  . MSE A 1 74  ? -0.620  4.398   -12.479 1.00 18.92 ? 73  MSE A CE  1 
ATOM   500  N  N   . THR A 1 75  ? 4.702   3.596   -9.553  1.00 23.34 ? 74  THR A N   1 
ATOM   501  C  CA  . THR A 1 75  ? 5.002   3.372   -8.137  1.00 24.29 ? 74  THR A CA  1 
ATOM   502  C  C   . THR A 1 75  ? 3.841   3.893   -7.295  1.00 24.39 ? 74  THR A C   1 
ATOM   503  O  O   . THR A 1 75  ? 3.301   4.967   -7.563  1.00 22.84 ? 74  THR A O   1 
ATOM   504  C  CB  . THR A 1 75  ? 6.280   4.114   -7.705  1.00 25.08 ? 74  THR A CB  1 
ATOM   505  O  OG1 . THR A 1 75  ? 7.381   3.572   -8.410  1.00 23.29 ? 74  THR A OG1 1 
ATOM   506  C  CG2 . THR A 1 75  ? 6.537   4.011   -6.197  1.00 27.07 ? 74  THR A CG2 1 
ATOM   507  N  N   . GLN A 1 76  ? 3.499   3.134   -6.258  1.00 23.61 ? 75  GLN A N   1 
ATOM   508  C  CA  . GLN A 1 76  ? 2.416   3.500   -5.343  1.00 22.62 ? 75  GLN A CA  1 
ATOM   509  C  C   . GLN A 1 76  ? 2.995   4.064   -4.054  1.00 23.65 ? 75  GLN A C   1 
ATOM   510  O  O   . GLN A 1 76  ? 4.073   3.661   -3.603  1.00 21.28 ? 75  GLN A O   1 
ATOM   511  C  CB  . GLN A 1 76  ? 1.549   2.284   -4.966  1.00 23.46 ? 75  GLN A CB  1 
ATOM   512  C  CG  . GLN A 1 76  ? 1.276   1.271   -6.074  1.00 23.42 ? 75  GLN A CG  1 
ATOM   513  C  CD  . GLN A 1 76  ? 0.709   1.866   -7.347  1.00 22.29 ? 75  GLN A CD  1 
ATOM   514  O  OE1 . GLN A 1 76  ? -0.179  2.726   -7.316  1.00 23.87 ? 75  GLN A OE1 1 
ATOM   515  N  NE2 . GLN A 1 76  ? 1.176   1.351   -8.492  1.00 22.43 ? 75  GLN A NE2 1 
ATOM   516  N  N   . LEU A 1 77  ? 2.273   5.044   -3.511  1.00 23.18 ? 76  LEU A N   1 
ATOM   517  C  CA  . LEU A 1 77  ? 2.573   5.641   -2.191  1.00 23.40 ? 76  LEU A CA  1 
ATOM   518  C  C   . LEU A 1 77  ? 1.259   5.700   -1.407  1.00 22.40 ? 76  LEU A C   1 
ATOM   519  O  O   . LEU A 1 77  ? 0.438   6.602   -1.576  1.00 21.36 ? 76  LEU A O   1 
ATOM   520  C  CB  . LEU A 1 77  ? 3.234   7.020   -2.271  1.00 23.79 ? 76  LEU A CB  1 
ATOM   521  C  CG  . LEU A 1 77  ? 4.658   7.055   -2.823  1.00 25.93 ? 76  LEU A CG  1 
ATOM   522  C  CD1 . LEU A 1 77  ? 5.127   8.499   -2.960  1.00 25.73 ? 76  LEU A CD1 1 
ATOM   523  C  CD2 . LEU A 1 77  ? 5.582   6.270   -1.949  1.00 24.51 ? 76  LEU A CD2 1 
ATOM   524  N  N   . PHE A 1 78  ? 1.092   4.674   -0.580  1.00 23.04 ? 77  PHE A N   1 
ATOM   525  C  CA  . PHE A 1 78  ? -0.095  4.456   0.250   1.00 22.42 ? 77  PHE A CA  1 
ATOM   526  C  C   . PHE A 1 78  ? 0.008   5.091   1.619   1.00 22.04 ? 77  PHE A C   1 
ATOM   527  O  O   . PHE A 1 78  ? 1.015   4.968   2.317   1.00 21.94 ? 77  PHE A O   1 
ATOM   528  C  CB  . PHE A 1 78  ? -0.301  2.957   0.545   1.00 23.66 ? 77  PHE A CB  1 
ATOM   529  C  CG  . PHE A 1 78  ? -0.991  2.168   -0.538  1.00 24.68 ? 77  PHE A CG  1 
ATOM   530  C  CD1 . PHE A 1 78  ? -1.109  2.631   -1.821  1.00 29.75 ? 77  PHE A CD1 1 
ATOM   531  C  CD2 . PHE A 1 78  ? -1.458  0.883   -0.246  1.00 33.43 ? 77  PHE A CD2 1 
ATOM   532  C  CE1 . PHE A 1 78  ? -1.739  1.867   -2.803  1.00 32.63 ? 77  PHE A CE1 1 
ATOM   533  C  CE2 . PHE A 1 78  ? -2.069  0.098   -1.234  1.00 32.36 ? 77  PHE A CE2 1 
ATOM   534  C  CZ  . PHE A 1 78  ? -2.197  0.605   -2.518  1.00 31.67 ? 77  PHE A CZ  1 
ATOM   535  N  N   . ALA A 1 79  ? -1.093  5.724   1.998   1.00 21.81 ? 78  ALA A N   1 
ATOM   536  C  CA  . ALA A 1 79  ? -1.303  6.183   3.382   1.00 22.03 ? 78  ALA A CA  1 
ATOM   537  C  C   . ALA A 1 79  ? -2.732  5.823   3.741   1.00 21.13 ? 78  ALA A C   1 
ATOM   538  O  O   . ALA A 1 79  ? -3.586  5.764   2.874   1.00 21.75 ? 78  ALA A O   1 
ATOM   539  C  CB  . ALA A 1 79  ? -1.014  7.672   3.591   1.00 22.67 ? 78  ALA A CB  1 
ATOM   540  N  N   . VAL A 1 80  ? -2.957  5.516   5.015   1.00 20.63 ? 79  VAL A N   1 
ATOM   541  C  CA  . VAL A 1 80  ? -4.282  5.090   5.493   1.00 20.42 ? 79  VAL A CA  1 
ATOM   542  C  C   . VAL A 1 80  ? -4.739  5.993   6.653   1.00 20.88 ? 79  VAL A C   1 
ATOM   543  O  O   . VAL A 1 80  ? -4.551  5.675   7.831   1.00 22.14 ? 79  VAL A O   1 
ATOM   544  C  CB  . VAL A 1 80  ? -4.266  3.608   5.918   1.00 18.70 ? 79  VAL A CB  1 
ATOM   545  C  CG1 . VAL A 1 80  ? -5.623  3.194   6.464   1.00 17.90 ? 79  VAL A CG1 1 
ATOM   546  C  CG2 . VAL A 1 80  ? -3.865  2.691   4.699   1.00 18.90 ? 79  VAL A CG2 1 
ATOM   547  N  N   . PRO A 1 81  ? -5.353  7.123   6.322   1.00 20.69 ? 80  PRO A N   1 
ATOM   548  C  CA  . PRO A 1 81  ? -5.733  8.096   7.357   1.00 21.00 ? 80  PRO A CA  1 
ATOM   549  C  C   . PRO A 1 81  ? -6.990  7.763   8.120   1.00 21.64 ? 80  PRO A C   1 
ATOM   550  O  O   . PRO A 1 81  ? -7.250  8.341   9.174   1.00 23.22 ? 80  PRO A O   1 
ATOM   551  C  CB  . PRO A 1 81  ? -5.940  9.387   6.575   1.00 20.17 ? 80  PRO A CB  1 
ATOM   552  C  CG  . PRO A 1 81  ? -6.209  8.957   5.176   1.00 20.70 ? 80  PRO A CG  1 
ATOM   553  C  CD  . PRO A 1 81  ? -5.672  7.582   4.970   1.00 19.47 ? 80  PRO A CD  1 
ATOM   554  N  N   . VAL A 1 82  ? -7.752  6.838   7.576   1.00 21.81 ? 81  VAL A N   1 
ATOM   555  C  CA  . VAL A 1 82  ? -8.986  6.366   8.237   1.00 23.04 ? 81  VAL A CA  1 
ATOM   556  C  C   . VAL A 1 82  ? -8.989  4.843   8.276   1.00 21.69 ? 81  VAL A C   1 
ATOM   557  O  O   . VAL A 1 82  ? -8.710  4.178   7.272   1.00 21.67 ? 81  VAL A O   1 
ATOM   558  C  CB  . VAL A 1 82  ? -10.262 6.913   7.541   1.00 24.09 ? 81  VAL A CB  1 
ATOM   559  C  CG1 . VAL A 1 82  ? -11.541 6.309   8.153   1.00 24.54 ? 81  VAL A CG1 1 
ATOM   560  C  CG2 . VAL A 1 82  ? -10.288 8.446   7.623   1.00 24.69 ? 81  VAL A CG2 1 
ATOM   561  N  N   . GLY A 1 83  ? -9.217  4.301   9.464   1.00 20.43 ? 82  GLY A N   1 
ATOM   562  C  CA  . GLY A 1 83  ? -9.288  2.853   9.645   1.00 20.69 ? 82  GLY A CA  1 
ATOM   563  C  C   . GLY A 1 83  ? -7.954  2.137   9.620   1.00 21.07 ? 82  GLY A C   1 
ATOM   564  O  O   . GLY A 1 83  ? -6.902  2.701   9.939   1.00 19.59 ? 82  GLY A O   1 
ATOM   565  N  N   . CYS A 1 84  ? -8.005  0.885   9.191   1.00 21.63 ? 83  CYS A N   1 
ATOM   566  C  CA  . CYS A 1 84  ? -6.817  0.055   9.194   1.00 22.26 ? 83  CYS A CA  1 
ATOM   567  C  C   . CYS A 1 84  ? -6.818  -0.991  8.138   1.00 21.66 ? 83  CYS A C   1 
ATOM   568  O  O   . CYS A 1 84  ? -7.842  -1.620  7.894   1.00 19.74 ? 83  CYS A O   1 
ATOM   569  C  CB  . CYS A 1 84  ? -6.616  -0.505  10.600  1.00 24.72 ? 83  CYS A CB  1 
ATOM   570  S  SG  . CYS A 1 84  ? -5.137  -1.468  10.889  1.00 33.36 ? 83  CYS A SG  1 
ATOM   571  N  N   . ILE A 1 85  ? -5.684  -1.167  7.475   1.00 21.63 ? 84  ILE A N   1 
ATOM   572  C  CA  . ILE A 1 85  ? -5.578  -2.233  6.482   1.00 21.40 ? 84  ILE A CA  1 
ATOM   573  C  C   . ILE A 1 85  ? -4.340  -3.065  6.658   1.00 21.12 ? 84  ILE A C   1 
ATOM   574  O  O   . ILE A 1 85  ? -3.356  -2.676  7.300   1.00 19.59 ? 84  ILE A O   1 
ATOM   575  C  CB  . ILE A 1 85  ? -5.566  -1.745  4.986   1.00 23.48 ? 84  ILE A CB  1 
ATOM   576  C  CG1 . ILE A 1 85  ? -4.229  -1.062  4.674   1.00 24.68 ? 84  ILE A CG1 1 
ATOM   577  C  CG2 . ILE A 1 85  ? -6.823  -0.889  4.642   1.00 20.37 ? 84  ILE A CG2 1 
ATOM   578  C  CD1 . ILE A 1 85  ? -4.079  -0.582  3.244   1.00 27.86 ? 84  ILE A CD1 1 
ATOM   579  N  N   . HIS A 1 86  ? -4.465  -4.255  6.099   1.00 20.02 ? 85  HIS A N   1 
ATOM   580  C  CA  . HIS A 1 86  ? -3.377  -5.210  5.982   1.00 21.39 ? 85  HIS A CA  1 
ATOM   581  C  C   . HIS A 1 86  ? -3.024  -5.259  4.513   1.00 20.64 ? 85  HIS A C   1 
ATOM   582  O  O   . HIS A 1 86  ? -3.876  -5.537  3.664   1.00 21.52 ? 85  HIS A O   1 
ATOM   583  C  CB  . HIS A 1 86  ? -3.765  -6.593  6.510   1.00 23.00 ? 85  HIS A CB  1 
ATOM   584  C  CG  . HIS A 1 86  ? -3.674  -6.703  7.997   1.00 31.38 ? 85  HIS A CG  1 
ATOM   585  N  ND1 . HIS A 1 86  ? -3.526  -7.908  8.654   1.00 35.78 ? 85  HIS A ND1 1 
ATOM   586  C  CD2 . HIS A 1 86  ? -3.619  -5.742  8.955   1.00 33.99 ? 85  HIS A CD2 1 
ATOM   587  C  CE1 . HIS A 1 86  ? -3.442  -7.687  9.955   1.00 37.42 ? 85  HIS A CE1 1 
ATOM   588  N  NE2 . HIS A 1 86  ? -3.485  -6.381  10.163  1.00 35.12 ? 85  HIS A NE2 1 
ATOM   589  N  N   . VAL A 1 87  ? -1.777  -4.920  4.220   1.00 21.51 ? 86  VAL A N   1 
ATOM   590  C  CA  . VAL A 1 87  ? -1.266  -4.972  2.858   1.00 21.55 ? 86  VAL A CA  1 
ATOM   591  C  C   . VAL A 1 87  ? -0.316  -6.149  2.711   1.00 22.43 ? 86  VAL A C   1 
ATOM   592  O  O   . VAL A 1 87  ? 0.459   -6.450  3.611   1.00 22.85 ? 86  VAL A O   1 
ATOM   593  C  CB  . VAL A 1 87  ? -0.472  -3.699  2.464   1.00 23.06 ? 86  VAL A CB  1 
ATOM   594  C  CG1 . VAL A 1 87  ? -0.055  -3.769  0.977   1.00 20.35 ? 86  VAL A CG1 1 
ATOM   595  C  CG2 . VAL A 1 87  ? -1.260  -2.425  2.753   1.00 22.20 ? 86  VAL A CG2 1 
ATOM   596  N  N   . VAL A 1 88  ? -0.422  -6.835  1.583   1.00 22.65 ? 87  VAL A N   1 
ATOM   597  C  CA  . VAL A 1 88  ? 0.523   -7.884  1.256   1.00 22.23 ? 87  VAL A CA  1 
ATOM   598  C  C   . VAL A 1 88  ? 1.134   -7.597  -0.098  1.00 23.32 ? 87  VAL A C   1 
ATOM   599  O  O   . VAL A 1 88  ? 0.441   -7.280  -1.064  1.00 24.47 ? 87  VAL A O   1 
ATOM   600  C  CB  . VAL A 1 88  ? -0.092  -9.286  1.236   1.00 22.13 ? 87  VAL A CB  1 
ATOM   601  C  CG1 . VAL A 1 88  ? 0.938   -10.293 0.723   1.00 21.39 ? 87  VAL A CG1 1 
ATOM   602  C  CG2 . VAL A 1 88  ? -0.623  -9.694  2.620   1.00 16.98 ? 87  VAL A CG2 1 
ATOM   603  N  N   . LEU A 1 89  ? 2.454   -7.715  -0.141  1.00 23.32 ? 88  LEU A N   1 
ATOM   604  C  CA  . LEU A 1 89  ? 3.234   -7.495  -1.364  1.00 22.93 ? 88  LEU A CA  1 
ATOM   605  C  C   . LEU A 1 89  ? 3.872   -8.812  -1.754  1.00 22.28 ? 88  LEU A C   1 
ATOM   606  O  O   . LEU A 1 89  ? 4.288   -9.573  -0.904  1.00 21.72 ? 88  LEU A O   1 
ATOM   607  C  CB  . LEU A 1 89  ? 4.339   -6.445  -1.143  1.00 23.91 ? 88  LEU A CB  1 
ATOM   608  C  CG  . LEU A 1 89  ? 3.928   -5.070  -0.591  1.00 20.21 ? 88  LEU A CG  1 
ATOM   609  C  CD1 . LEU A 1 89  ? 5.133   -4.128  -0.677  1.00 21.67 ? 88  LEU A CD1 1 
ATOM   610  C  CD2 . LEU A 1 89  ? 2.788   -4.532  -1.379  1.00 20.57 ? 88  LEU A CD2 1 
ATOM   611  N  N   . TYR A 1 90  ? 3.873   -9.084  -3.054  1.00 22.80 ? 89  TYR A N   1 
ATOM   612  C  CA  . TYR A 1 90  ? 4.479   -10.299 -3.620  1.00 22.74 ? 89  TYR A CA  1 
ATOM   613  C  C   . TYR A 1 90  ? 5.380   -9.963  -4.793  1.00 22.67 ? 89  TYR A C   1 
ATOM   614  O  O   . TYR A 1 90  ? 4.947   -9.387  -5.790  1.00 22.57 ? 89  TYR A O   1 
ATOM   615  C  CB  . TYR A 1 90  ? 3.435   -11.311 -4.061  1.00 22.82 ? 89  TYR A CB  1 
ATOM   616  C  CG  . TYR A 1 90  ? 4.065   -12.424 -4.866  1.00 22.45 ? 89  TYR A CG  1 
ATOM   617  C  CD1 . TYR A 1 90  ? 4.989   -13.278 -4.287  1.00 23.14 ? 89  TYR A CD1 1 
ATOM   618  C  CD2 . TYR A 1 90  ? 3.744   -12.608 -6.203  1.00 26.51 ? 89  TYR A CD2 1 
ATOM   619  C  CE1 . TYR A 1 90  ? 5.586   -14.273 -5.012  1.00 27.37 ? 89  TYR A CE1 1 
ATOM   620  C  CE2 . TYR A 1 90  ? 4.324   -13.621 -6.926  1.00 29.38 ? 89  TYR A CE2 1 
ATOM   621  C  CZ  . TYR A 1 90  ? 5.240   -14.440 -6.330  1.00 27.65 ? 89  TYR A CZ  1 
ATOM   622  O  OH  . TYR A 1 90  ? 5.829   -15.429 -7.058  1.00 38.13 ? 89  TYR A OH  1 
ATOM   623  N  N   . ASP A 1 91  ? 6.645   -10.318 -4.630  1.00 22.35 ? 90  ASP A N   1 
ATOM   624  C  CA  . ASP A 1 91  ? 7.675   -10.036 -5.641  1.00 22.81 ? 90  ASP A CA  1 
ATOM   625  C  C   . ASP A 1 91  ? 7.717   -11.091 -6.741  1.00 23.94 ? 90  ASP A C   1 
ATOM   626  O  O   . ASP A 1 91  ? 8.362   -12.129 -6.615  1.00 22.51 ? 90  ASP A O   1 
ATOM   627  C  CB  . ASP A 1 91  ? 9.038   -9.914  -4.977  1.00 21.78 ? 90  ASP A CB  1 
ATOM   628  C  CG  . ASP A 1 91  ? 10.066  -9.271  -5.868  1.00 21.67 ? 90  ASP A CG  1 
ATOM   629  O  OD1 . ASP A 1 91  ? 9.818   -9.164  -7.094  1.00 22.81 ? 90  ASP A OD1 1 
ATOM   630  O  OD2 . ASP A 1 91  ? 11.125  -8.876  -5.327  1.00 23.23 ? 90  ASP A OD2 1 
ATOM   631  N  N   . GLY A 1 92  ? 7.035   -10.768 -7.831  1.00 26.01 ? 91  GLY A N   1 
ATOM   632  C  CA  . GLY A 1 92  ? 6.966   -11.640 -8.998  1.00 27.16 ? 91  GLY A CA  1 
ATOM   633  C  C   . GLY A 1 92  ? 8.054   -11.340 -10.014 1.00 27.13 ? 91  GLY A C   1 
ATOM   634  O  O   . GLY A 1 92  ? 8.101   -11.930 -11.091 1.00 28.58 ? 91  GLY A O   1 
ATOM   635  N  N   . ARG A 1 93  ? 8.953   -10.443 -9.648  1.00 27.19 ? 92  ARG A N   1 
ATOM   636  C  CA  . ARG A 1 93  ? 10.061  -10.035 -10.548 1.00 25.51 ? 92  ARG A CA  1 
ATOM   637  C  C   . ARG A 1 93  ? 11.114  -11.124 -10.621 1.00 26.40 ? 92  ARG A C   1 
ATOM   638  O  O   . ARG A 1 93  ? 11.802  -11.434 -9.652  1.00 26.80 ? 92  ARG A O   1 
ATOM   639  C  CB  . ARG A 1 93  ? 10.661  -8.706  -10.103 1.00 25.26 ? 92  ARG A CB  1 
ATOM   640  C  CG  . ARG A 1 93  ? 9.668   -7.582  -10.132 1.00 22.84 ? 92  ARG A CG  1 
ATOM   641  C  CD  . ARG A 1 93  ? 10.191  -6.335  -9.441  1.00 21.80 ? 92  ARG A CD  1 
ATOM   642  N  NE  . ARG A 1 93  ? 10.475  -6.592  -8.036  1.00 18.84 ? 92  ARG A NE  1 
ATOM   643  C  CZ  . ARG A 1 93  ? 10.857  -5.653  -7.188  1.00 20.30 ? 92  ARG A CZ  1 
ATOM   644  N  NH1 . ARG A 1 93  ? 10.944  -4.427  -7.622  1.00 22.82 ? 92  ARG A NH1 1 
ATOM   645  N  NH2 . ARG A 1 93  ? 11.104  -5.916  -5.909  1.00 22.89 ? 92  ARG A NH2 1 
ATOM   646  N  N   . GLU A 1 94  ? 11.234  -11.699 -11.806 1.00 26.89 ? 93  GLU A N   1 
ATOM   647  C  CA  . GLU A 1 94  ? 12.140  -12.829 -12.009 1.00 26.88 ? 93  GLU A CA  1 
ATOM   648  C  C   . GLU A 1 94  ? 13.578  -12.515 -11.667 1.00 25.61 ? 93  GLU A C   1 
ATOM   649  O  O   . GLU A 1 94  ? 14.313  -13.366 -11.155 1.00 24.19 ? 93  GLU A O   1 
ATOM   650  C  CB  . GLU A 1 94  ? 12.072  -13.338 -13.454 1.00 28.47 ? 93  GLU A CB  1 
ATOM   651  C  CG  . GLU A 1 94  ? 12.984  -14.532 -13.730 1.00 32.63 ? 93  GLU A CG  1 
ATOM   652  N  N   . LYS A 1 95  ? 13.978  -11.282 -11.934 1.00 24.36 ? 94  LYS A N   1 
ATOM   653  C  CA  . LYS A 1 95  ? 15.393  -10.897 -11.757 1.00 23.47 ? 94  LYS A CA  1 
ATOM   654  C  C   . LYS A 1 95  ? 15.680  -10.131 -10.473 1.00 22.79 ? 94  LYS A C   1 
ATOM   655  O  O   . LYS A 1 95  ? 16.779  -9.610  -10.280 1.00 21.94 ? 94  LYS A O   1 
ATOM   656  C  CB  . LYS A 1 95  ? 15.885  -10.124 -12.973 1.00 23.96 ? 94  LYS A CB  1 
ATOM   657  C  CG  . LYS A 1 95  ? 15.997  -11.002 -14.214 1.00 25.33 ? 94  LYS A CG  1 
ATOM   658  C  CD  . LYS A 1 95  ? 16.205  -10.154 -15.455 1.00 31.87 ? 94  LYS A CD  1 
ATOM   659  N  N   . SER A 1 96  ? 14.688  -10.121 -9.596  1.00 21.79 ? 95  SER A N   1 
ATOM   660  C  CA  . SER A 1 96  ? 14.784  -9.454  -8.286  1.00 22.72 ? 95  SER A CA  1 
ATOM   661  C  C   . SER A 1 96  ? 15.551  -10.282 -7.253  1.00 22.77 ? 95  SER A C   1 
ATOM   662  O  O   . SER A 1 96  ? 15.387  -11.484 -7.153  1.00 22.60 ? 95  SER A O   1 
ATOM   663  C  CB  . SER A 1 96  ? 13.395  -9.137  -7.714  1.00 22.92 ? 95  SER A CB  1 
ATOM   664  O  OG  . SER A 1 96  ? 13.505  -8.625  -6.395  1.00 22.52 ? 95  SER A OG  1 
ATOM   665  N  N   . PRO A 1 97  ? 16.371  -9.620  -6.442  1.00 24.42 ? 96  PRO A N   1 
ATOM   666  C  CA  . PRO A 1 97  ? 17.089  -10.392 -5.437  1.00 24.21 ? 96  PRO A CA  1 
ATOM   667  C  C   . PRO A 1 97  ? 16.165  -10.911 -4.344  1.00 23.05 ? 96  PRO A C   1 
ATOM   668  O  O   . PRO A 1 97  ? 16.591  -11.681 -3.503  1.00 23.40 ? 96  PRO A O   1 
ATOM   669  C  CB  . PRO A 1 97  ? 18.102  -9.397  -4.881  1.00 24.20 ? 96  PRO A CB  1 
ATOM   670  C  CG  . PRO A 1 97  ? 17.532  -8.067  -5.164  1.00 24.39 ? 96  PRO A CG  1 
ATOM   671  C  CD  . PRO A 1 97  ? 16.707  -8.188  -6.403  1.00 24.48 ? 96  PRO A CD  1 
ATOM   672  N  N   . THR A 1 98  ? 14.908  -10.494 -4.378  1.00 21.51 ? 97  THR A N   1 
ATOM   673  C  CA  . THR A 1 98  ? 13.911  -10.969 -3.409  1.00 20.13 ? 97  THR A CA  1 
ATOM   674  C  C   . THR A 1 98  ? 12.770  -11.613 -4.175  1.00 20.27 ? 97  THR A C   1 
ATOM   675  O  O   . THR A 1 98  ? 11.648  -11.657 -3.740  1.00 20.42 ? 97  THR A O   1 
ATOM   676  C  CB  . THR A 1 98  ? 13.348  -9.858  -2.493  1.00 21.09 ? 97  THR A CB  1 
ATOM   677  O  OG1 . THR A 1 98  ? 12.667  -8.856  -3.277  1.00 20.51 ? 97  THR A OG1 1 
ATOM   678  C  CG2 . THR A 1 98  ? 14.462  -9.210  -1.653  1.00 19.37 ? 97  THR A CG2 1 
ATOM   679  N  N   . SER A 1 99  ? 13.088  -12.124 -5.342  1.00 21.64 ? 98  SER A N   1 
ATOM   680  C  CA  . SER A 1 99  ? 12.084  -12.816 -6.154  1.00 21.82 ? 98  SER A CA  1 
ATOM   681  C  C   . SER A 1 99  ? 11.349  -13.896 -5.351  1.00 22.77 ? 98  SER A C   1 
ATOM   682  O  O   . SER A 1 99  ? 11.946  -14.735 -4.687  1.00 22.88 ? 98  SER A O   1 
ATOM   683  C  CB  . SER A 1 99  ? 12.731  -13.463 -7.379  1.00 22.96 ? 98  SER A CB  1 
ATOM   684  O  OG  . SER A 1 99  ? 11.752  -14.045 -8.227  1.00 24.05 ? 98  SER A OG  1 
ATOM   685  N  N   . GLY A 1 100 ? 10.036  -13.880 -5.457  1.00 23.27 ? 99  GLY A N   1 
ATOM   686  C  CA  . GLY A 1 100 ? 9.207   -14.902 -4.831  1.00 22.96 ? 99  GLY A CA  1 
ATOM   687  C  C   . GLY A 1 100 ? 8.813   -14.636 -3.401  1.00 23.79 ? 99  GLY A C   1 
ATOM   688  O  O   . GLY A 1 100 ? 8.014   -15.367 -2.840  1.00 24.07 ? 99  GLY A O   1 
ATOM   689  N  N   . ARG A 1 101 ? 9.371   -13.580 -2.821  1.00 22.99 ? 100 ARG A N   1 
ATOM   690  C  CA  . ARG A 1 101 ? 9.078   -13.219 -1.424  1.00 23.74 ? 100 ARG A CA  1 
ATOM   691  C  C   . ARG A 1 101 ? 7.853   -12.355 -1.211  1.00 23.43 ? 100 ARG A C   1 
ATOM   692  O  O   . ARG A 1 101 ? 7.407   -11.641 -2.106  1.00 23.48 ? 100 ARG A O   1 
ATOM   693  C  CB  . ARG A 1 101 ? 10.315  -12.554 -0.777  1.00 25.40 ? 100 ARG A CB  1 
ATOM   694  C  CG  . ARG A 1 101 ? 11.438  -13.551 -0.687  1.00 31.25 ? 100 ARG A CG  1 
ATOM   695  C  CD  . ARG A 1 101 ? 12.761  -13.009 -0.276  1.00 37.82 ? 100 ARG A CD  1 
ATOM   696  N  NE  . ARG A 1 101 ? 13.778  -14.033 -0.557  1.00 44.53 ? 100 ARG A NE  1 
ATOM   697  C  CZ  . ARG A 1 101 ? 15.093  -13.880 -0.414  1.00 47.65 ? 100 ARG A CZ  1 
ATOM   698  N  NH1 . ARG A 1 101 ? 15.610  -12.738 0.028   1.00 46.85 ? 100 ARG A NH1 1 
ATOM   699  N  NH2 . ARG A 1 101 ? 15.897  -14.892 -0.713  1.00 50.55 ? 100 ARG A NH2 1 
ATOM   700  N  N   . LEU A 1 102 ? 7.316   -12.467 0.006   1.00 22.85 ? 101 LEU A N   1 
ATOM   701  C  CA  . LEU A 1 102 ? 6.210   -11.628 0.493   1.00 22.78 ? 101 LEU A CA  1 
ATOM   702  C  C   . LEU A 1 102 ? 6.654   -10.569 1.489   1.00 23.46 ? 101 LEU A C   1 
ATOM   703  O  O   . LEU A 1 102 ? 7.627   -10.722 2.216   1.00 23.64 ? 101 LEU A O   1 
ATOM   704  C  CB  . LEU A 1 102 ? 5.158   -12.475 1.216   1.00 22.32 ? 101 LEU A CB  1 
ATOM   705  C  CG  . LEU A 1 102 ? 4.433   -13.539 0.392   1.00 22.74 ? 101 LEU A CG  1 
ATOM   706  C  CD1 . LEU A 1 102 ? 3.565   -14.395 1.297   1.00 26.78 ? 101 LEU A CD1 1 
ATOM   707  C  CD2 . LEU A 1 102 ? 3.619   -12.869 -0.699  1.00 22.49 ? 101 LEU A CD2 1 
ATOM   708  N  N   . ALA A 1 103 ? 5.918   -9.474  1.485   1.00 23.88 ? 102 ALA A N   1 
ATOM   709  C  CA  . ALA A 1 103 ? 6.076   -8.442  2.511   1.00 22.38 ? 102 ALA A CA  1 
ATOM   710  C  C   . ALA A 1 103 ? 4.661   -8.182  3.032   1.00 22.81 ? 102 ALA A C   1 
ATOM   711  O  O   . ALA A 1 103 ? 3.723   -8.033  2.253   1.00 22.79 ? 102 ALA A O   1 
ATOM   712  C  CB  . ALA A 1 103 ? 6.727   -7.161  1.957   1.00 21.59 ? 102 ALA A CB  1 
ATOM   713  N  N   . GLN A 1 104 ? 4.506   -8.210  4.350   1.00 22.65 ? 103 GLN A N   1 
ATOM   714  C  CA  . GLN A 1 104 ? 3.213   -7.942  4.978   1.00 23.01 ? 103 GLN A CA  1 
ATOM   715  C  C   . GLN A 1 104 ? 3.336   -6.716  5.863   1.00 23.19 ? 103 GLN A C   1 
ATOM   716  O  O   . GLN A 1 104 ? 4.245   -6.594  6.672   1.00 22.38 ? 103 GLN A O   1 
ATOM   717  C  CB  . GLN A 1 104 ? 2.708   -9.157  5.747   1.00 24.47 ? 103 GLN A CB  1 
ATOM   718  C  CG  . GLN A 1 104 ? 2.653   -10.452 4.873   1.00 28.13 ? 103 GLN A CG  1 
ATOM   719  C  CD  . GLN A 1 104 ? 1.937   -11.627 5.544   1.00 29.72 ? 103 GLN A CD  1 
ATOM   720  O  OE1 . GLN A 1 104 ? 0.820   -11.495 6.029   1.00 33.62 ? 103 GLN A OE1 1 
ATOM   721  N  NE2 . GLN A 1 104 ? 2.574   -12.786 5.527   1.00 35.24 ? 103 GLN A NE2 1 
ATOM   722  N  N   . VAL A 1 105 ? 2.418   -5.786  5.663   1.00 22.74 ? 104 VAL A N   1 
ATOM   723  C  CA  A VAL A 1 105 ? 2.423   -4.554  6.429   0.50 23.28 ? 104 VAL A CA  1 
ATOM   724  C  CA  B VAL A 1 105 ? 2.427   -4.517  6.384   0.50 23.29 ? 104 VAL A CA  1 
ATOM   725  C  C   . VAL A 1 105 ? 1.019   -4.168  6.860   1.00 23.05 ? 104 VAL A C   1 
ATOM   726  O  O   . VAL A 1 105 ? 0.027   -4.472  6.198   1.00 23.83 ? 104 VAL A O   1 
ATOM   727  C  CB  A VAL A 1 105 ? 3.094   -3.402  5.622   0.50 23.74 ? 104 VAL A CB  1 
ATOM   728  C  CB  B VAL A 1 105 ? 2.949   -3.336  5.468   0.50 23.49 ? 104 VAL A CB  1 
ATOM   729  C  CG1 A VAL A 1 105 ? 2.756   -2.060  6.220   0.50 21.31 ? 104 VAL A CG1 1 
ATOM   730  C  CG1 B VAL A 1 105 ? 3.875   -3.865  4.359   0.50 20.42 ? 104 VAL A CG1 1 
ATOM   731  C  CG2 A VAL A 1 105 ? 4.624   -3.633  5.541   0.50 20.12 ? 104 VAL A CG2 1 
ATOM   732  C  CG2 B VAL A 1 105 ? 1.810   -2.614  4.818   0.50 21.96 ? 104 VAL A CG2 1 
ATOM   733  N  N   . THR A 1 106 ? 0.984   -3.523  7.998   1.00 23.49 ? 105 THR A N   1 
ATOM   734  C  CA  . THR A 1 106 ? -0.235  -2.996  8.622   1.00 23.95 ? 105 THR A CA  1 
ATOM   735  C  C   . THR A 1 106 ? -0.153  -1.489  8.514   1.00 23.67 ? 105 THR A C   1 
ATOM   736  O  O   . THR A 1 106 ? 0.877   -0.884  8.875   1.00 22.38 ? 105 THR A O   1 
ATOM   737  C  CB  . THR A 1 106 ? -0.335  -3.407  10.117  1.00 25.04 ? 105 THR A CB  1 
ATOM   738  O  OG1 . THR A 1 106 ? -0.578  -4.818  10.195  1.00 24.44 ? 105 THR A OG1 1 
ATOM   739  C  CG2 . THR A 1 106 ? -1.470  -2.665  10.825  1.00 26.19 ? 105 THR A CG2 1 
ATOM   740  N  N   . LEU A 1 107 ? -1.222  -0.889  7.999   1.00 22.26 ? 106 LEU A N   1 
ATOM   741  C  CA  . LEU A 1 107 ? -1.300  0.566   7.846   1.00 22.83 ? 106 LEU A CA  1 
ATOM   742  C  C   . LEU A 1 107 ? -2.551  1.123   8.489   1.00 23.24 ? 106 LEU A C   1 
ATOM   743  O  O   . LEU A 1 107 ? -3.669  0.635   8.264   1.00 21.61 ? 106 LEU A O   1 
ATOM   744  C  CB  . LEU A 1 107 ? -1.268  0.990   6.373   1.00 23.46 ? 106 LEU A CB  1 
ATOM   745  C  CG  . LEU A 1 107 ? 0.020   0.724   5.581   1.00 23.73 ? 106 LEU A CG  1 
ATOM   746  C  CD1 . LEU A 1 107 ? -0.156  1.189   4.141   1.00 22.04 ? 106 LEU A CD1 1 
ATOM   747  C  CD2 . LEU A 1 107 ? 1.229   1.418   6.223   1.00 22.96 ? 106 LEU A CD2 1 
ATOM   748  N  N   . GLY A 1 108 ? -2.335  2.166   9.281   1.00 23.51 ? 107 GLY A N   1 
ATOM   749  C  CA  . GLY A 1 108 ? -3.417  2.850   10.001  1.00 24.35 ? 107 GLY A CA  1 
ATOM   750  C  C   . GLY A 1 108 ? -3.063  3.354   11.383  1.00 25.04 ? 107 GLY A C   1 
ATOM   751  O  O   . GLY A 1 108 ? -2.122  2.908   12.030  1.00 26.16 ? 107 GLY A O   1 
ATOM   752  N  N   . ARG A 1 109 ? -3.855  4.328   11.791  1.00 25.55 ? 108 ARG A N   1 
ATOM   753  C  CA  . ARG A 1 109 ? -3.755  4.978   13.091  1.00 26.21 ? 108 ARG A CA  1 
ATOM   754  C  C   . ARG A 1 109 ? -4.237  4.064   14.202  1.00 27.84 ? 108 ARG A C   1 
ATOM   755  O  O   . ARG A 1 109 ? -5.106  3.237   13.984  1.00 28.13 ? 108 ARG A O   1 
ATOM   756  C  CB  . ARG A 1 109 ? -4.561  6.283   13.103  1.00 27.24 ? 108 ARG A CB  1 
ATOM   757  C  CG  . ARG A 1 109 ? -3.975  7.327   12.201  1.00 28.63 ? 108 ARG A CG  1 
ATOM   758  C  CD  . ARG A 1 109 ? -4.618  8.671   12.508  1.00 31.45 ? 108 ARG A CD  1 
ATOM   759  N  NE  . ARG A 1 109 ? -5.879  8.791   11.830  1.00 29.09 ? 108 ARG A NE  1 
ATOM   760  C  CZ  . ARG A 1 109 ? -6.899  9.530   12.232  1.00 25.84 ? 108 ARG A CZ  1 
ATOM   761  N  NH1 . ARG A 1 109 ? -6.865  10.191  13.374  1.00 24.29 ? 108 ARG A NH1 1 
ATOM   762  N  NH2 . ARG A 1 109 ? -7.974  9.559   11.484  1.00 23.43 ? 108 ARG A NH2 1 
ATOM   763  N  N   . PRO A 1 110 ? -3.704  4.261   15.415  1.00 29.49 ? 109 PRO A N   1 
ATOM   764  C  CA  . PRO A 1 110 ? -2.780  5.371   15.575  1.00 29.68 ? 109 PRO A CA  1 
ATOM   765  C  C   . PRO A 1 110 ? -1.318  5.006   15.578  1.00 29.13 ? 109 PRO A C   1 
ATOM   766  O  O   . PRO A 1 110 ? -0.466  5.892   15.534  1.00 30.15 ? 109 PRO A O   1 
ATOM   767  C  CB  . PRO A 1 110 ? -3.113  5.868   16.970  1.00 30.97 ? 109 PRO A CB  1 
ATOM   768  C  CG  . PRO A 1 110 ? -3.418  4.614   17.714  1.00 29.58 ? 109 PRO A CG  1 
ATOM   769  C  CD  . PRO A 1 110 ? -4.106  3.698   16.714  1.00 30.87 ? 109 PRO A CD  1 
ATOM   770  N  N   . ASP A 1 111 ? -1.027  3.718   15.610  1.00 27.64 ? 110 ASP A N   1 
ATOM   771  C  CA  . ASP A 1 111 ? 0.350   3.285   15.765  1.00 26.71 ? 110 ASP A CA  1 
ATOM   772  C  C   . ASP A 1 111 ? 1.026   2.833   14.500  1.00 24.43 ? 110 ASP A C   1 
ATOM   773  O  O   . ASP A 1 111 ? 2.210   2.515   14.511  1.00 24.64 ? 110 ASP A O   1 
ATOM   774  C  CB  . ASP A 1 111 ? 0.438   2.160   16.795  1.00 27.98 ? 110 ASP A CB  1 
ATOM   775  C  CG  . ASP A 1 111 ? -0.048  2.587   18.173  1.00 31.47 ? 110 ASP A CG  1 
ATOM   776  O  OD1 . ASP A 1 111 ? 0.029   3.790   18.478  1.00 31.46 ? 110 ASP A OD1 1 
ATOM   777  O  OD2 . ASP A 1 111 ? -0.471  1.700   18.952  1.00 38.42 ? 110 ASP A OD2 1 
ATOM   778  N  N   . ASN A 1 112 ? 0.280   2.824   13.413  1.00 21.59 ? 111 ASN A N   1 
ATOM   779  C  CA  . ASN A 1 112 ? 0.821   2.364   12.145  1.00 21.07 ? 111 ASN A CA  1 
ATOM   780  C  C   . ASN A 1 112 ? 0.615   3.327   11.002  1.00 20.47 ? 111 ASN A C   1 
ATOM   781  O  O   . ASN A 1 112 ? 0.410   2.916   9.851   1.00 20.74 ? 111 ASN A O   1 
ATOM   782  C  CB  . ASN A 1 112 ? 0.201   1.025   11.799  1.00 22.34 ? 111 ASN A CB  1 
ATOM   783  C  CG  . ASN A 1 112 ? 0.745   -0.103  12.664  1.00 24.06 ? 111 ASN A CG  1 
ATOM   784  O  OD1 . ASN A 1 112 ? 1.918   -0.446  12.590  1.00 28.35 ? 111 ASN A OD1 1 
ATOM   785  N  ND2 . ASN A 1 112 ? -0.103  -0.672  13.482  1.00 24.33 ? 111 ASN A ND2 1 
ATOM   786  N  N   . TYR A 1 113 ? 0.607   4.607   11.337  1.00 20.62 ? 112 TYR A N   1 
ATOM   787  C  CA  . TYR A 1 113 ? 0.401   5.660   10.322  1.00 22.13 ? 112 TYR A CA  1 
ATOM   788  C  C   . TYR A 1 113 ? 1.727   5.967   9.603   1.00 22.23 ? 112 TYR A C   1 
ATOM   789  O  O   . TYR A 1 113 ? 2.538   6.783   10.026  1.00 22.19 ? 112 TYR A O   1 
ATOM   790  C  CB  . TYR A 1 113 ? -0.255  6.897   10.918  1.00 22.06 ? 112 TYR A CB  1 
ATOM   791  C  CG  . TYR A 1 113 ? -0.666  7.858   9.829   1.00 23.79 ? 112 TYR A CG  1 
ATOM   792  C  CD1 . TYR A 1 113 ? -1.625  7.490   8.902   1.00 25.63 ? 112 TYR A CD1 1 
ATOM   793  C  CD2 . TYR A 1 113 ? -0.089  9.120   9.719   1.00 22.62 ? 112 TYR A CD2 1 
ATOM   794  C  CE1 . TYR A 1 113 ? -2.010  8.343   7.900   1.00 26.13 ? 112 TYR A CE1 1 
ATOM   795  C  CE2 . TYR A 1 113 ? -0.457  9.985   8.716   1.00 19.85 ? 112 TYR A CE2 1 
ATOM   796  C  CZ  . TYR A 1 113 ? -1.427  9.593   7.805   1.00 21.66 ? 112 TYR A CZ  1 
ATOM   797  O  OH  . TYR A 1 113 ? -1.789  10.428  6.778   1.00 23.00 ? 112 TYR A OH  1 
ATOM   798  N  N   . ARG A 1 114 ? 1.936   5.225   8.529   1.00 22.86 ? 113 ARG A N   1 
ATOM   799  C  CA  . ARG A 1 114 ? 3.143   5.311   7.708   1.00 22.59 ? 113 ARG A CA  1 
ATOM   800  C  C   . ARG A 1 114 ? 2.833   5.355   6.239   1.00 23.14 ? 113 ARG A C   1 
ATOM   801  O  O   . ARG A 1 114 ? 1.693   5.121   5.798   1.00 22.55 ? 113 ARG A O   1 
ATOM   802  C  CB  . ARG A 1 114 ? 4.014   4.104   7.972   1.00 24.38 ? 113 ARG A CB  1 
ATOM   803  C  CG  . ARG A 1 114 ? 4.308   3.935   9.469   1.00 26.66 ? 113 ARG A CG  1 
ATOM   804  C  CD  . ARG A 1 114 ? 5.107   2.696   9.750   1.00 32.66 ? 113 ARG A CD  1 
ATOM   805  N  NE  . ARG A 1 114 ? 5.600   2.692   11.127  1.00 37.43 ? 113 ARG A NE  1 
ATOM   806  C  CZ  . ARG A 1 114 ? 5.120   1.931   12.110  1.00 41.07 ? 113 ARG A CZ  1 
ATOM   807  N  NH1 . ARG A 1 114 ? 4.134   1.083   11.880  1.00 41.42 ? 113 ARG A NH1 1 
ATOM   808  N  NH2 . ARG A 1 114 ? 5.644   2.008   13.331  1.00 35.44 ? 113 ARG A NH2 1 
ATOM   809  N  N   . LEU A 1 115 ? 3.884   5.652   5.491   1.00 22.25 ? 114 LEU A N   1 
ATOM   810  C  CA  . LEU A 1 115 ? 3.810   5.728   4.036   1.00 21.75 ? 114 LEU A CA  1 
ATOM   811  C  C   . LEU A 1 115 ? 4.507   4.478   3.483   1.00 21.43 ? 114 LEU A C   1 
ATOM   812  O  O   . LEU A 1 115 ? 5.646   4.184   3.820   1.00 20.70 ? 114 LEU A O   1 
ATOM   813  C  CB  . LEU A 1 115 ? 4.483   6.988   3.498   1.00 23.13 ? 114 LEU A CB  1 
ATOM   814  C  CG  . LEU A 1 115 ? 4.189   7.299   2.020   1.00 23.16 ? 114 LEU A CG  1 
ATOM   815  C  CD1 . LEU A 1 115 ? 2.801   7.809   1.908   1.00 24.42 ? 114 LEU A CD1 1 
ATOM   816  C  CD2 . LEU A 1 115 ? 5.170   8.349   1.458   1.00 28.77 ? 114 LEU A CD2 1 
ATOM   817  N  N   . LEU A 1 116 ? 3.767   3.743   2.672   1.00 21.23 ? 115 LEU A N   1 
ATOM   818  C  CA  . LEU A 1 116 ? 4.242   2.503   2.039   1.00 20.60 ? 115 LEU A CA  1 
ATOM   819  C  C   . LEU A 1 116 ? 4.493   2.739   0.556   1.00 21.10 ? 115 LEU A C   1 
ATOM   820  O  O   . LEU A 1 116 ? 3.607   3.111   -0.189  1.00 21.07 ? 115 LEU A O   1 
ATOM   821  C  CB  . LEU A 1 116 ? 3.191   1.400   2.194   1.00 22.09 ? 115 LEU A CB  1 
ATOM   822  C  CG  . LEU A 1 116 ? 3.401   0.110   1.400   1.00 22.76 ? 115 LEU A CG  1 
ATOM   823  C  CD1 . LEU A 1 116 ? 4.708   -0.530  1.889   1.00 19.13 ? 115 LEU A CD1 1 
ATOM   824  C  CD2 . LEU A 1 116 ? 2.194   -0.849  1.504   1.00 22.85 ? 115 LEU A CD2 1 
ATOM   825  N  N   . ARG A 1 117 ? 5.741   2.531   0.162   1.00 22.04 ? 116 ARG A N   1 
ATOM   826  C  CA  . ARG A 1 117 ? 6.157   2.641   -1.229  1.00 22.60 ? 116 ARG A CA  1 
ATOM   827  C  C   . ARG A 1 117 ? 6.098   1.263   -1.862  1.00 21.59 ? 116 ARG A C   1 
ATOM   828  O  O   . ARG A 1 117 ? 6.689   0.314   -1.349  1.00 19.24 ? 116 ARG A O   1 
ATOM   829  C  CB  . ARG A 1 117 ? 7.591   3.197   -1.309  1.00 23.52 ? 116 ARG A CB  1 
ATOM   830  C  CG  . ARG A 1 117 ? 8.123   3.275   -2.716  1.00 27.51 ? 116 ARG A CG  1 
ATOM   831  C  CD  . ARG A 1 117 ? 9.609   3.620   -2.731  1.00 33.50 ? 116 ARG A CD  1 
ATOM   832  N  NE  . ARG A 1 117 ? 10.025  3.889   -4.096  1.00 38.77 ? 116 ARG A NE  1 
ATOM   833  C  CZ  . ARG A 1 117 ? 10.683  3.034   -4.871  1.00 46.66 ? 116 ARG A CZ  1 
ATOM   834  N  NH1 . ARG A 1 117 ? 11.060  1.855   -4.405  1.00 46.74 ? 116 ARG A NH1 1 
ATOM   835  N  NH2 . ARG A 1 117 ? 10.991  3.386   -6.112  1.00 47.06 ? 116 ARG A NH2 1 
ATOM   836  N  N   . ILE A 1 118 ? 5.347   1.145   -2.958  1.00 22.16 ? 117 ILE A N   1 
ATOM   837  C  CA  . ILE A 1 118 ? 5.239   -0.139  -3.669  1.00 21.18 ? 117 ILE A CA  1 
ATOM   838  C  C   . ILE A 1 118 ? 5.870   0.054   -5.042  1.00 22.20 ? 117 ILE A C   1 
ATOM   839  O  O   . ILE A 1 118 ? 5.346   0.803   -5.871  1.00 21.06 ? 117 ILE A O   1 
ATOM   840  C  CB  . ILE A 1 118 ? 3.782   -0.605  -3.835  1.00 21.68 ? 117 ILE A CB  1 
ATOM   841  C  CG1 . ILE A 1 118 ? 3.103   -0.736  -2.472  1.00 18.69 ? 117 ILE A CG1 1 
ATOM   842  C  CG2 . ILE A 1 118 ? 3.725   -1.992  -4.595  1.00 19.19 ? 117 ILE A CG2 1 
ATOM   843  C  CD1 . ILE A 1 118 ? 1.611   -1.047  -2.563  1.00 21.11 ? 117 ILE A CD1 1 
ATOM   844  N  N   . PRO A 1 119 ? 6.998   -0.620  -5.311  1.00 22.57 ? 118 PRO A N   1 
ATOM   845  C  CA  . PRO A 1 119 ? 7.594   -0.306  -6.610  1.00 22.53 ? 118 PRO A CA  1 
ATOM   846  C  C   . PRO A 1 119 ? 6.903   -0.997  -7.784  1.00 21.67 ? 118 PRO A C   1 
ATOM   847  O  O   . PRO A 1 119 ? 6.046   -1.854  -7.581  1.00 21.99 ? 118 PRO A O   1 
ATOM   848  C  CB  . PRO A 1 119 ? 9.050   -0.778  -6.463  1.00 23.01 ? 118 PRO A CB  1 
ATOM   849  C  CG  . PRO A 1 119 ? 9.085   -1.672  -5.293  1.00 23.12 ? 118 PRO A CG  1 
ATOM   850  C  CD  . PRO A 1 119 ? 7.823   -1.535  -4.504  1.00 23.45 ? 118 PRO A CD  1 
ATOM   851  N  N   . PRO A 1 120 ? 7.214   -0.579  -9.013  1.00 22.71 ? 119 PRO A N   1 
ATOM   852  C  CA  . PRO A 1 120 ? 6.557   -1.296  -10.097 1.00 23.47 ? 119 PRO A CA  1 
ATOM   853  C  C   . PRO A 1 120 ? 6.893   -2.772  -10.188 1.00 23.65 ? 119 PRO A C   1 
ATOM   854  O  O   . PRO A 1 120 ? 7.928   -3.250  -9.700  1.00 22.89 ? 119 PRO A O   1 
ATOM   855  C  CB  . PRO A 1 120 ? 7.035   -0.575  -11.370 1.00 23.66 ? 119 PRO A CB  1 
ATOM   856  C  CG  . PRO A 1 120 ? 8.146   0.274   -10.990 1.00 24.62 ? 119 PRO A CG  1 
ATOM   857  C  CD  . PRO A 1 120 ? 8.160   0.439   -9.492  1.00 24.80 ? 119 PRO A CD  1 
ATOM   858  N  N   . GLN A 1 121 ? 5.928   -3.451  -10.776 1.00 23.12 ? 120 GLN A N   1 
ATOM   859  C  CA  A GLN A 1 121 ? 5.978   -4.857  -11.096 0.50 23.91 ? 120 GLN A CA  1 
ATOM   860  C  CA  B GLN A 1 121 ? 6.041   -4.863  -11.089 0.50 24.10 ? 120 GLN A CA  1 
ATOM   861  C  C   . GLN A 1 121 ? 5.966   -5.759  -9.870  1.00 24.94 ? 120 GLN A C   1 
ATOM   862  O  O   . GLN A 1 121 ? 6.326   -6.936  -9.923  1.00 25.02 ? 120 GLN A O   1 
ATOM   863  C  CB  A GLN A 1 121 ? 7.124   -5.133  -12.072 0.50 24.44 ? 120 GLN A CB  1 
ATOM   864  C  CB  B GLN A 1 121 ? 7.343   -5.131  -11.842 0.50 24.83 ? 120 GLN A CB  1 
ATOM   865  C  CG  A GLN A 1 121 ? 6.868   -4.452  -13.428 0.50 23.31 ? 120 GLN A CG  1 
ATOM   866  C  CG  B GLN A 1 121 ? 7.441   -4.453  -13.203 0.50 25.04 ? 120 GLN A CG  1 
ATOM   867  C  CD  A GLN A 1 121 ? 7.980   -4.638  -14.444 0.50 26.73 ? 120 GLN A CD  1 
ATOM   868  C  CD  B GLN A 1 121 ? 6.547   -5.069  -14.262 0.50 25.26 ? 120 GLN A CD  1 
ATOM   869  O  OE1 A GLN A 1 121 ? 8.834   -5.506  -14.301 0.50 26.78 ? 120 GLN A OE1 1 
ATOM   870  O  OE1 B GLN A 1 121 ? 5.560   -5.757  -13.965 0.50 29.75 ? 120 GLN A OE1 1 
ATOM   871  N  NE2 A GLN A 1 121 ? 7.956   -3.825  -15.499 0.50 29.69 ? 120 GLN A NE2 1 
ATOM   872  N  NE2 B GLN A 1 121 ? 6.895   -4.824  -15.520 0.50 22.43 ? 120 GLN A NE2 1 
ATOM   873  N  N   . VAL A 1 122 ? 5.518   -5.175  -8.779  1.00 23.44 ? 121 VAL A N   1 
ATOM   874  C  CA  . VAL A 1 122 ? 5.312   -5.908  -7.541  1.00 22.98 ? 121 VAL A CA  1 
ATOM   875  C  C   . VAL A 1 122 ? 3.804   -6.003  -7.344  1.00 23.40 ? 121 VAL A C   1 
ATOM   876  O  O   . VAL A 1 122 ? 3.099   -4.992  -7.394  1.00 23.54 ? 121 VAL A O   1 
ATOM   877  C  CB  . VAL A 1 122 ? 5.931   -5.215  -6.308  1.00 23.61 ? 121 VAL A CB  1 
ATOM   878  C  CG1 . VAL A 1 122 ? 5.453   -5.887  -5.001  1.00 22.53 ? 121 VAL A CG1 1 
ATOM   879  C  CG2 . VAL A 1 122 ? 7.445   -5.236  -6.379  1.00 24.03 ? 121 VAL A CG2 1 
ATOM   880  N  N   . TRP A 1 123 ? 3.317   -7.224  -7.163  1.00 23.10 ? 122 TRP A N   1 
ATOM   881  C  CA  . TRP A 1 123 ? 1.894   -7.458  -6.903  1.00 23.24 ? 122 TRP A CA  1 
ATOM   882  C  C   . TRP A 1 123 ? 1.518   -6.974  -5.521  1.00 23.34 ? 122 TRP A C   1 
ATOM   883  O  O   . TRP A 1 123 ? 2.266   -7.139  -4.551  1.00 22.56 ? 122 TRP A O   1 
ATOM   884  C  CB  . TRP A 1 123 ? 1.531   -8.935  -6.981  1.00 24.42 ? 122 TRP A CB  1 
ATOM   885  C  CG  . TRP A 1 123 ? 1.577   -9.558  -8.347  1.00 22.30 ? 122 TRP A CG  1 
ATOM   886  C  CD1 . TRP A 1 123 ? 2.579   -10.340 -8.857  1.00 26.79 ? 122 TRP A CD1 1 
ATOM   887  C  CD2 . TRP A 1 123 ? 0.565   -9.499  -9.353  1.00 25.21 ? 122 TRP A CD2 1 
ATOM   888  N  NE1 . TRP A 1 123 ? 2.257   -10.756 -10.131 1.00 26.85 ? 122 TRP A NE1 1 
ATOM   889  C  CE2 . TRP A 1 123 ? 1.026   -10.248 -10.460 1.00 24.05 ? 122 TRP A CE2 1 
ATOM   890  C  CE3 . TRP A 1 123 ? -0.683  -8.875  -9.438  1.00 23.98 ? 122 TRP A CE3 1 
ATOM   891  C  CZ2 . TRP A 1 123 ? 0.284   -10.387 -11.618 1.00 24.35 ? 122 TRP A CZ2 1 
ATOM   892  C  CZ3 . TRP A 1 123 ? -1.412  -9.018  -10.601 1.00 21.58 ? 122 TRP A CZ3 1 
ATOM   893  C  CH2 . TRP A 1 123 ? -0.925  -9.746  -11.673 1.00 23.53 ? 122 TRP A CH2 1 
ATOM   894  N  N   . TYR A 1 124 ? 0.340   -6.378  -5.445  1.00 22.41 ? 123 TYR A N   1 
ATOM   895  C  CA  . TYR A 1 124 ? -0.203  -5.920  -4.166  1.00 22.20 ? 123 TYR A CA  1 
ATOM   896  C  C   . TYR A 1 124 ? -1.695  -6.181  -3.988  1.00 21.35 ? 123 TYR A C   1 
ATOM   897  O  O   . TYR A 1 124 ? -2.467  -6.280  -4.914  1.00 22.31 ? 123 TYR A O   1 
ATOM   898  C  CB  . TYR A 1 124 ? 0.153   -4.459  -3.869  1.00 22.07 ? 123 TYR A CB  1 
ATOM   899  C  CG  . TYR A 1 124 ? -0.319  -3.442  -4.878  1.00 21.96 ? 123 TYR A CG  1 
ATOM   900  C  CD1 . TYR A 1 124 ? 0.467   -3.089  -5.956  1.00 24.06 ? 123 TYR A CD1 1 
ATOM   901  C  CD2 . TYR A 1 124 ? -1.539  -2.808  -4.722  1.00 24.20 ? 123 TYR A CD2 1 
ATOM   902  C  CE1 . TYR A 1 124 ? 0.032   -2.133  -6.881  1.00 20.71 ? 123 TYR A CE1 1 
ATOM   903  C  CE2 . TYR A 1 124 ? -1.989  -1.866  -5.627  1.00 22.58 ? 123 TYR A CE2 1 
ATOM   904  C  CZ  . TYR A 1 124 ? -1.201  -1.526  -6.705  1.00 26.10 ? 123 TYR A CZ  1 
ATOM   905  O  OH  . TYR A 1 124 ? -1.649  -0.580  -7.612  1.00 25.21 ? 123 TYR A OH  1 
ATOM   906  N  N   . GLY A 1 125 ? -2.029  -6.378  -2.732  1.00 22.51 ? 124 GLY A N   1 
ATOM   907  C  CA  . GLY A 1 125 ? -3.400  -6.599  -2.292  1.00 22.72 ? 124 GLY A CA  1 
ATOM   908  C  C   . GLY A 1 125 ? -3.554  -6.036  -0.894  1.00 22.38 ? 124 GLY A C   1 
ATOM   909  O  O   . GLY A 1 125 ? -2.578  -5.893  -0.161  1.00 21.84 ? 124 GLY A O   1 
ATOM   910  N  N   . PHE A 1 126 ? -4.780  -5.696  -0.534  1.00 20.61 ? 125 PHE A N   1 
ATOM   911  C  CA  . PHE A 1 126 ? -5.031  -5.175  0.810   1.00 20.75 ? 125 PHE A CA  1 
ATOM   912  C  C   . PHE A 1 126 ? -6.467  -5.386  1.240   1.00 20.73 ? 125 PHE A C   1 
ATOM   913  O  O   . PHE A 1 126 ? -7.367  -5.560  0.414   1.00 19.30 ? 125 PHE A O   1 
ATOM   914  C  CB  . PHE A 1 126 ? -4.620  -3.698  0.926   1.00 20.69 ? 125 PHE A CB  1 
ATOM   915  C  CG  . PHE A 1 126 ? -5.237  -2.796  -0.118  1.00 18.34 ? 125 PHE A CG  1 
ATOM   916  C  CD1 . PHE A 1 126 ? -6.467  -2.222  0.081   1.00 19.59 ? 125 PHE A CD1 1 
ATOM   917  C  CD2 . PHE A 1 126 ? -4.567  -2.521  -1.300  1.00 25.54 ? 125 PHE A CD2 1 
ATOM   918  C  CE1 . PHE A 1 126 ? -7.026  -1.379  -0.866  1.00 21.75 ? 125 PHE A CE1 1 
ATOM   919  C  CE2 . PHE A 1 126 ? -5.117  -1.697  -2.251  1.00 25.70 ? 125 PHE A CE2 1 
ATOM   920  C  CZ  . PHE A 1 126 ? -6.359  -1.124  -2.038  1.00 23.20 ? 125 PHE A CZ  1 
ATOM   921  N  N   . ALA A 1 127 ? -6.639  -5.405  2.552   1.00 19.43 ? 126 ALA A N   1 
ATOM   922  C  CA  . ALA A 1 127 ? -7.939  -5.596  3.183   1.00 18.45 ? 126 ALA A CA  1 
ATOM   923  C  C   . ALA A 1 127 ? -8.093  -4.787  4.458   1.00 18.65 ? 126 ALA A C   1 
ATOM   924  O  O   . ALA A 1 127 ? -7.150  -4.588  5.201   1.00 19.25 ? 126 ALA A O   1 
ATOM   925  C  CB  . ALA A 1 127 ? -8.172  -7.078  3.481   1.00 17.69 ? 126 ALA A CB  1 
ATOM   926  N  N   . ALA A 1 128 ? -9.327  -4.356  4.689   1.00 19.04 ? 127 ALA A N   1 
ATOM   927  C  CA  . ALA A 1 128 ? -9.683  -3.602  5.884   1.00 19.60 ? 127 ALA A CA  1 
ATOM   928  C  C   . ALA A 1 128 ? -9.944  -4.547  7.043   1.00 20.35 ? 127 ALA A C   1 
ATOM   929  O  O   . ALA A 1 128 ? -10.690 -5.511  6.930   1.00 21.92 ? 127 ALA A O   1 
ATOM   930  C  CB  . ALA A 1 128 ? -10.933 -2.711  5.638   1.00 18.43 ? 127 ALA A CB  1 
ATOM   931  N  N   . THR A 1 129 ? -9.316  -4.238  8.165   1.00 21.21 ? 128 THR A N   1 
ATOM   932  C  CA  . THR A 1 129 ? -9.486  -5.005  9.399   1.00 22.67 ? 128 THR A CA  1 
ATOM   933  C  C   . THR A 1 129 ? -10.469 -4.319  10.324  1.00 22.69 ? 128 THR A C   1 
ATOM   934  O  O   . THR A 1 129 ? -10.805 -3.138  10.184  1.00 24.21 ? 128 THR A O   1 
ATOM   935  C  CB  . THR A 1 129 ? -8.153  -5.162  10.159  1.00 23.23 ? 128 THR A CB  1 
ATOM   936  O  OG1 . THR A 1 129 ? -7.725  -3.875  10.610  1.00 24.01 ? 128 THR A OG1 1 
ATOM   937  C  CG2 . THR A 1 129 ? -7.076  -5.766  9.266   1.00 22.95 ? 128 THR A CG2 1 
ATOM   938  N  N   . GLY A 1 130 ? -10.974 -5.078  11.265  1.00 23.58 ? 129 GLY A N   1 
ATOM   939  C  CA  . GLY A 1 130 ? -11.876 -4.498  12.247  1.00 24.70 ? 129 GLY A CA  1 
ATOM   940  C  C   . GLY A 1 130 ? -13.306 -4.435  11.778  1.00 25.03 ? 129 GLY A C   1 
ATOM   941  O  O   . GLY A 1 130 ? -13.739 -5.211  10.939  1.00 24.80 ? 129 GLY A O   1 
ATOM   942  N  N   . ASP A 1 131 ? -14.024 -3.456  12.299  1.00 26.87 ? 130 ASP A N   1 
ATOM   943  C  CA  . ASP A 1 131 ? -15.450 -3.350  12.030  1.00 28.30 ? 130 ASP A CA  1 
ATOM   944  C  C   . ASP A 1 131 ? -15.911 -2.003  11.512  1.00 28.26 ? 130 ASP A C   1 
ATOM   945  O  O   . ASP A 1 131 ? -17.093 -1.681  11.568  1.00 29.11 ? 130 ASP A O   1 
ATOM   946  C  CB  . ASP A 1 131 ? -16.256 -3.743  13.273  1.00 30.62 ? 130 ASP A CB  1 
ATOM   947  C  CG  . ASP A 1 131 ? -16.081 -2.775  14.413  1.00 34.30 ? 130 ASP A CG  1 
ATOM   948  O  OD1 . ASP A 1 131 ? -15.389 -1.752  14.220  1.00 46.04 ? 130 ASP A OD1 1 
ATOM   949  O  OD2 . ASP A 1 131 ? -16.637 -3.039  15.501  1.00 45.12 ? 130 ASP A OD2 1 
ATOM   950  N  N   . THR A 1 132 ? -14.959 -1.227  11.017  1.00 27.40 ? 131 THR A N   1 
ATOM   951  C  CA  . THR A 1 132 ? -15.256 0.056   10.374  1.00 27.11 ? 131 THR A CA  1 
ATOM   952  C  C   . THR A 1 132 ? -14.410 0.205   9.105   1.00 25.96 ? 131 THR A C   1 
ATOM   953  O  O   . THR A 1 132 ? -13.368 -0.422  8.977   1.00 25.00 ? 131 THR A O   1 
ATOM   954  C  CB  . THR A 1 132 ? -15.084 1.266   11.324  1.00 27.38 ? 131 THR A CB  1 
ATOM   955  O  OG1 . THR A 1 132 ? -13.728 1.363   11.764  1.00 30.19 ? 131 THR A OG1 1 
ATOM   956  C  CG2 . THR A 1 132 ? -16.006 1.118   12.519  1.00 31.79 ? 131 THR A CG2 1 
ATOM   957  N  N   . PRO A 1 133 ? -14.877 1.015   8.153   1.00 24.76 ? 132 PRO A N   1 
ATOM   958  C  CA  . PRO A 1 133 ? -14.159 1.121   6.891   1.00 23.84 ? 132 PRO A CA  1 
ATOM   959  C  C   . PRO A 1 133 ? -12.826 1.824   6.963   1.00 23.92 ? 132 PRO A C   1 
ATOM   960  O  O   . PRO A 1 133 ? -12.545 2.616   7.869   1.00 23.36 ? 132 PRO A O   1 
ATOM   961  C  CB  . PRO A 1 133 ? -15.123 1.916   5.990   1.00 25.43 ? 132 PRO A CB  1 
ATOM   962  C  CG  . PRO A 1 133 ? -16.419 2.026   6.750   1.00 25.37 ? 132 PRO A CG  1 
ATOM   963  C  CD  . PRO A 1 133 ? -16.082 1.860   8.194   1.00 25.41 ? 132 PRO A CD  1 
ATOM   964  N  N   . ALA A 1 134 ? -12.007 1.486   5.987   1.00 21.95 ? 133 ALA A N   1 
ATOM   965  C  CA  . ALA A 1 134 ? -10.722 2.105   5.816   1.00 21.30 ? 133 ALA A CA  1 
ATOM   966  C  C   . ALA A 1 134 ? -10.776 3.005   4.592   1.00 21.60 ? 133 ALA A C   1 
ATOM   967  O  O   . ALA A 1 134 ? -11.602 2.828   3.683   1.00 21.74 ? 133 ALA A O   1 
ATOM   968  C  CB  . ALA A 1 134 ? -9.612  1.054   5.661   1.00 20.13 ? 133 ALA A CB  1 
ATOM   969  N  N   . LEU A 1 135 ? -9.929  4.014   4.634   1.00 22.23 ? 134 LEU A N   1 
ATOM   970  C  CA  . LEU A 1 135 ? -9.736  4.923   3.497   1.00 23.68 ? 134 LEU A CA  1 
ATOM   971  C  C   . LEU A 1 135 ? -8.258  4.940   3.194   1.00 24.21 ? 134 LEU A C   1 
ATOM   972  O  O   . LEU A 1 135 ? -7.447  5.404   3.985   1.00 24.69 ? 134 LEU A O   1 
ATOM   973  C  CB  . LEU A 1 135 ? -10.204 6.355   3.775   1.00 23.53 ? 134 LEU A CB  1 
ATOM   974  C  CG  . LEU A 1 135 ? -10.174 7.186   2.482   1.00 25.15 ? 134 LEU A CG  1 
ATOM   975  C  CD1 . LEU A 1 135 ? -11.401 6.815   1.590   1.00 24.75 ? 134 LEU A CD1 1 
ATOM   976  C  CD2 . LEU A 1 135 ? -10.139 8.655   2.766   1.00 28.34 ? 134 LEU A CD2 1 
ATOM   977  N  N   . VAL A 1 136 ? -7.929  4.384   2.045   1.00 24.52 ? 135 VAL A N   1 
ATOM   978  C  CA  . VAL A 1 136 ? -6.563  4.310   1.580   1.00 24.02 ? 135 VAL A CA  1 
ATOM   979  C  C   . VAL A 1 136 ? -6.351  5.466   0.617   1.00 24.35 ? 135 VAL A C   1 
ATOM   980  O  O   . VAL A 1 136 ? -7.156  5.687   -0.279  1.00 26.19 ? 135 VAL A O   1 
ATOM   981  C  CB  . VAL A 1 136 ? -6.312  2.962   0.826   1.00 24.07 ? 135 VAL A CB  1 
ATOM   982  C  CG1 . VAL A 1 136 ? -4.877  2.836   0.416   1.00 27.39 ? 135 VAL A CG1 1 
ATOM   983  C  CG2 . VAL A 1 136 ? -6.739  1.762   1.685   1.00 22.21 ? 135 VAL A CG2 1 
ATOM   984  N  N   . ALA A 1 137 ? -5.278  6.214   0.834   1.00 23.15 ? 136 ALA A N   1 
ATOM   985  C  CA  . ALA A 1 137 ? -4.899  7.286   -0.066  1.00 22.12 ? 136 ALA A CA  1 
ATOM   986  C  C   . ALA A 1 137 ? -3.685  6.826   -0.839  1.00 22.61 ? 136 ALA A C   1 
ATOM   987  O  O   . ALA A 1 137 ? -2.792  6.172   -0.309  1.00 20.09 ? 136 ALA A O   1 
ATOM   988  C  CB  . ALA A 1 137 ? -4.604  8.584   0.696   1.00 20.83 ? 136 ALA A CB  1 
ATOM   989  N  N   . ASN A 1 138 ? -3.667  7.164   -2.115  1.00 23.80 ? 137 ASN A N   1 
ATOM   990  C  CA  . ASN A 1 138 ? -2.547  6.796   -2.970  1.00 25.29 ? 137 ASN A CA  1 
ATOM   991  C  C   . ASN A 1 138 ? -2.101  7.973   -3.815  1.00 25.16 ? 137 ASN A C   1 
ATOM   992  O  O   . ASN A 1 138 ? -2.896  8.577   -4.510  1.00 27.41 ? 137 ASN A O   1 
ATOM   993  C  CB  . ASN A 1 138 ? -2.935  5.618   -3.873  1.00 23.98 ? 137 ASN A CB  1 
ATOM   994  C  CG  . ASN A 1 138 ? -1.744  5.001   -4.572  1.00 26.39 ? 137 ASN A CG  1 
ATOM   995  O  OD1 . ASN A 1 138 ? -0.607  5.374   -4.311  1.00 25.40 ? 137 ASN A OD1 1 
ATOM   996  N  ND2 . ASN A 1 138 ? -2.001  4.048   -5.470  1.00 26.36 ? 137 ASN A ND2 1 
ATOM   997  N  N   . CYS A 1 139 ? -0.835  8.321   -3.696  1.00 23.84 ? 138 CYS A N   1 
ATOM   998  C  CA  . CYS A 1 139 ? -0.258  9.372   -4.502  1.00 24.80 ? 138 CYS A CA  1 
ATOM   999  C  C   . CYS A 1 139 ? 0.723   8.677   -5.442  1.00 25.80 ? 138 CYS A C   1 
ATOM   1000 O  O   . CYS A 1 139 ? 1.804   8.235   -5.031  1.00 25.85 ? 138 CYS A O   1 
ATOM   1001 C  CB  . CYS A 1 139 ? 0.462   10.410  -3.646  1.00 26.38 ? 138 CYS A CB  1 
ATOM   1002 S  SG  . CYS A 1 139 ? 1.072   11.841  -4.599  1.00 27.89 ? 138 CYS A SG  1 
ATOM   1003 N  N   . THR A 1 140 ? 0.319   8.584   -6.702  1.00 25.06 ? 139 THR A N   1 
ATOM   1004 C  CA  . THR A 1 140 ? 1.099   7.881   -7.701  1.00 25.82 ? 139 THR A CA  1 
ATOM   1005 C  C   . THR A 1 140 ? 1.899   8.861   -8.540  1.00 26.31 ? 139 THR A C   1 
ATOM   1006 O  O   . THR A 1 140 ? 1.581   10.058  -8.645  1.00 25.95 ? 139 THR A O   1 
ATOM   1007 C  CB  . THR A 1 140 ? 0.196   7.036   -8.579  1.00 26.09 ? 139 THR A CB  1 
ATOM   1008 O  OG1 . THR A 1 140 ? -0.621  7.905   -9.349  1.00 23.27 ? 139 THR A OG1 1 
ATOM   1009 C  CG2 . THR A 1 140 ? -0.668  6.160   -7.730  1.00 24.48 ? 139 THR A CG2 1 
ATOM   1010 N  N   . ASP A 1 141 ? 2.939   8.314   -9.138  1.00 26.28 ? 140 ASP A N   1 
ATOM   1011 C  CA  . ASP A 1 141 ? 3.924   9.112   -9.879  1.00 26.64 ? 140 ASP A CA  1 
ATOM   1012 C  C   . ASP A 1 141 ? 3.518   9.309   -11.313 1.00 27.36 ? 140 ASP A C   1 
ATOM   1013 O  O   . ASP A 1 141 ? 4.022   10.190  -11.997 1.00 27.13 ? 140 ASP A O   1 
ATOM   1014 C  CB  . ASP A 1 141 ? 5.338   8.536   -9.766  1.00 26.69 ? 140 ASP A CB  1 
ATOM   1015 C  CG  . ASP A 1 141 ? 5.471   7.148   -10.334 1.00 27.03 ? 140 ASP A CG  1 
ATOM   1016 O  OD1 . ASP A 1 141 ? 4.480   6.393   -10.393 1.00 24.45 ? 140 ASP A OD1 1 
ATOM   1017 O  OD2 . ASP A 1 141 ? 6.602   6.802   -10.696 1.00 28.42 ? 140 ASP A OD2 1 
ATOM   1018 N  N   . ILE A 1 142 ? 2.609   8.467   -11.761 1.00 27.95 ? 141 ILE A N   1 
ATOM   1019 C  CA  . ILE A 1 142 ? 2.004   8.645   -13.079 1.00 29.57 ? 141 ILE A CA  1 
ATOM   1020 C  C   . ILE A 1 142 ? 0.504   8.430   -12.976 1.00 30.05 ? 141 ILE A C   1 
ATOM   1021 O  O   . ILE A 1 142 ? 0.035   7.655   -12.150 1.00 30.18 ? 141 ILE A O   1 
ATOM   1022 C  CB  . ILE A 1 142 ? 2.587   7.731   -14.184 1.00 29.42 ? 141 ILE A CB  1 
ATOM   1023 C  CG1 . ILE A 1 142 ? 2.390   6.268   -13.852 1.00 32.83 ? 141 ILE A CG1 1 
ATOM   1024 C  CG2 . ILE A 1 142 ? 4.066   8.016   -14.374 1.00 31.79 ? 141 ILE A CG2 1 
ATOM   1025 C  CD1 . ILE A 1 142 ? 2.908   5.339   -14.962 1.00 34.46 ? 141 ILE A CD1 1 
ATOM   1026 N  N   . PRO A 1 143 ? -0.257  9.125   -13.811 1.00 31.53 ? 142 PRO A N   1 
ATOM   1027 C  CA  . PRO A 1 143 ? -1.686  8.935   -13.709 1.00 31.61 ? 142 PRO A CA  1 
ATOM   1028 C  C   . PRO A 1 143 ? -2.117  7.587   -14.257 1.00 33.12 ? 142 PRO A C   1 
ATOM   1029 O  O   . PRO A 1 143 ? -1.377  6.908   -14.964 1.00 31.15 ? 142 PRO A O   1 
ATOM   1030 C  CB  . PRO A 1 143 ? -2.248  10.073  -14.552 1.00 31.32 ? 142 PRO A CB  1 
ATOM   1031 C  CG  . PRO A 1 143 ? -1.197  10.389  -15.514 1.00 32.32 ? 142 PRO A CG  1 
ATOM   1032 C  CD  . PRO A 1 143 ? 0.108   10.076  -14.873 1.00 31.59 ? 142 PRO A CD  1 
ATOM   1033 N  N   . HIS A 1 144 ? -3.314  7.199   -13.866 1.00 34.67 ? 143 HIS A N   1 
ATOM   1034 C  CA  . HIS A 1 144 ? -3.869  5.942   -14.338 1.00 36.63 ? 143 HIS A CA  1 
ATOM   1035 C  C   . HIS A 1 144 ? -4.067  5.931   -15.833 1.00 36.65 ? 143 HIS A C   1 
ATOM   1036 O  O   . HIS A 1 144 ? -4.608  6.854   -16.404 1.00 37.26 ? 143 HIS A O   1 
ATOM   1037 C  CB  . HIS A 1 144 ? -5.207  5.642   -13.688 1.00 37.52 ? 143 HIS A CB  1 
ATOM   1038 C  CG  . HIS A 1 144 ? -5.814  4.374   -14.183 1.00 42.83 ? 143 HIS A CG  1 
ATOM   1039 N  ND1 . HIS A 1 144 ? -5.488  3.146   -13.649 1.00 49.48 ? 143 HIS A ND1 1 
ATOM   1040 C  CD2 . HIS A 1 144 ? -6.677  4.132   -15.199 1.00 46.26 ? 143 HIS A CD2 1 
ATOM   1041 C  CE1 . HIS A 1 144 ? -6.151  2.203   -14.295 1.00 50.27 ? 143 HIS A CE1 1 
ATOM   1042 N  NE2 . HIS A 1 144 ? -6.872  2.774   -15.246 1.00 48.22 ? 143 HIS A NE2 1 
ATOM   1043 N  N   . ARG A 1 145 ? -3.636  4.848   -16.461 1.00 37.38 ? 144 ARG A N   1 
ATOM   1044 C  CA  . ARG A 1 145 ? -3.826  4.673   -17.899 1.00 37.73 ? 144 ARG A CA  1 
ATOM   1045 C  C   . ARG A 1 145 ? -4.081  3.231   -18.293 1.00 37.28 ? 144 ARG A C   1 
ATOM   1046 O  O   . ARG A 1 145 ? -3.420  2.301   -17.815 1.00 35.22 ? 144 ARG A O   1 
ATOM   1047 C  CB  . ARG A 1 145 ? -2.631  5.211   -18.681 1.00 38.75 ? 144 ARG A CB  1 
ATOM   1048 C  CG  . ARG A 1 145 ? -2.443  6.707   -18.553 1.00 43.91 ? 144 ARG A CG  1 
ATOM   1049 C  CD  . ARG A 1 145 ? -1.388  7.182   -19.538 1.00 47.74 ? 144 ARG A CD  1 
ATOM   1050 N  NE  . ARG A 1 145 ? -1.048  8.591   -19.368 1.00 49.32 ? 144 ARG A NE  1 
ATOM   1051 C  CZ  . ARG A 1 145 ? -0.141  9.036   -18.502 1.00 50.55 ? 144 ARG A CZ  1 
ATOM   1052 N  NH1 . ARG A 1 145 ? 0.487   8.184   -17.703 1.00 46.64 ? 144 ARG A NH1 1 
ATOM   1053 N  NH2 . ARG A 1 145 ? 0.120   10.339  -18.417 1.00 56.06 ? 144 ARG A NH2 1 
ATOM   1054 N  N   . GLN A 1 146 ? -5.062  3.062   -19.177 1.00 36.84 ? 145 GLN A N   1 
ATOM   1055 C  CA  . GLN A 1 146 ? -5.417  1.730   -19.681 1.00 35.94 ? 145 GLN A CA  1 
ATOM   1056 C  C   . GLN A 1 146 ? -4.211  0.984   -20.192 1.00 34.77 ? 145 GLN A C   1 
ATOM   1057 O  O   . GLN A 1 146 ? -3.375  1.514   -20.929 1.00 37.01 ? 145 GLN A O   1 
ATOM   1058 C  CB  . GLN A 1 146 ? -6.454  1.800   -20.817 1.00 37.09 ? 145 GLN A CB  1 
ATOM   1059 N  N   . GLY A 1 147 ? -4.143  -0.266  -19.783 1.00 31.72 ? 146 GLY A N   1 
ATOM   1060 C  CA  . GLY A 1 147 ? -3.102  -1.172  -20.226 1.00 30.44 ? 146 GLY A CA  1 
ATOM   1061 C  C   . GLY A 1 147 ? -1.806  -1.154  -19.448 1.00 28.28 ? 146 GLY A C   1 
ATOM   1062 O  O   . GLY A 1 147 ? -0.948  -1.998  -19.662 1.00 27.39 ? 146 GLY A O   1 
ATOM   1063 N  N   . GLU A 1 148 ? -1.655  -0.193  -18.556 1.00 26.55 ? 147 GLU A N   1 
ATOM   1064 C  CA  . GLU A 1 148 ? -0.391  -0.084  -17.806 1.00 26.83 ? 147 GLU A CA  1 
ATOM   1065 C  C   . GLU A 1 148 ? -0.415  -0.945  -16.534 1.00 26.74 ? 147 GLU A C   1 
ATOM   1066 O  O   . GLU A 1 148 ? 0.612   -1.209  -15.904 1.00 26.81 ? 147 GLU A O   1 
ATOM   1067 C  CB  . GLU A 1 148 ? -0.078  1.390   -17.491 1.00 26.44 ? 147 GLU A CB  1 
ATOM   1068 C  CG  . GLU A 1 148 ? 1.277   1.644   -16.807 1.00 26.91 ? 147 GLU A CG  1 
ATOM   1069 C  CD  . GLU A 1 148 ? 1.225   1.555   -15.296 1.00 30.74 ? 147 GLU A CD  1 
ATOM   1070 O  OE1 . GLU A 1 148 ? 0.130   1.778   -14.713 1.00 28.83 ? 147 GLU A OE1 1 
ATOM   1071 O  OE2 . GLU A 1 148 ? 2.297   1.322   -14.695 1.00 23.61 ? 147 GLU A OE2 1 
ATOM   1072 N  N   . SER A 1 149 ? -1.605  -1.386  -16.170 1.00 26.34 ? 148 SER A N   1 
ATOM   1073 C  CA  . SER A 1 149 ? -1.758  -2.218  -14.976 1.00 26.44 ? 148 SER A CA  1 
ATOM   1074 C  C   . SER A 1 149 ? -2.369  -3.545  -15.313 1.00 27.11 ? 148 SER A C   1 
ATOM   1075 O  O   . SER A 1 149 ? -2.977  -3.738  -16.355 1.00 25.34 ? 148 SER A O   1 
ATOM   1076 C  CB  . SER A 1 149 ? -2.592  -1.557  -13.889 1.00 27.68 ? 148 SER A CB  1 
ATOM   1077 O  OG  . SER A 1 149 ? -3.960  -1.532  -14.238 1.00 28.47 ? 148 SER A OG  1 
ATOM   1078 N  N   . GLU A 1 150 ? -2.203  -4.443  -14.362 1.00 26.72 ? 149 GLU A N   1 
ATOM   1079 C  CA  . GLU A 1 150 ? -2.652  -5.820  -14.491 1.00 27.46 ? 149 GLU A CA  1 
ATOM   1080 C  C   . GLU A 1 150 ? -3.330  -6.269  -13.209 1.00 26.35 ? 149 GLU A C   1 
ATOM   1081 O  O   . GLU A 1 150 ? -2.975  -5.830  -12.126 1.00 24.08 ? 149 GLU A O   1 
ATOM   1082 C  CB  . GLU A 1 150 ? -1.419  -6.705  -14.770 1.00 28.83 ? 149 GLU A CB  1 
ATOM   1083 C  CG  . GLU A 1 150 ? -1.673  -8.163  -14.847 1.00 37.78 ? 149 GLU A CG  1 
ATOM   1084 C  CD  . GLU A 1 150 ? -0.400  -8.970  -15.096 1.00 44.21 ? 149 GLU A CD  1 
ATOM   1085 O  OE1 . GLU A 1 150 ? 0.696   -8.380  -15.033 1.00 51.65 ? 149 GLU A OE1 1 
ATOM   1086 O  OE2 . GLU A 1 150 ? -0.498  -10.191 -15.355 1.00 52.58 ? 149 GLU A OE2 1 
ATOM   1087 N  N   . ARG A 1 151 ? -4.309  -7.138  -13.351 1.00 26.37 ? 150 ARG A N   1 
ATOM   1088 C  CA  . ARG A 1 151 ? -4.985  -7.716  -12.198 1.00 26.58 ? 150 ARG A CA  1 
ATOM   1089 C  C   . ARG A 1 151 ? -5.001  -9.222  -12.260 1.00 26.03 ? 150 ARG A C   1 
ATOM   1090 O  O   . ARG A 1 151 ? -4.805  -9.845  -13.310 1.00 25.80 ? 150 ARG A O   1 
ATOM   1091 C  CB  . ARG A 1 151 ? -6.433  -7.220  -12.064 1.00 27.76 ? 150 ARG A CB  1 
ATOM   1092 C  CG  . ARG A 1 151 ? -7.328  -7.545  -13.264 1.00 33.70 ? 150 ARG A CG  1 
ATOM   1093 C  CD  . ARG A 1 151 ? -8.793  -7.162  -13.043 1.00 36.29 ? 150 ARG A CD  1 
ATOM   1094 N  N   . ALA A 1 152 ? -5.271  -9.759  -11.084 1.00 24.44 ? 151 ALA A N   1 
ATOM   1095 C  CA  . ALA A 1 152 ? -5.430  -11.201 -10.837 1.00 24.55 ? 151 ALA A CA  1 
ATOM   1096 C  C   . ALA A 1 152 ? -6.516  -11.432 -9.785  1.00 23.32 ? 151 ALA A C   1 
ATOM   1097 O  O   . ALA A 1 152 ? -6.684  -10.616 -8.884  1.00 23.88 ? 151 ALA A O   1 
ATOM   1098 C  CB  . ALA A 1 152 ? -4.111  -11.832 -10.376 1.00 21.90 ? 151 ALA A CB  1 
ATOM   1099 N  N   . PRO A 1 153 ? -7.269  -12.527 -9.906  1.00 22.86 ? 152 PRO A N   1 
ATOM   1100 C  CA  . PRO A 1 153 ? -8.274  -12.833 -8.865  1.00 22.95 ? 152 PRO A CA  1 
ATOM   1101 C  C   . PRO A 1 153 ? -7.610  -12.865 -7.492  1.00 22.49 ? 152 PRO A C   1 
ATOM   1102 O  O   . PRO A 1 153 ? -6.437  -13.194 -7.379  1.00 22.83 ? 152 PRO A O   1 
ATOM   1103 C  CB  . PRO A 1 153 ? -8.781  -14.219 -9.242  1.00 22.62 ? 152 PRO A CB  1 
ATOM   1104 C  CG  . PRO A 1 153 ? -8.476  -14.364 -10.726 1.00 25.85 ? 152 PRO A CG  1 
ATOM   1105 C  CD  . PRO A 1 153 ? -7.232  -13.536 -10.978 1.00 24.47 ? 152 PRO A CD  1 
ATOM   1106 N  N   . GLN A 1 154 ? -8.367  -12.514 -6.468  1.00 22.44 ? 153 GLN A N   1 
ATOM   1107 C  CA  . GLN A 1 154 ? -7.807  -12.408 -5.122  1.00 23.73 ? 153 GLN A CA  1 
ATOM   1108 C  C   . GLN A 1 154 ? -7.303  -13.735 -4.581  1.00 21.73 ? 153 GLN A C   1 
ATOM   1109 O  O   . GLN A 1 154 ? -6.594  -13.749 -3.589  1.00 22.01 ? 153 GLN A O   1 
ATOM   1110 C  CB  . GLN A 1 154 ? -8.783  -11.792 -4.127  1.00 24.95 ? 153 GLN A CB  1 
ATOM   1111 C  CG  . GLN A 1 154 ? -9.919  -12.672 -3.722  1.00 30.22 ? 153 GLN A CG  1 
ATOM   1112 C  CD  . GLN A 1 154 ? -10.727 -12.021 -2.607  1.00 32.85 ? 153 GLN A CD  1 
ATOM   1113 O  OE1 . GLN A 1 154 ? -11.280 -10.952 -2.798  1.00 32.78 ? 153 GLN A OE1 1 
ATOM   1114 N  NE2 . GLN A 1 154 ? -10.786 -12.669 -1.442  1.00 29.86 ? 153 GLN A NE2 1 
ATOM   1115 N  N   . ASP A 1 155 ? -7.687  -14.819 -5.239  1.00 21.61 ? 154 ASP A N   1 
ATOM   1116 C  CA  . ASP A 1 155 ? -7.254  -16.188 -4.847  1.00 22.12 ? 154 ASP A CA  1 
ATOM   1117 C  C   . ASP A 1 155 ? -6.317  -16.821 -5.863  1.00 22.12 ? 154 ASP A C   1 
ATOM   1118 O  O   . ASP A 1 155 ? -6.088  -18.040 -5.866  1.00 23.04 ? 154 ASP A O   1 
ATOM   1119 C  CB  . ASP A 1 155 ? -8.431  -17.122 -4.532  1.00 22.31 ? 154 ASP A CB  1 
ATOM   1120 C  CG  . ASP A 1 155 ? -9.389  -17.292 -5.697  1.00 25.31 ? 154 ASP A CG  1 
ATOM   1121 O  OD1 . ASP A 1 155 ? -9.152  -16.733 -6.793  1.00 29.41 ? 154 ASP A OD1 1 
ATOM   1122 O  OD2 . ASP A 1 155 ? -10.399 -17.972 -5.490  1.00 29.55 ? 154 ASP A OD2 1 
ATOM   1123 N  N   . ALA A 1 156 ? -5.754  -15.980 -6.714  1.00 21.37 ? 155 ALA A N   1 
ATOM   1124 C  CA  . ALA A 1 156 ? -4.819  -16.459 -7.746  1.00 21.76 ? 155 ALA A CA  1 
ATOM   1125 C  C   . ALA A 1 156 ? -3.797  -17.420 -7.139  1.00 22.09 ? 155 ALA A C   1 
ATOM   1126 O  O   . ALA A 1 156 ? -3.038  -17.056 -6.242  1.00 23.03 ? 155 ALA A O   1 
ATOM   1127 C  CB  . ALA A 1 156 ? -4.127  -15.292 -8.456  1.00 20.87 ? 155 ALA A CB  1 
ATOM   1128 N  N   . PRO A 1 157 ? -3.760  -18.665 -7.626  1.00 23.85 ? 156 PRO A N   1 
ATOM   1129 C  CA  . PRO A 1 157 ? -2.864  -19.590 -6.950  1.00 23.94 ? 156 PRO A CA  1 
ATOM   1130 C  C   . PRO A 1 157 ? -1.381  -19.358 -7.156  1.00 24.26 ? 156 PRO A C   1 
ATOM   1131 O  O   . PRO A 1 157 ? -0.579  -19.962 -6.467  1.00 25.21 ? 156 PRO A O   1 
ATOM   1132 C  CB  . PRO A 1 157 ? -3.275  -20.965 -7.497  1.00 24.00 ? 156 PRO A CB  1 
ATOM   1133 C  CG  . PRO A 1 157 ? -4.027  -20.694 -8.717  1.00 24.79 ? 156 PRO A CG  1 
ATOM   1134 C  CD  . PRO A 1 157 ? -4.661  -19.346 -8.560  1.00 23.69 ? 156 PRO A CD  1 
ATOM   1135 N  N   . PHE A 1 158 ? -1.039  -18.458 -8.064  1.00 23.24 ? 157 PHE A N   1 
ATOM   1136 C  CA  . PHE A 1 158 ? 0.386   -18.169 -8.374  1.00 23.97 ? 157 PHE A CA  1 
ATOM   1137 C  C   . PHE A 1 158 ? 0.939   -17.066 -7.461  1.00 23.74 ? 157 PHE A C   1 
ATOM   1138 O  O   . PHE A 1 158 ? 2.136   -16.812 -7.425  1.00 24.84 ? 157 PHE A O   1 
ATOM   1139 C  CB  . PHE A 1 158 ? 0.621   -17.860 -9.869  1.00 24.23 ? 157 PHE A CB  1 
ATOM   1140 C  CG  . PHE A 1 158 ? 0.050   -16.558 -10.323 1.00 26.68 ? 157 PHE A CG  1 
ATOM   1141 C  CD1 . PHE A 1 158 ? -1.257  -16.470 -10.742 1.00 27.36 ? 157 PHE A CD1 1 
ATOM   1142 C  CD2 . PHE A 1 158 ? 0.823   -15.421 -10.310 1.00 31.06 ? 157 PHE A CD2 1 
ATOM   1143 C  CE1 . PHE A 1 158 ? -1.779  -15.275 -11.142 1.00 29.37 ? 157 PHE A CE1 1 
ATOM   1144 C  CE2 . PHE A 1 158 ? 0.301   -14.221 -10.705 1.00 31.90 ? 157 PHE A CE2 1 
ATOM   1145 C  CZ  . PHE A 1 158 ? -1.001  -14.149 -11.121 1.00 29.51 ? 157 PHE A CZ  1 
ATOM   1146 N  N   . ILE A 1 159 ? 0.051   -16.438 -6.698  1.00 22.71 ? 158 ILE A N   1 
ATOM   1147 C  CA  . ILE A 1 159 ? 0.460   -15.406 -5.733  1.00 21.90 ? 158 ILE A CA  1 
ATOM   1148 C  C   . ILE A 1 159 ? 0.312   -16.072 -4.352  1.00 21.78 ? 158 ILE A C   1 
ATOM   1149 O  O   . ILE A 1 159 ? -0.812  -16.289 -3.877  1.00 21.59 ? 158 ILE A O   1 
ATOM   1150 C  CB  . ILE A 1 159 ? -0.349  -14.109 -5.890  1.00 22.22 ? 158 ILE A CB  1 
ATOM   1151 C  CG1 . ILE A 1 159 ? -0.153  -13.550 -7.309  1.00 22.08 ? 158 ILE A CG1 1 
ATOM   1152 C  CG2 . ILE A 1 159 ? 0.107   -13.045 -4.854  1.00 20.78 ? 158 ILE A CG2 1 
ATOM   1153 C  CD1 . ILE A 1 159 ? -0.903  -12.249 -7.584  1.00 22.05 ? 158 ILE A CD1 1 
ATOM   1154 N  N   . PRO A 1 160 ? 1.452   -16.401 -3.706  1.00 21.96 ? 159 PRO A N   1 
ATOM   1155 C  CA  . PRO A 1 160 ? 1.471   -17.279 -2.524  1.00 22.41 ? 159 PRO A CA  1 
ATOM   1156 C  C   . PRO A 1 160 ? 0.990   -16.727 -1.203  1.00 22.96 ? 159 PRO A C   1 
ATOM   1157 O  O   . PRO A 1 160 ? 1.664   -16.863 -0.183  1.00 22.92 ? 159 PRO A O   1 
ATOM   1158 C  CB  . PRO A 1 160 ? 2.931   -17.691 -2.432  1.00 22.47 ? 159 PRO A CB  1 
ATOM   1159 C  CG  . PRO A 1 160 ? 3.635   -16.480 -2.933  1.00 21.94 ? 159 PRO A CG  1 
ATOM   1160 C  CD  . PRO A 1 160 ? 2.821   -16.050 -4.116  1.00 21.83 ? 159 PRO A CD  1 
ATOM   1161 N  N   . PHE A 1 161 ? -0.184  -16.117 -1.242  1.00 21.83 ? 160 PHE A N   1 
ATOM   1162 C  CA  . PHE A 1 161 ? -0.824  -15.652 -0.021  1.00 21.43 ? 160 PHE A CA  1 
ATOM   1163 C  C   . PHE A 1 161 ? -2.331  -15.846 -0.072  1.00 21.28 ? 160 PHE A C   1 
ATOM   1164 O  O   . PHE A 1 161 ? -2.994  -15.408 -1.006  1.00 20.37 ? 160 PHE A O   1 
ATOM   1165 C  CB  . PHE A 1 161 ? -0.514  -14.178 0.262   1.00 20.82 ? 160 PHE A CB  1 
ATOM   1166 C  CG  . PHE A 1 161 ? -1.128  -13.681 1.541   1.00 24.96 ? 160 PHE A CG  1 
ATOM   1167 C  CD1 . PHE A 1 161 ? -0.484  -13.863 2.738   1.00 24.62 ? 160 PHE A CD1 1 
ATOM   1168 C  CD2 . PHE A 1 161 ? -2.363  -13.051 1.543   1.00 24.94 ? 160 PHE A CD2 1 
ATOM   1169 C  CE1 . PHE A 1 161 ? -1.051  -13.419 3.932   1.00 26.55 ? 160 PHE A CE1 1 
ATOM   1170 C  CE2 . PHE A 1 161 ? -2.940  -12.609 2.726   1.00 20.36 ? 160 PHE A CE2 1 
ATOM   1171 C  CZ  . PHE A 1 161 ? -2.273  -12.800 3.931   1.00 22.75 ? 160 PHE A CZ  1 
ATOM   1172 N  N   . SER A 1 162 ? -2.851  -16.446 0.988   1.00 21.03 ? 161 SER A N   1 
ATOM   1173 C  CA  . SER A 1 162 ? -4.282  -16.739 1.099   1.00 22.04 ? 161 SER A CA  1 
ATOM   1174 C  C   . SER A 1 162 ? -5.064  -15.702 1.885   1.00 21.97 ? 161 SER A C   1 
ATOM   1175 O  O   . SER A 1 162 ? -5.044  -15.671 3.103   1.00 22.05 ? 161 SER A O   1 
ATOM   1176 C  CB  . SER A 1 162 ? -4.493  -18.101 1.745   1.00 22.69 ? 161 SER A CB  1 
ATOM   1177 O  OG  . SER A 1 162 ? -5.866  -18.381 1.881   1.00 24.05 ? 161 SER A OG  1 
ATOM   1178 N  N   . TRP A 1 163 ? -5.785  -14.869 1.167   1.00 22.18 ? 162 TRP A N   1 
ATOM   1179 C  CA  . TRP A 1 163 ? -6.614  -13.860 1.808   1.00 22.97 ? 162 TRP A CA  1 
ATOM   1180 C  C   . TRP A 1 163 ? -7.708  -14.519 2.595   1.00 24.48 ? 162 TRP A C   1 
ATOM   1181 O  O   . TRP A 1 163 ? -8.162  -14.000 3.603   1.00 24.31 ? 162 TRP A O   1 
ATOM   1182 C  CB  . TRP A 1 163 ? -7.237  -12.892 0.803   1.00 23.10 ? 162 TRP A CB  1 
ATOM   1183 C  CG  . TRP A 1 163 ? -6.274  -11.892 0.394   1.00 24.60 ? 162 TRP A CG  1 
ATOM   1184 C  CD1 . TRP A 1 163 ? -5.661  -11.788 -0.812  1.00 23.25 ? 162 TRP A CD1 1 
ATOM   1185 C  CD2 . TRP A 1 163 ? -5.742  -10.852 1.213   1.00 25.58 ? 162 TRP A CD2 1 
ATOM   1186 N  NE1 . TRP A 1 163 ? -4.794  -10.729 -0.802  1.00 24.27 ? 162 TRP A NE1 1 
ATOM   1187 C  CE2 . TRP A 1 163 ? -4.820  -10.140 0.432   1.00 23.54 ? 162 TRP A CE2 1 
ATOM   1188 C  CE3 . TRP A 1 163 ? -5.952  -10.456 2.535   1.00 26.21 ? 162 TRP A CE3 1 
ATOM   1189 C  CZ2 . TRP A 1 163 ? -4.105  -9.060  0.925   1.00 24.86 ? 162 TRP A CZ2 1 
ATOM   1190 C  CZ3 . TRP A 1 163 ? -5.239  -9.373  3.020   1.00 26.78 ? 162 TRP A CZ3 1 
ATOM   1191 C  CH2 . TRP A 1 163 ? -4.330  -8.692  2.219   1.00 26.49 ? 162 TRP A CH2 1 
ATOM   1192 N  N   . ALA A 1 164 ? -8.096  -15.699 2.145   1.00 25.79 ? 163 ALA A N   1 
ATOM   1193 C  CA  . ALA A 1 164 ? -9.207  -16.406 2.802   1.00 26.81 ? 163 ALA A CA  1 
ATOM   1194 C  C   . ALA A 1 164 ? -8.793  -16.837 4.193   1.00 26.71 ? 163 ALA A C   1 
ATOM   1195 O  O   . ALA A 1 164 ? -9.608  -17.011 5.092   1.00 26.80 ? 163 ALA A O   1 
ATOM   1196 C  CB  . ALA A 1 164 ? -9.639  -17.603 1.993   1.00 26.39 ? 163 ALA A CB  1 
ATOM   1197 N  N   . GLY A 1 165 ? -7.494  -16.982 4.362   1.00 27.57 ? 164 GLY A N   1 
ATOM   1198 C  CA  . GLY A 1 165 ? -6.936  -17.451 5.612   1.00 26.62 ? 164 GLY A CA  1 
ATOM   1199 C  C   . GLY A 1 165 ? -6.481  -16.330 6.514   1.00 26.72 ? 164 GLY A C   1 
ATOM   1200 O  O   . GLY A 1 165 ? -6.109  -16.558 7.654   1.00 27.90 ? 164 GLY A O   1 
ATOM   1201 N  N   . ALA A 1 166 ? -6.531  -15.111 6.014   1.00 26.54 ? 165 ALA A N   1 
ATOM   1202 C  CA  . ALA A 1 166 ? -6.047  -13.943 6.796   1.00 27.00 ? 165 ALA A CA  1 
ATOM   1203 C  C   . ALA A 1 166 ? -6.892  -13.591 8.008   1.00 28.17 ? 165 ALA A C   1 
ATOM   1204 O  O   . ALA A 1 166 ? -8.110  -13.714 8.012   1.00 28.96 ? 165 ALA A O   1 
ATOM   1205 C  CB  . ALA A 1 166 ? -5.907  -12.696 5.902   1.00 26.43 ? 165 ALA A CB  1 
ATOM   1206 N  N   . ASP A 1 167 ? -6.201  -13.114 9.032   1.00 28.90 ? 166 ASP A N   1 
ATOM   1207 C  CA  . ASP A 1 167 ? -6.848  -12.629 10.250  1.00 29.30 ? 166 ASP A CA  1 
ATOM   1208 C  C   . ASP A 1 167 ? -7.074  -11.144 10.072  1.00 28.22 ? 166 ASP A C   1 
ATOM   1209 O  O   . ASP A 1 167 ? -6.128  -10.345 10.116  1.00 27.81 ? 166 ASP A O   1 
ATOM   1210 C  CB  . ASP A 1 167 ? -5.983  -12.905 11.474  1.00 29.51 ? 166 ASP A CB  1 
ATOM   1211 C  CG  . ASP A 1 167 ? -6.582  -12.362 12.755  1.00 32.48 ? 166 ASP A CG  1 
ATOM   1212 O  OD1 . ASP A 1 167 ? -7.699  -11.793 12.734  1.00 37.23 ? 166 ASP A OD1 1 
ATOM   1213 O  OD2 . ASP A 1 167 ? -5.912  -12.507 13.797  1.00 37.49 ? 166 ASP A OD2 1 
ATOM   1214 N  N   . LEU A 1 168 ? -8.330  -10.790 9.827   1.00 27.13 ? 167 LEU A N   1 
ATOM   1215 C  CA  . LEU A 1 168 ? -8.690  -9.405  9.598   1.00 26.96 ? 167 LEU A CA  1 
ATOM   1216 C  C   . LEU A 1 168 ? -9.451  -8.843  10.785  1.00 27.43 ? 167 LEU A C   1 
ATOM   1217 O  O   . LEU A 1 168 ? -10.190 -7.875  10.668  1.00 27.25 ? 167 LEU A O   1 
ATOM   1218 C  CB  . LEU A 1 168 ? -9.506  -9.260  8.309   1.00 27.05 ? 167 LEU A CB  1 
ATOM   1219 C  CG  . LEU A 1 168 ? -8.829  -9.793  7.027   1.00 25.83 ? 167 LEU A CG  1 
ATOM   1220 C  CD1 . LEU A 1 168 ? -9.708  -9.547  5.810   1.00 27.11 ? 167 LEU A CD1 1 
ATOM   1221 C  CD2 . LEU A 1 168 ? -7.466  -9.170  6.840   1.00 26.14 ? 167 LEU A CD2 1 
ATOM   1222 N  N   . SER A 1 169 ? -9.252  -9.463  11.937  1.00 28.57 ? 168 SER A N   1 
ATOM   1223 C  CA  . SER A 1 169 ? -9.971  -9.049  13.154  1.00 28.80 ? 168 SER A CA  1 
ATOM   1224 C  C   . SER A 1 169 ? -9.471  -7.710  13.656  1.00 30.14 ? 168 SER A C   1 
ATOM   1225 O  O   . SER A 1 169 ? -10.184 -6.944  14.280  1.00 29.97 ? 168 SER A O   1 
ATOM   1226 C  CB  . SER A 1 169 ? -9.793  -10.078 14.264  1.00 28.00 ? 168 SER A CB  1 
ATOM   1227 O  OG  . SER A 1 169 ? -8.454  -10.048 14.707  1.00 26.17 ? 168 SER A OG  1 
ATOM   1228 N  N   . GLY A 1 170 ? -8.225  -7.436  13.343  1.00 32.43 ? 169 GLY A N   1 
ATOM   1229 C  CA  . GLY A 1 170 ? -7.574  -6.227  13.806  1.00 35.49 ? 169 GLY A CA  1 
ATOM   1230 C  C   . GLY A 1 170 ? -7.283  -6.290  15.295  1.00 38.60 ? 169 GLY A C   1 
ATOM   1231 O  O   . GLY A 1 170 ? -6.628  -5.414  15.852  1.00 40.90 ? 169 GLY A O   1 
ATOM   1232 N  N   . THR A 1 171 ? -7.775  -7.339  15.937  1.00 40.21 ? 170 THR A N   1 
ATOM   1233 C  CA  . THR A 1 171 ? -7.569  -7.514  17.394  1.00 41.35 ? 170 THR A CA  1 
ATOM   1234 C  C   . THR A 1 171 ? -6.097  -7.713  17.747  1.00 42.62 ? 170 THR A C   1 
ATOM   1235 O  O   . THR A 1 171 ? -5.420  -8.585  17.190  1.00 44.12 ? 170 THR A O   1 
ATOM   1236 C  CB  . THR A 1 171 ? -8.381  -8.689  17.981  1.00 41.33 ? 170 THR A CB  1 
ATOM   1237 O  OG1 . THR A 1 171 ? -7.999  -9.919  17.345  1.00 40.05 ? 170 THR A OG1 1 
ATOM   1238 C  CG2 . THR A 1 171 ? -9.884  -8.447  17.810  1.00 43.05 ? 170 THR A CG2 1 
HETATM 1239 S  S1  . UNL B 2 .   ? -4.286  -0.038  12.102  1.00 36.16 ? 174 UNL A S1  1 
HETATM 1240 C  C2  . UNL B 2 .   ? -2.673  -0.328  12.718  1.00 35.16 ? 174 UNL A C2  1 
HETATM 1241 C  C1  . CIT C 3 .   ? -4.821  0.254   -8.483  1.00 25.07 ? 175 CIT A C1  1 
HETATM 1242 O  O1  . CIT C 3 .   ? -4.138  0.115   -7.440  1.00 21.16 ? 175 CIT A O1  1 
HETATM 1243 O  O2  . CIT C 3 .   ? -4.266  0.308   -9.606  1.00 20.85 ? 175 CIT A O2  1 
HETATM 1244 C  C2  . CIT C 3 .   ? -6.313  0.404   -8.409  1.00 28.99 ? 175 CIT A C2  1 
HETATM 1245 C  C3  . CIT C 3 .   ? -6.870  0.041   -7.042  1.00 30.55 ? 175 CIT A C3  1 
HETATM 1246 O  O7  . CIT C 3 .   ? -6.482  1.051   -6.059  1.00 25.79 ? 175 CIT A O7  1 
HETATM 1247 C  C4  . CIT C 3 .   ? -8.382  -0.075  -7.243  1.00 26.96 ? 175 CIT A C4  1 
HETATM 1248 C  C5  . CIT C 3 .   ? -9.155  0.023   -5.964  1.00 26.97 ? 175 CIT A C5  1 
HETATM 1249 O  O3  . CIT C 3 .   ? -8.553  0.446   -4.969  1.00 25.29 ? 175 CIT A O3  1 
HETATM 1250 O  O4  . CIT C 3 .   ? -10.376 -0.307  -5.918  1.00 23.23 ? 175 CIT A O4  1 
HETATM 1251 C  C6  . CIT C 3 .   ? -6.329  -1.302  -6.573  1.00 31.77 ? 175 CIT A C6  1 
HETATM 1252 O  O5  . CIT C 3 .   ? -5.986  -1.452  -5.389  1.00 31.33 ? 175 CIT A O5  1 
HETATM 1253 O  O6  . CIT C 3 .   ? -6.220  -2.260  -7.357  1.00 38.60 ? 175 CIT A O6  1 
HETATM 1254 C  C1  . CIT D 3 .   ? -7.266  -5.629  -7.440  1.00 41.61 ? 176 CIT A C1  1 
HETATM 1255 O  O1  . CIT D 3 .   ? -7.267  -6.407  -8.447  1.00 32.85 ? 176 CIT A O1  1 
HETATM 1256 O  O2  . CIT D 3 .   ? -6.325  -5.595  -6.620  1.00 39.49 ? 176 CIT A O2  1 
HETATM 1257 C  C2  . CIT D 3 .   ? -8.395  -4.685  -7.177  1.00 39.45 ? 176 CIT A C2  1 
HETATM 1258 C  C3  . CIT D 3 .   ? -9.562  -5.047  -8.073  1.00 44.32 ? 176 CIT A C3  1 
HETATM 1259 O  O7  . CIT D 3 .   ? -10.002 -6.398  -7.785  1.00 43.73 ? 176 CIT A O7  1 
HETATM 1260 C  C4  . CIT D 3 .   ? -10.650 -4.019  -7.830  1.00 45.09 ? 176 CIT A C4  1 
HETATM 1261 C  C5  . CIT D 3 .   ? -11.382 -4.328  -6.559  1.00 43.54 ? 176 CIT A C5  1 
HETATM 1262 O  O3  . CIT D 3 .   ? -10.939 -5.187  -5.769  1.00 49.94 ? 176 CIT A O3  1 
HETATM 1263 O  O4  . CIT D 3 .   ? -12.435 -3.729  -6.302  1.00 40.85 ? 176 CIT A O4  1 
HETATM 1264 C  C6  . CIT D 3 .   ? -9.190  -4.931  -9.542  1.00 48.26 ? 176 CIT A C6  1 
HETATM 1265 O  O5  . CIT D 3 .   ? -9.465  -5.848  -10.353 1.00 48.60 ? 176 CIT A O5  1 
HETATM 1266 O  O6  . CIT D 3 .   ? -8.630  -3.884  -9.940  1.00 49.73 ? 176 CIT A O6  1 
HETATM 1267 O  O1  . PG4 E 4 .   ? 15.412  -1.821  7.241   0.50 40.86 ? 177 PG4 A O1  1 
HETATM 1268 C  C1  . PG4 E 4 .   ? 16.365  -1.034  6.522   0.50 41.90 ? 177 PG4 A C1  1 
HETATM 1269 C  C2  . PG4 E 4 .   ? 17.573  -0.796  7.384   0.50 43.62 ? 177 PG4 A C2  1 
HETATM 1270 O  O2  . PG4 E 4 .   ? 17.782  0.607   7.562   0.50 46.50 ? 177 PG4 A O2  1 
HETATM 1271 C  C3  . PG4 E 4 .   ? 16.559  1.294   7.847   0.50 48.28 ? 177 PG4 A C3  1 
HETATM 1272 C  C4  . PG4 E 4 .   ? 16.611  2.066   9.167   0.50 47.29 ? 177 PG4 A C4  1 
HETATM 1273 O  O3  . PG4 E 4 .   ? 16.111  1.277   10.243  0.50 47.42 ? 177 PG4 A O3  1 
HETATM 1274 C  C1  . GOL F 5 .   ? 6.013   16.905  -10.947 0.50 35.85 ? 178 GOL A C1  1 
HETATM 1275 O  O1  . GOL F 5 .   ? 6.013   16.013  -9.869  0.50 27.81 ? 178 GOL A O1  1 
HETATM 1276 C  C2  . GOL F 5 .   ? 5.826   18.300  -10.374 0.50 37.22 ? 178 GOL A C2  1 
HETATM 1277 O  O2  . GOL F 5 .   ? 7.117   18.849  -10.229 0.50 39.77 ? 178 GOL A O2  1 
HETATM 1278 C  C3  . GOL F 5 .   ? 4.929   19.165  -11.271 0.50 37.79 ? 178 GOL A C3  1 
HETATM 1279 O  O3  . GOL F 5 .   ? 4.306   20.175  -10.512 0.50 35.93 ? 178 GOL A O3  1 
HETATM 1280 C  C1  . GOL G 5 .   ? -7.466  3.628   -9.597  0.50 20.07 ? 179 GOL A C1  1 
HETATM 1281 O  O1  . GOL G 5 .   ? -8.351  2.545   -9.779  0.50 26.60 ? 179 GOL A O1  1 
HETATM 1282 C  C2  . GOL G 5 .   ? -7.843  4.715   -10.590 0.50 22.37 ? 179 GOL A C2  1 
HETATM 1283 O  O2  . GOL G 5 .   ? -9.241  4.878   -10.689 0.50 18.41 ? 179 GOL A O2  1 
HETATM 1284 C  C3  . GOL G 5 .   ? -7.266  6.031   -10.147 0.50 16.52 ? 179 GOL A C3  1 
HETATM 1285 O  O3  . GOL G 5 .   ? -7.514  6.884   -11.218 0.50 23.21 ? 179 GOL A O3  1 
HETATM 1286 O  O   . HOH H 6 .   ? 10.515  -2.850  -10.271 1.00 15.81 ? 180 HOH A O   1 
HETATM 1287 O  O   . HOH H 6 .   ? 1.441   -17.171 2.569   1.00 20.15 ? 181 HOH A O   1 
HETATM 1288 O  O   . HOH H 6 .   ? -2.735  2.741   -8.524  1.00 25.37 ? 182 HOH A O   1 
HETATM 1289 O  O   . HOH H 6 .   ? 3.605   -0.222  -8.143  1.00 14.90 ? 183 HOH A O   1 
HETATM 1290 O  O   . HOH H 6 .   ? -3.296  -16.314 5.111   1.00 20.92 ? 184 HOH A O   1 
HETATM 1291 O  O   . HOH H 6 .   ? 3.046   -2.846  -9.085  1.00 14.83 ? 185 HOH A O   1 
HETATM 1292 O  O   . HOH H 6 .   ? -7.851  11.158  -8.990  1.00 19.09 ? 186 HOH A O   1 
HETATM 1293 O  O   . HOH H 6 .   ? -6.113  5.262   10.032  1.00 16.58 ? 187 HOH A O   1 
HETATM 1294 O  O   . HOH H 6 .   ? -0.749  5.309   6.789   1.00 16.42 ? 188 HOH A O   1 
HETATM 1295 O  O   . HOH H 6 .   ? -8.845  -2.797  12.842  1.00 23.89 ? 189 HOH A O   1 
HETATM 1296 O  O   . HOH H 6 .   ? -10.629 -0.564  9.337   1.00 16.63 ? 190 HOH A O   1 
HETATM 1297 O  O   . HOH H 6 .   ? -5.635  -15.267 -1.691  1.00 19.78 ? 191 HOH A O   1 
HETATM 1298 O  O   . HOH H 6 .   ? 9.728   5.871   0.511   1.00 31.58 ? 192 HOH A O   1 
HETATM 1299 O  O   . HOH H 6 .   ? 3.516   -3.317  9.639   1.00 27.75 ? 193 HOH A O   1 
HETATM 1300 O  O   . HOH H 6 .   ? -3.714  -15.409 -4.169  1.00 19.38 ? 194 HOH A O   1 
HETATM 1301 O  O   . HOH H 6 .   ? 1.668   5.879   13.696  1.00 23.10 ? 195 HOH A O   1 
HETATM 1302 O  O   . HOH H 6 .   ? -5.325  16.276  17.863  1.00 19.34 ? 196 HOH A O   1 
HETATM 1303 O  O   . HOH H 6 .   ? -13.746 4.946   4.153   1.00 24.79 ? 197 HOH A O   1 
HETATM 1304 O  O   A HOH H 6 .   ? -0.481  -7.621  5.976   0.50 14.98 ? 198 HOH A O   1 
HETATM 1305 O  O   B HOH H 6 .   ? -0.862  -9.360  6.306   0.50 26.15 ? 198 HOH A O   1 
HETATM 1306 O  O   . HOH H 6 .   ? -13.836 -9.033  -0.218  1.00 21.68 ? 199 HOH A O   1 
HETATM 1307 O  O   . HOH H 6 .   ? 7.818   5.284   2.282   1.00 21.08 ? 200 HOH A O   1 
HETATM 1308 O  O   . HOH H 6 .   ? -5.210  23.647  17.583  1.00 27.04 ? 201 HOH A O   1 
HETATM 1309 O  O   . HOH H 6 .   ? 9.049   16.571  -10.592 1.00 40.01 ? 202 HOH A O   1 
HETATM 1310 O  O   . HOH H 6 .   ? -18.113 -5.111  4.929   1.00 25.44 ? 203 HOH A O   1 
HETATM 1311 O  O   . HOH H 6 .   ? -10.165 -0.493  12.023  1.00 24.51 ? 204 HOH A O   1 
HETATM 1312 O  O   . HOH H 6 .   ? -5.493  -3.996  -4.961  1.00 23.81 ? 205 HOH A O   1 
HETATM 1313 O  O   . HOH H 6 .   ? 6.753   -8.719  5.987   1.00 25.82 ? 206 HOH A O   1 
HETATM 1314 O  O   . HOH H 6 .   ? 7.606   4.394   -10.858 1.00 21.26 ? 207 HOH A O   1 
HETATM 1315 O  O   . HOH H 6 .   ? -2.609  2.437   -14.990 1.00 24.37 ? 208 HOH A O   1 
HETATM 1316 O  O   . HOH H 6 .   ? -7.694  -19.154 -0.402  1.00 31.17 ? 209 HOH A O   1 
HETATM 1317 O  O   . HOH H 6 .   ? -2.307  1.360   15.337  1.00 36.44 ? 210 HOH A O   1 
HETATM 1318 O  O   . HOH H 6 .   ? -13.295 3.739   10.059  1.00 29.41 ? 211 HOH A O   1 
HETATM 1319 O  O   . HOH H 6 .   ? 4.235   7.284   -6.456  1.00 22.30 ? 212 HOH A O   1 
HETATM 1320 O  O   . HOH H 6 .   ? 13.688  -10.587 1.638   1.00 32.47 ? 213 HOH A O   1 
HETATM 1321 O  O   . HOH H 6 .   ? -10.431 -8.328  -4.597  1.00 29.03 ? 214 HOH A O   1 
HETATM 1322 O  O   . HOH H 6 .   ? 12.621  -9.232  -13.136 1.00 26.99 ? 215 HOH A O   1 
HETATM 1323 O  O   . HOH H 6 .   ? 7.329   -17.691 -4.459  1.00 24.58 ? 216 HOH A O   1 
HETATM 1324 O  O   . HOH H 6 .   ? 9.680   -11.061 -14.103 1.00 27.79 ? 217 HOH A O   1 
HETATM 1325 O  O   . HOH H 6 .   ? -11.019 -11.547 -7.222  1.00 35.37 ? 218 HOH A O   1 
HETATM 1326 O  O   . HOH H 6 .   ? 6.244   11.591  3.302   1.00 27.14 ? 219 HOH A O   1 
HETATM 1327 O  O   . HOH H 6 .   ? -7.862  -16.641 -0.662  1.00 20.52 ? 220 HOH A O   1 
HETATM 1328 O  O   . HOH H 6 .   ? 7.709   -8.895  -13.337 1.00 44.45 ? 221 HOH A O   1 
HETATM 1329 O  O   . HOH H 6 .   ? 0.649   -14.767 7.062   1.00 29.16 ? 222 HOH A O   1 
HETATM 1330 O  O   . HOH H 6 .   ? 3.723   12.125  14.690  1.00 27.55 ? 223 HOH A O   1 
HETATM 1331 O  O   . HOH H 6 .   ? 7.348   9.553   4.861   1.00 27.97 ? 224 HOH A O   1 
HETATM 1332 O  O   . HOH H 6 .   ? -8.871  5.928   11.893  1.00 35.81 ? 225 HOH A O   1 
HETATM 1333 O  O   . HOH H 6 .   ? 1.641   12.513  16.692  1.00 29.69 ? 226 HOH A O   1 
HETATM 1334 O  O   . HOH H 6 .   ? 14.534  -14.906 -3.959  1.00 41.16 ? 227 HOH A O   1 
HETATM 1335 O  O   . HOH H 6 .   ? -6.441  -20.438 3.560   1.00 35.88 ? 228 HOH A O   1 
HETATM 1336 O  O   . HOH H 6 .   ? -3.243  6.635   -10.355 1.00 30.85 ? 229 HOH A O   1 
HETATM 1337 O  O   . HOH H 6 .   ? -3.715  -20.854 4.067   1.00 41.64 ? 230 HOH A O   1 
HETATM 1338 O  O   . HOH H 6 .   ? -4.843  9.807   15.722  1.00 33.06 ? 231 HOH A O   1 
HETATM 1339 O  O   . HOH H 6 .   ? -6.061  -8.548  12.147  1.00 34.67 ? 232 HOH A O   1 
HETATM 1340 O  O   . HOH H 6 .   ? 2.323   8.703   13.096  1.00 25.08 ? 233 HOH A O   1 
HETATM 1341 O  O   . HOH H 6 .   ? 3.666   -0.397  15.275  1.00 42.96 ? 234 HOH A O   1 
HETATM 1342 O  O   . HOH H 6 .   ? -5.317  -7.855  -15.930 1.00 36.17 ? 235 HOH A O   1 
HETATM 1343 O  O   . HOH H 6 .   ? 4.231   19.867  6.101   1.00 37.60 ? 236 HOH A O   1 
HETATM 1344 O  O   . HOH H 6 .   ? 12.662  -1.990  -6.767  1.00 27.52 ? 237 HOH A O   1 
HETATM 1345 O  O   . HOH H 6 .   ? -0.571  4.394   -15.782 1.00 28.72 ? 238 HOH A O   1 
HETATM 1346 O  O   . HOH H 6 .   ? -8.565  6.743   14.315  1.00 41.44 ? 239 HOH A O   1 
HETATM 1347 O  O   . HOH H 6 .   ? -10.528 -12.665 10.064  1.00 41.26 ? 240 HOH A O   1 
HETATM 1348 O  O   . HOH H 6 .   ? -9.286  -8.870  -8.767  1.00 29.37 ? 241 HOH A O   1 
HETATM 1349 O  O   . HOH H 6 .   ? -12.546 -1.352  13.766  1.00 40.57 ? 242 HOH A O   1 
HETATM 1350 O  O   . HOH H 6 .   ? 11.821  1.707   -8.909  1.00 38.07 ? 243 HOH A O   1 
HETATM 1351 O  O   . HOH H 6 .   ? -10.242 -15.366 -1.294  1.00 33.99 ? 244 HOH A O   1 
HETATM 1352 O  O   . HOH H 6 .   ? 3.716   10.608  -6.357  1.00 36.78 ? 245 HOH A O   1 
HETATM 1353 O  O   . HOH H 6 .   ? -19.073 -5.140  2.725   1.00 36.46 ? 246 HOH A O   1 
HETATM 1354 O  O   . HOH H 6 .   ? -8.525  -16.162 10.138  1.00 69.02 ? 247 HOH A O   1 
HETATM 1355 O  O   . HOH H 6 .   ? 10.021  17.813  3.606   1.00 49.55 ? 248 HOH A O   1 
HETATM 1356 O  O   . HOH H 6 .   ? 3.534   -0.730  9.455   1.00 39.00 ? 249 HOH A O   1 
HETATM 1357 O  O   . HOH H 6 .   ? -6.419  -3.602  -14.457 1.00 51.59 ? 250 HOH A O   1 
HETATM 1358 O  O   . HOH H 6 .   ? -10.852 9.063   14.122  1.00 34.75 ? 251 HOH A O   1 
HETATM 1359 O  O   . HOH H 6 .   ? 0.424   -6.839  8.625   1.00 31.02 ? 252 HOH A O   1 
HETATM 1360 O  O   . HOH H 6 .   ? 5.422   -13.041 4.860   1.00 38.18 ? 253 HOH A O   1 
HETATM 1361 O  O   . HOH H 6 .   ? -7.206  -0.648  -15.321 1.00 52.85 ? 254 HOH A O   1 
HETATM 1362 O  O   . HOH H 6 .   ? -3.650  23.724  15.602  1.00 29.21 ? 255 HOH A O   1 
HETATM 1363 O  O   . HOH H 6 .   ? 8.894   3.572   9.275   1.00 46.85 ? 256 HOH A O   1 
HETATM 1364 O  O   . HOH H 6 .   ? 0.986   5.000   -18.008 1.00 43.54 ? 257 HOH A O   1 
HETATM 1365 O  O   . HOH H 6 .   ? -12.584 7.730   12.388  1.00 36.78 ? 258 HOH A O   1 
HETATM 1366 O  O   . HOH H 6 .   ? 4.856   -5.058  -17.504 1.00 42.71 ? 259 HOH A O   1 
HETATM 1367 O  O   . HOH H 6 .   ? 10.796  7.110   8.121   1.00 42.14 ? 260 HOH A O   1 
HETATM 1368 O  O   . HOH H 6 .   ? 8.538   7.092   -8.397  1.00 45.70 ? 261 HOH A O   1 
HETATM 1369 O  O   . HOH H 6 .   ? -8.222  -17.909 -9.185  1.00 38.45 ? 262 HOH A O   1 
HETATM 1370 O  O   A HOH H 6 .   ? 8.930   7.128   -4.146  0.50 29.29 ? 263 HOH A O   1 
HETATM 1371 O  O   B HOH H 6 .   ? 9.553   7.202   -2.104  0.50 18.58 ? 263 HOH A O   1 
HETATM 1372 O  O   . HOH H 6 .   ? 12.690  -3.146  0.903   1.00 37.20 ? 264 HOH A O   1 
HETATM 1373 O  O   . HOH H 6 .   ? -12.601 -11.317 4.827   1.00 46.55 ? 265 HOH A O   1 
HETATM 1374 O  O   A HOH H 6 .   ? 13.593  6.877   0.793   0.50 24.73 ? 266 HOH A O   1 
HETATM 1375 O  O   B HOH H 6 .   ? 12.769  8.104   -0.441  0.50 22.10 ? 266 HOH A O   1 
HETATM 1376 O  O   . HOH H 6 .   ? 6.255   -12.545 -12.924 1.00 56.71 ? 267 HOH A O   1 
HETATM 1377 O  O   . HOH H 6 .   ? 5.737   -4.406  8.463   1.00 62.58 ? 268 HOH A O   1 
HETATM 1378 O  O   . HOH H 6 .   ? -3.459  -18.855 5.918   1.00 36.15 ? 269 HOH A O   1 
HETATM 1379 O  O   . HOH H 6 .   ? -4.359  0.311   -16.169 1.00 36.48 ? 270 HOH A O   1 
HETATM 1380 O  O   . HOH H 6 .   ? 14.504  -2.407  -0.580  1.00 37.56 ? 271 HOH A O   1 
HETATM 1381 O  O   . HOH H 6 .   ? 11.014  -2.964  -12.938 1.00 35.33 ? 272 HOH A O   1 
HETATM 1382 O  O   . HOH H 6 .   ? -6.647  25.707  17.729  1.00 34.53 ? 273 HOH A O   1 
HETATM 1383 O  O   . HOH H 6 .   ? 2.763   -3.108  12.576  1.00 41.08 ? 274 HOH A O   1 
HETATM 1384 O  O   . HOH H 6 .   ? 16.486  -4.075  -0.338  1.00 53.52 ? 275 HOH A O   1 
HETATM 1385 O  O   . HOH H 6 .   ? 5.736   14.120  15.880  1.00 50.33 ? 276 HOH A O   1 
HETATM 1386 O  O   . HOH H 6 .   ? 8.547   -14.383 1.754   1.00 25.20 ? 277 HOH A O   1 
HETATM 1387 O  O   . HOH H 6 .   ? 9.479   -12.537 3.089   1.00 38.93 ? 278 HOH A O   1 
HETATM 1388 O  O   . HOH H 6 .   ? 9.221   -14.697 -9.038  1.00 55.32 ? 279 HOH A O   1 
HETATM 1389 O  O   . HOH H 6 .   ? 2.648   -16.011 4.638   1.00 51.41 ? 280 HOH A O   1 
HETATM 1390 O  O   . HOH H 6 .   ? -11.649 4.965   11.534  1.00 45.56 ? 281 HOH A O   1 
HETATM 1391 O  O   . HOH H 6 .   ? 3.630   11.994  -13.885 1.00 46.45 ? 282 HOH A O   1 
HETATM 1392 O  O   . HOH H 6 .   ? 6.900   7.844   -6.425  1.00 25.42 ? 283 HOH A O   1 
HETATM 1393 O  O   . HOH H 6 .   ? -1.727  -20.132 2.591   1.00 21.70 ? 284 HOH A O   1 
HETATM 1394 O  O   . HOH H 6 .   ? 0.603   3.927   -20.171 1.00 27.87 ? 285 HOH A O   1 
HETATM 1395 O  O   . HOH H 6 .   ? -13.306 8.931   10.426  1.00 29.98 ? 286 HOH A O   1 
HETATM 1396 O  O   A HOH H 6 .   ? -10.151 -10.126 -10.785 0.50 18.25 ? 287 HOH A O   1 
HETATM 1397 O  O   B HOH H 6 .   ? -9.126  -10.496 -12.116 0.50 24.76 ? 287 HOH A O   1 
HETATM 1398 O  O   . HOH H 6 .   ? -7.855  -20.709 -8.752  1.00 35.99 ? 288 HOH A O   1 
HETATM 1399 O  O   . HOH H 6 .   ? -3.966  22.755  12.760  1.00 39.08 ? 289 HOH A O   1 
HETATM 1400 O  O   . HOH H 6 .   ? -3.026  25.202  11.651  1.00 41.40 ? 290 HOH A O   1 
HETATM 1401 O  O   . HOH H 6 .   ? -3.746  4.112   -10.733 1.00 23.35 ? 291 HOH A O   1 
HETATM 1402 O  O   . HOH H 6 .   ? -9.690  18.043  19.655  1.00 23.48 ? 292 HOH A O   1 
HETATM 1403 O  O   . HOH H 6 .   ? -8.331  16.017  18.989  1.00 30.92 ? 293 HOH A O   1 
HETATM 1404 O  O   . HOH H 6 .   ? -1.196  -17.350 3.100   1.00 18.53 ? 294 HOH A O   1 
HETATM 1405 O  O   . HOH H 6 .   ? 12.273  -1.180  -9.226  1.00 23.65 ? 295 HOH A O   1 
HETATM 1406 O  O   . HOH H 6 .   ? 6.444   10.397  -6.087  1.00 28.47 ? 296 HOH A O   1 
HETATM 1407 O  O   . HOH H 6 .   ? -2.204  -14.969 6.974   1.00 23.50 ? 297 HOH A O   1 
HETATM 1408 O  O   . HOH H 6 .   ? 3.646   15.616  15.643  1.00 46.90 ? 298 HOH A O   1 
HETATM 1409 O  O   . HOH H 6 .   ? -19.263 2.199   0.454   1.00 34.02 ? 299 HOH A O   1 
HETATM 1410 O  O   . HOH H 6 .   ? -20.805 3.707   -1.633  1.00 42.77 ? 300 HOH A O   1 
HETATM 1411 O  O   . HOH H 6 .   ? 4.820   14.524  -13.338 1.00 41.78 ? 301 HOH A O   1 
HETATM 1412 O  O   . HOH H 6 .   ? -12.551 -11.680 8.394   1.00 38.97 ? 302 HOH A O   1 
HETATM 1413 O  O   . HOH H 6 .   ? 3.840   16.508  -12.411 1.00 50.95 ? 303 HOH A O   1 
HETATM 1414 O  O   . HOH H 6 .   ? -4.273  -4.903  12.284  1.00 44.55 ? 304 HOH A O   1 
HETATM 1415 O  O   . HOH H 6 .   ? 18.183  0.658   5.032   1.00 37.61 ? 305 HOH A O   1 
HETATM 1416 O  O   . HOH H 6 .   ? -5.249  -2.079  -17.941 1.00 52.24 ? 306 HOH A O   1 
HETATM 1417 O  O   . HOH H 6 .   ? -5.797  0.197   -11.713 1.00 48.33 ? 307 HOH A O   1 
# 
